data_7SMP
#
_entry.id   7SMP
#
_cell.length_a   1.00
_cell.length_b   1.00
_cell.length_c   1.00
_cell.angle_alpha   90.00
_cell.angle_beta   90.00
_cell.angle_gamma   90.00
#
_symmetry.space_group_name_H-M   'P 1'
#
loop_
_entity.id
_entity.type
_entity.pdbx_description
1 polymer 'Solute carrier family 12 member 2'
2 non-polymer '3-(butylamino)-4-phenoxy-5-sulfamoylbenzoic acid'
3 non-polymer 'POTASSIUM ION'
#
_entity_poly.entity_id   1
_entity_poly.type   'polypeptide(L)'
_entity_poly.pdbx_seq_one_letter_code
;AVKFGWIKGVLVRCMLNIWGVMLFIRLSWIVGQAGIGLSVLVIMMATVVTTITGLSTSAIATNGFVRGGGAYYLISRSLG
PEFGGAIGLIFAFANAVAVAMYVVGFAETVVELLKEHSILMIDEINDIRIIGAITVVILLGISVAGMEWEAKAQIVLLVI
LLLAIGDFVIGTFIPLESKKPKGFFGYKSEIFNENFGPDFREEETFFSVFAIFFPAATGILAGANISGDLADPQSAIPKG
TLLAILITTLVYVGIAVSVGSCVVRDATGNVNDTIVTELTNCTSAACKLNFDFSSCESSPCSYGLMNNFQVMSMVSGFTP
LISAGIFSATLSSALASLVSAPKIFQALCKDNIYPAFQMFAKGYGKNNEPLRGYILTFLIALGFILIAELNVIAPIISNF
FLASYALINFSVFHASLAKSPGWRPAFKYYNMWISLLGAILCCIVMFVINWWAALLTYVIVLGLYIYVTYKKPDVNWGSS
TQALTYLNALQHSIRLSGVEDHVKNFRPQCLVMTGAPNSRPALLHLVHDFTKNVGLMICGHVHMGPRRQAMKEMSIDQAK
YQRWLIKNKMKAFYAPVHADDLREGAQYLMQAAGLGRMKPNTLVLGFKKDWLQADMRDVDMYINLFHDAFDIQYGVVVIR
LKEGLDISHLQGQEELLSSQEKSPGTKDVVVSVEYSKKSDLDTSKPLSEKPITHKVEEEDGKTATQPLLKKESKGPIVPL
NVADQKLLEASTQFQKKQGKNTIDVWWLFDDGGLTLLIPYLLTTKKKWKDCKIRVFIGGKINRIDHDRRAMATLLSKFRI
DFSDIMVLGDINTKPKKENIIAFEEIIEPYRLHEDDKEQDIADKMKEDEPWRITDNELELYKTKTYRQIRLNELLKEHSS
TANIIVMSLPVARKGAVSSALYMAWLEALSKDLPPILLVRGNHQSVLTFY
;
_entity_poly.pdbx_strand_id   B,A
#
loop_
_chem_comp.id
_chem_comp.type
_chem_comp.name
_chem_comp.formula
82U non-polymer '3-(butylamino)-4-phenoxy-5-sulfamoylbenzoic acid' 'C17 H20 N2 O5 S'
K non-polymer 'POTASSIUM ION' 'K 1'
#
# COMPACT_ATOMS: atom_id res chain seq x y z
N VAL A 2 -30.86 36.63 3.40
CA VAL A 2 -29.87 35.56 3.34
C VAL A 2 -29.61 35.19 1.88
N LYS A 3 -28.83 34.14 1.67
CA LYS A 3 -28.47 33.69 0.32
C LYS A 3 -27.81 34.82 -0.46
N PHE A 4 -26.64 35.22 0.03
CA PHE A 4 -25.89 36.28 -0.62
C PHE A 4 -25.42 35.85 -2.00
N GLY A 5 -25.26 36.82 -2.89
CA GLY A 5 -24.78 36.55 -4.22
C GLY A 5 -23.28 36.31 -4.23
N TRP A 6 -22.78 35.98 -5.42
CA TRP A 6 -21.36 35.67 -5.53
C TRP A 6 -20.49 36.91 -5.35
N ILE A 7 -20.97 38.08 -5.78
CA ILE A 7 -20.20 39.30 -5.54
C ILE A 7 -20.15 39.60 -4.04
N LYS A 8 -21.32 39.58 -3.39
CA LYS A 8 -21.39 39.97 -1.99
C LYS A 8 -20.96 38.83 -1.07
N GLY A 9 -21.48 37.63 -1.32
CA GLY A 9 -21.19 36.52 -0.41
C GLY A 9 -19.73 36.13 -0.41
N VAL A 10 -19.13 35.98 -1.59
CA VAL A 10 -17.80 35.40 -1.74
C VAL A 10 -16.75 36.46 -2.03
N LEU A 11 -16.91 37.20 -3.13
CA LEU A 11 -15.87 38.13 -3.55
C LEU A 11 -15.60 39.17 -2.48
N VAL A 12 -16.63 39.86 -2.01
CA VAL A 12 -16.43 40.89 -1.01
C VAL A 12 -15.88 40.30 0.28
N ARG A 13 -16.49 39.22 0.75
CA ARG A 13 -16.11 38.69 2.05
C ARG A 13 -14.65 38.27 2.07
N CYS A 14 -14.24 37.43 1.12
CA CYS A 14 -12.87 36.95 1.14
C CYS A 14 -11.90 38.06 0.77
N MET A 15 -12.23 38.87 -0.25
CA MET A 15 -11.35 39.97 -0.63
C MET A 15 -11.07 40.88 0.55
N LEU A 16 -12.07 41.12 1.39
CA LEU A 16 -11.85 41.90 2.59
C LEU A 16 -11.03 41.13 3.62
N ASN A 17 -11.28 39.82 3.74
CA ASN A 17 -10.55 39.05 4.74
C ASN A 17 -9.05 39.06 4.46
N ILE A 18 -8.63 38.95 3.20
CA ILE A 18 -7.20 38.92 2.90
C ILE A 18 -6.54 40.24 3.25
N TRP A 19 -7.16 41.35 2.88
CA TRP A 19 -6.59 42.66 3.18
C TRP A 19 -6.71 42.94 4.67
N GLY A 20 -5.58 43.10 5.34
CA GLY A 20 -5.58 43.31 6.78
C GLY A 20 -4.50 44.25 7.26
N VAL A 21 -3.80 43.83 8.32
CA VAL A 21 -2.79 44.68 8.94
C VAL A 21 -1.59 44.87 8.01
N MET A 22 -1.23 43.83 7.26
CA MET A 22 0.01 43.87 6.48
C MET A 22 -0.06 44.92 5.38
N LEU A 23 -1.23 45.10 4.78
CA LEU A 23 -1.34 45.91 3.57
C LEU A 23 -0.81 47.33 3.79
N PHE A 24 -1.33 48.01 4.82
CA PHE A 24 -1.07 49.43 4.99
C PHE A 24 0.00 49.74 6.02
N ILE A 25 0.59 48.72 6.65
CA ILE A 25 1.56 48.97 7.72
C ILE A 25 2.90 48.34 7.37
N ARG A 26 2.93 47.02 7.28
CA ARG A 26 4.19 46.32 7.15
C ARG A 26 4.56 45.97 5.71
N LEU A 27 3.70 46.28 4.74
CA LEU A 27 4.08 46.05 3.35
C LEU A 27 5.29 46.89 2.99
N SER A 28 5.28 48.16 3.38
CA SER A 28 6.44 49.02 3.15
C SER A 28 7.66 48.50 3.88
N TRP A 29 7.46 48.02 5.12
CA TRP A 29 8.59 47.52 5.89
C TRP A 29 9.24 46.32 5.21
N ILE A 30 8.42 45.39 4.69
CA ILE A 30 9.00 44.23 4.02
C ILE A 30 9.63 44.64 2.70
N VAL A 31 9.08 45.65 2.02
CA VAL A 31 9.74 46.16 0.82
C VAL A 31 11.10 46.73 1.18
N GLY A 32 11.20 47.39 2.33
CA GLY A 32 12.50 47.89 2.77
C GLY A 32 13.47 46.78 3.12
N GLN A 33 13.00 45.77 3.85
CA GLN A 33 13.88 44.69 4.29
C GLN A 33 14.41 43.89 3.11
N ALA A 34 13.50 43.46 2.22
CA ALA A 34 13.86 42.75 1.01
C ALA A 34 13.51 43.64 -0.18
N GLY A 35 14.43 43.73 -1.13
CA GLY A 35 14.25 44.63 -2.25
C GLY A 35 12.95 44.40 -2.99
N ILE A 36 12.68 45.30 -3.93
CA ILE A 36 11.43 45.22 -4.69
C ILE A 36 11.30 43.87 -5.37
N GLY A 37 12.37 43.40 -6.00
CA GLY A 37 12.31 42.11 -6.68
C GLY A 37 12.02 40.97 -5.72
N LEU A 38 12.73 40.92 -4.60
CA LEU A 38 12.53 39.82 -3.66
C LEU A 38 11.20 39.95 -2.94
N SER A 39 10.75 41.19 -2.68
CA SER A 39 9.44 41.37 -2.07
C SER A 39 8.34 40.87 -3.01
N VAL A 40 8.45 41.18 -4.30
CA VAL A 40 7.48 40.67 -5.26
C VAL A 40 7.57 39.16 -5.36
N LEU A 41 8.78 38.61 -5.24
CA LEU A 41 8.93 37.15 -5.23
C LEU A 41 8.20 36.53 -4.04
N VAL A 42 8.30 37.17 -2.87
CA VAL A 42 7.58 36.68 -1.69
C VAL A 42 6.07 36.76 -1.93
N ILE A 43 5.61 37.89 -2.46
CA ILE A 43 4.19 38.05 -2.73
C ILE A 43 3.72 36.98 -3.71
N MET A 44 4.54 36.66 -4.70
CA MET A 44 4.14 35.66 -5.68
C MET A 44 4.19 34.25 -5.10
N MET A 45 5.11 33.97 -4.18
CA MET A 45 5.09 32.67 -3.51
C MET A 45 3.78 32.49 -2.73
N ALA A 46 3.42 33.50 -1.93
CA ALA A 46 2.15 33.45 -1.23
C ALA A 46 1.00 33.33 -2.24
N THR A 47 1.11 34.03 -3.37
CA THR A 47 0.05 34.00 -4.37
C THR A 47 -0.11 32.61 -4.97
N VAL A 48 1.00 31.91 -5.25
CA VAL A 48 0.87 30.60 -5.85
C VAL A 48 0.29 29.60 -4.86
N VAL A 49 0.73 29.65 -3.60
CA VAL A 49 0.15 28.72 -2.63
C VAL A 49 -1.34 29.00 -2.47
N THR A 50 -1.70 30.27 -2.32
CA THR A 50 -3.10 30.64 -2.17
C THR A 50 -3.91 30.30 -3.41
N THR A 51 -3.30 30.42 -4.60
CA THR A 51 -4.02 30.15 -5.83
C THR A 51 -4.28 28.66 -5.99
N ILE A 52 -3.30 27.82 -5.67
CA ILE A 52 -3.54 26.38 -5.74
C ILE A 52 -4.61 25.99 -4.72
N THR A 53 -4.57 26.58 -3.53
CA THR A 53 -5.63 26.30 -2.56
C THR A 53 -6.99 26.76 -3.08
N GLY A 54 -7.04 27.92 -3.73
CA GLY A 54 -8.30 28.39 -4.27
C GLY A 54 -8.83 27.48 -5.35
N LEU A 55 -7.94 27.00 -6.23
CA LEU A 55 -8.37 26.07 -7.27
C LEU A 55 -8.88 24.77 -6.65
N SER A 56 -8.22 24.28 -5.62
CA SER A 56 -8.65 23.03 -5.00
C SER A 56 -10.00 23.18 -4.31
N THR A 57 -10.18 24.27 -3.54
CA THR A 57 -11.46 24.47 -2.88
C THR A 57 -12.57 24.76 -3.89
N SER A 58 -12.23 25.38 -5.03
CA SER A 58 -13.22 25.56 -6.09
C SER A 58 -13.60 24.22 -6.71
N ALA A 59 -12.63 23.33 -6.88
CA ALA A 59 -12.93 22.01 -7.41
C ALA A 59 -13.84 21.24 -6.46
N ILE A 60 -13.56 21.33 -5.15
CA ILE A 60 -14.40 20.61 -4.20
C ILE A 60 -15.79 21.23 -4.12
N ALA A 61 -15.87 22.57 -4.15
CA ALA A 61 -17.14 23.25 -3.92
C ALA A 61 -18.13 22.99 -5.03
N THR A 62 -17.66 22.85 -6.27
CA THR A 62 -18.56 22.70 -7.41
C THR A 62 -19.09 21.29 -7.56
N ASN A 63 -18.63 20.33 -6.75
CA ASN A 63 -19.09 18.95 -6.84
C ASN A 63 -20.32 18.77 -5.95
N GLY A 64 -21.47 19.19 -6.45
CA GLY A 64 -22.73 18.99 -5.75
C GLY A 64 -23.00 20.04 -4.70
N PHE A 65 -24.19 19.96 -4.12
CA PHE A 65 -24.62 20.93 -3.14
C PHE A 65 -23.77 20.81 -1.87
N VAL A 66 -23.68 21.91 -1.14
CA VAL A 66 -23.00 21.96 0.15
C VAL A 66 -23.98 22.51 1.19
N ARG A 67 -24.20 21.76 2.26
CA ARG A 67 -25.20 22.14 3.24
C ARG A 67 -24.77 23.38 4.01
N GLY A 68 -23.54 23.38 4.52
CA GLY A 68 -23.09 24.47 5.35
C GLY A 68 -21.90 24.04 6.19
N GLY A 69 -21.25 25.03 6.78
CA GLY A 69 -19.99 24.82 7.45
C GLY A 69 -18.77 25.11 6.60
N GLY A 70 -18.96 25.30 5.30
CA GLY A 70 -17.87 25.69 4.44
C GLY A 70 -16.73 24.69 4.40
N ALA A 71 -15.51 25.15 4.66
CA ALA A 71 -14.34 24.31 4.45
C ALA A 71 -14.48 22.98 5.16
N TYR A 72 -15.07 22.97 6.35
CA TYR A 72 -15.29 21.69 7.03
C TYR A 72 -16.19 20.79 6.21
N TYR A 73 -17.32 21.31 5.73
CA TYR A 73 -18.21 20.48 4.93
C TYR A 73 -17.50 19.95 3.69
N LEU A 74 -16.82 20.85 2.97
CA LEU A 74 -16.14 20.45 1.74
C LEU A 74 -15.15 19.33 2.01
N ILE A 75 -14.26 19.52 2.98
CA ILE A 75 -13.22 18.53 3.24
C ILE A 75 -13.80 17.26 3.84
N SER A 76 -14.75 17.38 4.76
CA SER A 76 -15.32 16.21 5.42
C SER A 76 -16.14 15.35 4.48
N ARG A 77 -16.67 15.93 3.40
CA ARG A 77 -17.38 15.15 2.40
C ARG A 77 -16.48 14.61 1.31
N SER A 78 -15.47 15.39 0.88
CA SER A 78 -14.53 14.88 -0.10
C SER A 78 -13.57 13.89 0.53
N LEU A 79 -13.13 14.16 1.75
CA LEU A 79 -12.24 13.27 2.48
C LEU A 79 -12.99 12.70 3.69
N GLY A 80 -12.33 11.78 4.39
CA GLY A 80 -12.98 11.04 5.44
C GLY A 80 -13.49 11.93 6.56
N PRO A 81 -14.43 11.42 7.36
CA PRO A 81 -14.95 12.22 8.47
C PRO A 81 -13.93 12.49 9.57
N GLU A 82 -12.89 11.67 9.70
CA GLU A 82 -11.90 11.92 10.74
C GLU A 82 -10.98 13.08 10.35
N PHE A 83 -10.51 13.10 9.09
CA PHE A 83 -9.82 14.28 8.60
C PHE A 83 -10.74 15.49 8.66
N GLY A 84 -12.00 15.30 8.31
CA GLY A 84 -12.95 16.40 8.38
C GLY A 84 -13.06 16.98 9.78
N GLY A 85 -13.19 16.12 10.78
CA GLY A 85 -13.31 16.59 12.15
C GLY A 85 -12.04 17.26 12.64
N ALA A 86 -10.88 16.64 12.37
CA ALA A 86 -9.62 17.24 12.80
C ALA A 86 -9.44 18.63 12.20
N ILE A 87 -9.63 18.74 10.88
CA ILE A 87 -9.46 20.02 10.23
C ILE A 87 -10.53 21.00 10.69
N GLY A 88 -11.76 20.53 10.93
CA GLY A 88 -12.78 21.44 11.38
C GLY A 88 -12.44 22.07 12.71
N LEU A 89 -12.01 21.26 13.67
CA LEU A 89 -11.62 21.80 14.96
C LEU A 89 -10.42 22.72 14.84
N ILE A 90 -9.39 22.30 14.08
CA ILE A 90 -8.18 23.11 13.96
C ILE A 90 -8.49 24.44 13.31
N PHE A 91 -9.26 24.43 12.22
CA PHE A 91 -9.57 25.66 11.51
C PHE A 91 -10.48 26.57 12.32
N ALA A 92 -11.45 25.99 13.04
CA ALA A 92 -12.30 26.81 13.88
C ALA A 92 -11.49 27.52 14.95
N PHE A 93 -10.61 26.79 15.63
CA PHE A 93 -9.77 27.44 16.64
C PHE A 93 -8.84 28.45 16.00
N ALA A 94 -8.28 28.13 14.83
CA ALA A 94 -7.35 29.04 14.18
C ALA A 94 -8.03 30.35 13.83
N ASN A 95 -9.25 30.29 13.30
CA ASN A 95 -9.97 31.52 12.99
C ASN A 95 -10.36 32.26 14.27
N ALA A 96 -10.72 31.53 15.32
CA ALA A 96 -11.04 32.20 16.58
C ALA A 96 -9.84 32.97 17.10
N VAL A 97 -8.65 32.40 17.01
CA VAL A 97 -7.45 33.10 17.43
C VAL A 97 -7.13 34.25 16.47
N ALA A 98 -7.37 34.04 15.17
CA ALA A 98 -7.13 35.09 14.20
C ALA A 98 -8.00 36.30 14.47
N VAL A 99 -9.18 36.09 15.05
CA VAL A 99 -10.00 37.23 15.46
C VAL A 99 -9.24 38.09 16.47
N ALA A 100 -8.64 37.45 17.47
CA ALA A 100 -7.86 38.20 18.46
C ALA A 100 -6.65 38.85 17.81
N MET A 101 -6.00 38.15 16.88
CA MET A 101 -4.83 38.72 16.21
C MET A 101 -5.21 39.98 15.45
N TYR A 102 -6.29 39.94 14.68
CA TYR A 102 -6.74 41.12 13.95
C TYR A 102 -7.13 42.22 14.93
N VAL A 103 -7.82 41.88 16.01
CA VAL A 103 -8.29 42.92 16.91
C VAL A 103 -7.11 43.57 17.62
N VAL A 104 -6.09 42.80 17.97
CA VAL A 104 -4.93 43.40 18.63
C VAL A 104 -4.12 44.22 17.64
N GLY A 105 -4.09 43.84 16.37
CA GLY A 105 -3.53 44.73 15.36
C GLY A 105 -4.26 46.06 15.30
N PHE A 106 -5.60 46.00 15.30
CA PHE A 106 -6.38 47.22 15.38
C PHE A 106 -6.03 48.04 16.62
N ALA A 107 -5.93 47.35 17.76
CA ALA A 107 -5.69 48.04 19.02
C ALA A 107 -4.32 48.69 19.06
N GLU A 108 -3.30 48.03 18.52
CA GLU A 108 -1.98 48.65 18.50
C GLU A 108 -1.91 49.80 17.51
N THR A 109 -2.64 49.72 16.40
CA THR A 109 -2.75 50.88 15.52
C THR A 109 -3.40 52.05 16.26
N VAL A 110 -4.47 51.78 17.01
CA VAL A 110 -5.12 52.84 17.77
C VAL A 110 -4.19 53.40 18.82
N VAL A 111 -3.43 52.54 19.50
CA VAL A 111 -2.52 53.01 20.53
C VAL A 111 -1.43 53.88 19.93
N GLU A 112 -0.94 53.52 18.75
CA GLU A 112 0.05 54.37 18.09
C GLU A 112 -0.56 55.71 17.69
N LEU A 113 -1.78 55.70 17.16
CA LEU A 113 -2.43 56.96 16.80
C LEU A 113 -2.71 57.80 18.03
N LEU A 114 -2.88 57.19 19.19
CA LEU A 114 -3.13 57.91 20.43
C LEU A 114 -1.84 58.38 21.09
N LYS A 115 -0.73 57.67 20.88
CA LYS A 115 0.55 58.05 21.46
C LYS A 115 1.13 59.28 20.76
N GLU A 116 1.05 59.32 19.43
CA GLU A 116 1.49 60.51 18.72
C GLU A 116 0.66 61.73 19.11
N HIS A 117 -0.56 61.52 19.56
CA HIS A 117 -1.34 62.57 20.20
C HIS A 117 -0.94 62.64 21.68
N SER A 118 -1.41 63.68 22.36
CA SER A 118 -0.97 63.90 23.74
C SER A 118 -1.43 62.78 24.67
N ILE A 119 -2.65 62.31 24.50
CA ILE A 119 -3.30 61.52 25.54
C ILE A 119 -2.85 60.06 25.46
N LEU A 120 -2.82 59.41 26.62
CA LEU A 120 -2.63 57.98 26.74
C LEU A 120 -3.36 57.52 27.99
N MET A 121 -4.02 56.36 27.91
CA MET A 121 -4.97 55.98 28.95
C MET A 121 -4.27 55.40 30.18
N ILE A 122 -3.63 54.25 30.03
CA ILE A 122 -2.87 53.63 31.12
C ILE A 122 -1.44 53.35 30.67
N ASP A 123 -1.31 52.50 29.66
CA ASP A 123 -0.01 52.09 29.14
C ASP A 123 -0.25 51.44 27.79
N GLU A 124 0.83 51.28 27.02
CA GLU A 124 0.68 50.72 25.69
C GLU A 124 0.01 49.36 25.72
N ILE A 125 0.52 48.45 26.55
CA ILE A 125 -0.03 47.10 26.57
C ILE A 125 -1.41 47.09 27.23
N ASN A 126 -1.58 47.80 28.34
CA ASN A 126 -2.88 47.83 29.00
C ASN A 126 -3.92 48.52 28.12
N ASP A 127 -3.54 49.60 27.44
CA ASP A 127 -4.47 50.24 26.53
C ASP A 127 -4.80 49.32 25.35
N ILE A 128 -3.82 48.54 24.89
CA ILE A 128 -4.10 47.54 23.87
C ILE A 128 -5.16 46.57 24.39
N ARG A 129 -5.00 46.12 25.62
CA ARG A 129 -5.97 45.17 26.18
C ARG A 129 -7.36 45.78 26.23
N ILE A 130 -7.46 47.02 26.71
CA ILE A 130 -8.77 47.66 26.86
C ILE A 130 -9.43 47.85 25.51
N ILE A 131 -8.68 48.37 24.54
CA ILE A 131 -9.23 48.62 23.22
C ILE A 131 -9.66 47.31 22.58
N GLY A 132 -8.82 46.28 22.69
CA GLY A 132 -9.17 44.99 22.11
C GLY A 132 -10.43 44.41 22.71
N ALA A 133 -10.57 44.49 24.03
CA ALA A 133 -11.77 43.97 24.67
C ALA A 133 -13.01 44.71 24.20
N ILE A 134 -12.94 46.05 24.20
CA ILE A 134 -14.10 46.84 23.76
C ILE A 134 -14.46 46.48 22.33
N THR A 135 -13.46 46.37 21.47
CA THR A 135 -13.72 46.11 20.05
C THR A 135 -14.25 44.70 19.83
N VAL A 136 -13.78 43.71 20.58
CA VAL A 136 -14.32 42.37 20.41
C VAL A 136 -15.77 42.33 20.88
N VAL A 137 -16.10 43.09 21.93
CA VAL A 137 -17.50 43.19 22.35
C VAL A 137 -18.32 43.80 21.22
N ILE A 138 -17.82 44.87 20.60
CA ILE A 138 -18.56 45.50 19.50
C ILE A 138 -18.71 44.52 18.34
N LEU A 139 -17.66 43.74 18.05
CA LEU A 139 -17.73 42.78 16.96
C LEU A 139 -18.76 41.69 17.23
N LEU A 140 -18.79 41.20 18.47
CA LEU A 140 -19.82 40.23 18.82
C LEU A 140 -21.20 40.81 18.64
N GLY A 141 -21.39 42.06 19.06
CA GLY A 141 -22.68 42.71 18.87
C GLY A 141 -23.08 42.80 17.41
N ILE A 142 -22.16 43.26 16.56
CA ILE A 142 -22.50 43.42 15.15
C ILE A 142 -22.75 42.06 14.50
N SER A 143 -22.03 41.03 14.95
CA SER A 143 -22.22 39.70 14.38
C SER A 143 -23.58 39.13 14.76
N VAL A 144 -23.97 39.26 16.04
CA VAL A 144 -25.27 38.74 16.47
C VAL A 144 -26.43 39.63 16.06
N ALA A 145 -26.16 40.86 15.62
CA ALA A 145 -27.25 41.72 15.16
C ALA A 145 -27.93 41.15 13.93
N GLY A 146 -27.23 40.32 13.14
CA GLY A 146 -27.79 39.74 11.94
C GLY A 146 -26.79 39.68 10.82
N MET A 147 -26.84 38.63 10.01
CA MET A 147 -25.85 38.46 8.94
C MET A 147 -26.01 39.53 7.88
N GLU A 148 -27.22 40.04 7.66
CA GLU A 148 -27.40 41.12 6.70
C GLU A 148 -26.72 42.39 7.18
N TRP A 149 -26.81 42.70 8.47
CA TRP A 149 -26.09 43.85 9.00
C TRP A 149 -24.60 43.64 8.90
N GLU A 150 -24.13 42.41 9.09
CA GLU A 150 -22.72 42.11 8.86
C GLU A 150 -22.33 42.37 7.42
N ALA A 151 -23.17 41.98 6.47
CA ALA A 151 -22.85 42.23 5.07
C ALA A 151 -22.79 43.72 4.77
N LYS A 152 -23.71 44.50 5.33
CA LYS A 152 -23.68 45.94 5.13
C LYS A 152 -22.41 46.54 5.71
N ALA A 153 -22.01 46.09 6.91
CA ALA A 153 -20.75 46.55 7.48
C ALA A 153 -19.58 46.17 6.58
N GLN A 154 -19.59 44.96 6.03
CA GLN A 154 -18.50 44.53 5.17
C GLN A 154 -18.40 45.41 3.94
N ILE A 155 -19.53 45.70 3.30
CA ILE A 155 -19.45 46.47 2.05
C ILE A 155 -19.04 47.91 2.33
N VAL A 156 -19.52 48.51 3.42
CA VAL A 156 -19.10 49.87 3.73
C VAL A 156 -17.61 49.90 4.05
N LEU A 157 -17.13 48.90 4.80
CA LEU A 157 -15.69 48.86 5.09
C LEU A 157 -14.89 48.62 3.81
N LEU A 158 -15.44 47.86 2.87
CA LEU A 158 -14.74 47.63 1.61
C LEU A 158 -14.60 48.93 0.82
N VAL A 159 -15.68 49.72 0.74
CA VAL A 159 -15.55 50.98 0.02
C VAL A 159 -14.59 51.91 0.75
N ILE A 160 -14.59 51.89 2.09
CA ILE A 160 -13.63 52.71 2.82
C ILE A 160 -12.20 52.29 2.48
N LEU A 161 -11.94 50.98 2.47
CA LEU A 161 -10.59 50.49 2.18
C LEU A 161 -10.17 50.84 0.77
N LEU A 162 -11.06 50.70 -0.21
CA LEU A 162 -10.71 51.04 -1.58
C LEU A 162 -10.46 52.53 -1.72
N LEU A 163 -11.25 53.36 -1.03
CA LEU A 163 -10.97 54.78 -1.04
C LEU A 163 -9.61 55.07 -0.42
N ALA A 164 -9.23 54.32 0.61
CA ALA A 164 -7.91 54.50 1.21
C ALA A 164 -6.80 54.17 0.23
N ILE A 165 -6.94 53.06 -0.50
CA ILE A 165 -5.93 52.69 -1.49
C ILE A 165 -5.85 53.75 -2.58
N GLY A 166 -7.01 54.24 -3.04
CA GLY A 166 -7.01 55.30 -4.04
C GLY A 166 -6.35 56.56 -3.53
N ASP A 167 -6.62 56.92 -2.28
CA ASP A 167 -5.95 58.08 -1.70
C ASP A 167 -4.44 57.88 -1.71
N PHE A 168 -3.99 56.68 -1.35
CA PHE A 168 -2.56 56.42 -1.34
C PHE A 168 -1.96 56.58 -2.73
N VAL A 169 -2.62 56.03 -3.76
CA VAL A 169 -2.01 56.09 -5.09
C VAL A 169 -2.01 57.52 -5.61
N ILE A 170 -3.08 58.27 -5.39
CA ILE A 170 -3.10 59.66 -5.86
C ILE A 170 -2.04 60.46 -5.12
N GLY A 171 -1.86 60.22 -3.82
CA GLY A 171 -0.79 60.89 -3.09
C GLY A 171 0.58 60.50 -3.60
N THR A 172 0.74 59.26 -4.07
CA THR A 172 2.01 58.85 -4.63
C THR A 172 2.29 59.57 -5.94
N PHE A 173 1.24 59.84 -6.73
CA PHE A 173 1.45 60.61 -7.96
C PHE A 173 2.03 61.99 -7.66
N ILE A 174 1.50 62.66 -6.64
CA ILE A 174 1.88 64.04 -6.34
C ILE A 174 2.99 64.03 -5.29
N PRO A 175 4.16 64.59 -5.56
CA PRO A 175 5.12 64.84 -4.48
C PRO A 175 4.72 66.06 -3.67
N LEU A 176 5.29 66.14 -2.48
CA LEU A 176 5.09 67.29 -1.61
C LEU A 176 6.44 67.71 -1.03
N GLU A 177 6.67 69.03 -0.98
CA GLU A 177 7.96 69.54 -0.56
C GLU A 177 8.25 69.18 0.90
N SER A 178 7.22 69.10 1.74
CA SER A 178 7.42 68.83 3.16
C SER A 178 7.69 67.37 3.47
N LYS A 179 7.45 66.46 2.53
CA LYS A 179 7.69 65.03 2.74
C LYS A 179 9.10 64.61 2.34
N LYS A 180 9.88 65.53 1.75
CA LYS A 180 11.24 65.16 1.32
C LYS A 180 12.10 64.67 2.47
N PRO A 181 12.18 65.37 3.61
CA PRO A 181 13.05 64.88 4.70
C PRO A 181 12.71 63.48 5.15
N LYS A 182 11.42 63.13 5.19
CA LYS A 182 11.02 61.83 5.70
C LYS A 182 11.35 60.70 4.75
N GLY A 183 11.53 60.99 3.47
CA GLY A 183 12.01 60.00 2.52
C GLY A 183 11.19 59.85 1.26
N PHE A 184 10.12 60.63 1.11
CA PHE A 184 9.22 60.45 -0.02
C PHE A 184 9.71 61.29 -1.21
N PHE A 185 9.93 60.62 -2.33
CA PHE A 185 10.21 61.25 -3.62
C PHE A 185 9.33 60.59 -4.66
N GLY A 186 8.82 61.38 -5.60
CA GLY A 186 7.79 60.88 -6.50
C GLY A 186 8.31 60.14 -7.71
N TYR A 187 8.33 58.81 -7.62
CA TYR A 187 8.73 57.93 -8.73
C TYR A 187 10.07 58.36 -9.32
N LYS A 188 11.11 58.20 -8.50
CA LYS A 188 12.47 58.44 -8.95
C LYS A 188 13.10 57.12 -9.37
N SER A 189 13.58 57.06 -10.61
CA SER A 189 14.18 55.83 -11.12
C SER A 189 15.38 55.43 -10.28
N GLU A 190 16.11 56.40 -9.75
CA GLU A 190 17.24 56.08 -8.88
C GLU A 190 16.78 55.37 -7.61
N ILE A 191 15.64 55.80 -7.05
CA ILE A 191 15.10 55.12 -5.89
C ILE A 191 14.77 53.67 -6.24
N PHE A 192 14.14 53.46 -7.39
CA PHE A 192 13.81 52.10 -7.83
C PHE A 192 15.09 51.27 -7.98
N ASN A 193 16.13 51.86 -8.56
CA ASN A 193 17.37 51.14 -8.77
C ASN A 193 18.00 50.74 -7.43
N GLU A 194 18.03 51.66 -6.47
CA GLU A 194 18.73 51.37 -5.22
C GLU A 194 17.90 50.53 -4.27
N ASN A 195 16.59 50.51 -4.42
CA ASN A 195 15.73 49.69 -3.58
C ASN A 195 15.48 48.30 -4.15
N PHE A 196 15.92 48.02 -5.37
CA PHE A 196 15.66 46.71 -5.95
C PHE A 196 16.39 45.60 -5.21
N GLY A 197 17.53 45.91 -4.60
CA GLY A 197 18.31 44.92 -3.90
C GLY A 197 17.86 44.78 -2.46
N PRO A 198 18.15 43.63 -1.84
CA PRO A 198 17.78 43.44 -0.45
C PRO A 198 18.85 43.95 0.51
N ASP A 199 18.41 44.30 1.72
CA ASP A 199 19.33 44.70 2.78
C ASP A 199 18.65 44.38 4.11
N PHE A 200 19.04 43.26 4.71
CA PHE A 200 18.47 42.82 5.98
C PHE A 200 19.46 43.18 7.08
N ARG A 201 19.37 44.43 7.56
CA ARG A 201 20.28 44.88 8.60
C ARG A 201 20.09 44.09 9.89
N GLU A 202 18.84 43.80 10.25
CA GLU A 202 18.56 43.07 11.47
C GLU A 202 18.75 41.57 11.24
N GLU A 203 18.35 40.76 12.22
CA GLU A 203 18.43 39.32 12.09
C GLU A 203 17.45 38.77 11.08
N GLU A 204 16.50 39.58 10.61
CA GLU A 204 15.49 39.09 9.68
C GLU A 204 16.15 38.58 8.41
N THR A 205 15.60 37.49 7.88
CA THR A 205 16.07 36.89 6.64
C THR A 205 14.89 36.75 5.68
N PHE A 206 15.19 36.30 4.45
CA PHE A 206 14.16 36.15 3.44
C PHE A 206 13.02 35.27 3.93
N PHE A 207 13.36 34.16 4.60
CA PHE A 207 12.33 33.30 5.18
C PHE A 207 11.54 34.04 6.25
N SER A 208 12.22 34.86 7.06
CA SER A 208 11.52 35.61 8.09
C SER A 208 10.54 36.59 7.47
N VAL A 209 10.95 37.30 6.42
CA VAL A 209 10.05 38.24 5.77
C VAL A 209 8.88 37.52 5.13
N PHE A 210 9.15 36.37 4.50
CA PHE A 210 8.05 35.60 3.91
C PHE A 210 7.06 35.13 4.96
N ALA A 211 7.57 34.65 6.09
CA ALA A 211 6.68 34.21 7.17
C ALA A 211 5.89 35.37 7.74
N ILE A 212 6.49 36.55 7.83
CA ILE A 212 5.78 37.72 8.31
C ILE A 212 4.68 38.11 7.32
N PHE A 213 4.97 38.00 6.02
CA PHE A 213 4.01 38.44 5.02
C PHE A 213 2.87 37.46 4.83
N PHE A 214 3.13 36.15 4.97
CA PHE A 214 2.12 35.17 4.60
C PHE A 214 0.77 35.40 5.27
N PRO A 215 0.69 35.66 6.58
CA PRO A 215 -0.62 35.93 7.19
C PRO A 215 -1.50 36.87 6.38
N ALA A 216 -0.89 37.76 5.60
CA ALA A 216 -1.67 38.60 4.71
C ALA A 216 -2.47 37.75 3.73
N ALA A 217 -1.81 36.74 3.14
CA ALA A 217 -2.48 35.91 2.14
C ALA A 217 -3.61 35.07 2.72
N THR A 218 -3.58 34.79 4.02
CA THR A 218 -4.58 33.93 4.61
C THR A 218 -5.95 34.60 4.63
N GLY A 219 -6.98 33.80 4.87
CA GLY A 219 -8.33 34.28 4.94
C GLY A 219 -9.14 34.09 3.68
N ILE A 220 -8.62 33.35 2.70
CA ILE A 220 -9.32 33.19 1.43
C ILE A 220 -10.56 32.32 1.54
N LEU A 221 -10.66 31.50 2.58
CA LEU A 221 -11.78 30.58 2.75
C LEU A 221 -13.00 31.25 3.37
N ALA A 222 -12.92 32.52 3.73
CA ALA A 222 -14.10 33.20 4.23
C ALA A 222 -15.21 33.24 3.19
N GLY A 223 -14.84 33.21 1.90
CA GLY A 223 -15.84 33.03 0.88
C GLY A 223 -16.50 31.66 0.95
N ALA A 224 -15.70 30.62 1.12
CA ALA A 224 -16.25 29.26 1.22
C ALA A 224 -16.87 29.00 2.59
N ASN A 225 -16.38 29.67 3.63
CA ASN A 225 -16.88 29.43 4.98
C ASN A 225 -18.28 29.96 5.20
N ILE A 226 -18.82 30.75 4.25
CA ILE A 226 -20.21 31.19 4.33
C ILE A 226 -21.13 30.32 3.50
N SER A 227 -20.70 29.11 3.14
CA SER A 227 -21.43 28.26 2.21
C SER A 227 -22.88 28.05 2.63
N GLY A 228 -23.13 28.00 3.93
CA GLY A 228 -24.50 27.79 4.40
C GLY A 228 -25.43 28.88 3.91
N ASP A 229 -25.02 30.14 4.08
CA ASP A 229 -25.84 31.29 3.69
C ASP A 229 -25.32 31.81 2.36
N LEU A 230 -25.67 31.11 1.29
CA LEU A 230 -25.19 31.46 -0.04
C LEU A 230 -26.18 30.94 -1.06
N ALA A 231 -26.50 31.77 -2.06
CA ALA A 231 -27.56 31.43 -3.00
C ALA A 231 -27.21 30.16 -3.78
N ASP A 232 -26.00 30.10 -4.34
CA ASP A 232 -25.56 28.95 -5.13
C ASP A 232 -24.07 28.80 -4.97
N PRO A 233 -23.63 27.99 -4.01
CA PRO A 233 -22.18 27.83 -3.82
C PRO A 233 -21.44 27.36 -5.05
N GLN A 234 -22.04 26.50 -5.86
CA GLN A 234 -21.38 25.99 -7.05
C GLN A 234 -20.90 27.13 -7.95
N SER A 235 -21.80 28.06 -8.28
CA SER A 235 -21.45 29.17 -9.14
C SER A 235 -20.85 30.35 -8.38
N ALA A 236 -20.95 30.35 -7.05
CA ALA A 236 -20.51 31.51 -6.29
C ALA A 236 -19.06 31.39 -5.85
N ILE A 237 -18.71 30.27 -5.24
CA ILE A 237 -17.40 30.12 -4.60
C ILE A 237 -16.28 30.21 -5.61
N PRO A 238 -16.29 29.47 -6.72
CA PRO A 238 -15.13 29.44 -7.62
C PRO A 238 -14.73 30.79 -8.19
N LYS A 239 -15.64 31.41 -8.93
CA LYS A 239 -15.30 32.66 -9.60
C LYS A 239 -15.00 33.75 -8.59
N GLY A 240 -15.84 33.88 -7.55
CA GLY A 240 -15.61 34.91 -6.57
C GLY A 240 -14.26 34.76 -5.88
N THR A 241 -13.96 33.55 -5.41
CA THR A 241 -12.70 33.33 -4.71
C THR A 241 -11.50 33.62 -5.62
N LEU A 242 -11.50 33.06 -6.83
CA LEU A 242 -10.35 33.24 -7.70
C LEU A 242 -10.17 34.70 -8.09
N LEU A 243 -11.27 35.39 -8.40
CA LEU A 243 -11.15 36.80 -8.79
C LEU A 243 -10.69 37.65 -7.61
N ALA A 244 -11.14 37.32 -6.39
CA ALA A 244 -10.67 38.05 -5.22
C ALA A 244 -9.18 37.82 -5.00
N ILE A 245 -8.70 36.59 -5.19
CA ILE A 245 -7.26 36.35 -5.08
C ILE A 245 -6.51 37.18 -6.11
N LEU A 246 -6.99 37.18 -7.34
CA LEU A 246 -6.33 37.96 -8.40
C LEU A 246 -6.27 39.43 -8.02
N ILE A 247 -7.41 39.99 -7.59
CA ILE A 247 -7.46 41.42 -7.30
C ILE A 247 -6.55 41.76 -6.13
N THR A 248 -6.59 40.97 -5.05
CA THR A 248 -5.79 41.31 -3.89
C THR A 248 -4.30 41.15 -4.16
N THR A 249 -3.90 40.12 -4.91
CA THR A 249 -2.49 39.98 -5.24
C THR A 249 -2.02 41.10 -6.14
N LEU A 250 -2.84 41.51 -7.11
CA LEU A 250 -2.46 42.64 -7.94
C LEU A 250 -2.31 43.90 -7.11
N VAL A 251 -3.23 44.14 -6.18
CA VAL A 251 -3.13 45.32 -5.33
C VAL A 251 -1.86 45.25 -4.50
N TYR A 252 -1.57 44.08 -3.90
CA TYR A 252 -0.39 43.97 -3.08
C TYR A 252 0.87 44.27 -3.87
N VAL A 253 1.03 43.63 -5.03
CA VAL A 253 2.26 43.81 -5.80
C VAL A 253 2.37 45.26 -6.29
N GLY A 254 1.27 45.83 -6.78
CA GLY A 254 1.32 47.21 -7.24
C GLY A 254 1.70 48.18 -6.14
N ILE A 255 1.08 48.02 -4.97
CA ILE A 255 1.38 48.89 -3.83
C ILE A 255 2.84 48.73 -3.40
N ALA A 256 3.32 47.48 -3.33
CA ALA A 256 4.70 47.25 -2.92
C ALA A 256 5.67 47.90 -3.90
N VAL A 257 5.44 47.72 -5.20
CA VAL A 257 6.33 48.31 -6.19
C VAL A 257 6.28 49.83 -6.11
N SER A 258 5.08 50.39 -5.95
CA SER A 258 4.97 51.84 -5.87
C SER A 258 5.73 52.40 -4.68
N VAL A 259 5.57 51.78 -3.50
CA VAL A 259 6.25 52.29 -2.32
C VAL A 259 7.75 52.11 -2.46
N GLY A 260 8.20 50.94 -2.91
CA GLY A 260 9.63 50.71 -3.06
C GLY A 260 10.28 51.64 -4.07
N SER A 261 9.52 52.09 -5.07
CA SER A 261 10.07 52.92 -6.13
C SER A 261 10.01 54.41 -5.82
N CYS A 262 9.36 54.82 -4.74
CA CYS A 262 9.21 56.24 -4.41
C CYS A 262 9.92 56.62 -3.12
N VAL A 263 9.73 55.87 -2.04
CA VAL A 263 10.32 56.20 -0.75
C VAL A 263 11.72 55.60 -0.67
N VAL A 264 12.64 56.36 -0.08
CA VAL A 264 14.01 55.88 0.10
C VAL A 264 14.07 54.91 1.29
N ARG A 265 15.06 54.02 1.23
CA ARG A 265 15.20 52.99 2.27
C ARG A 265 15.43 53.61 3.64
N ASP A 266 16.35 54.58 3.71
CA ASP A 266 16.72 55.21 4.97
C ASP A 266 16.63 56.72 4.84
N ALA A 267 16.14 57.37 5.89
CA ALA A 267 16.03 58.82 5.90
C ALA A 267 15.62 59.27 7.30
N THR A 268 16.04 60.47 7.66
CA THR A 268 15.70 61.08 8.94
C THR A 268 14.87 62.34 8.69
N GLY A 269 14.03 62.66 9.67
CA GLY A 269 13.11 63.76 9.52
C GLY A 269 13.71 65.14 9.65
N ASN A 270 14.99 65.24 10.04
CA ASN A 270 15.61 66.54 10.21
C ASN A 270 15.66 67.29 8.89
N VAL A 271 15.00 68.46 8.85
CA VAL A 271 14.96 69.25 7.63
C VAL A 271 16.33 69.80 7.26
N ASN A 272 17.23 69.90 8.23
CA ASN A 272 18.56 70.47 8.02
C ASN A 272 19.50 69.54 7.26
N ASP A 273 19.02 68.45 6.67
CA ASP A 273 19.88 67.52 5.94
C ASP A 273 19.97 67.82 4.45
N THR A 274 19.36 68.91 3.98
CA THR A 274 19.43 69.25 2.57
C THR A 274 20.89 69.51 2.18
N ILE A 275 21.30 68.97 1.03
CA ILE A 275 22.65 69.15 0.50
C ILE A 275 22.50 70.13 -0.66
N VAL A 276 23.15 71.29 -0.54
CA VAL A 276 23.00 72.37 -1.51
C VAL A 276 24.38 72.77 -2.02
N THR A 277 24.64 72.47 -3.29
CA THR A 277 25.82 72.93 -4.02
C THR A 277 27.10 72.21 -3.60
N GLU A 278 27.06 71.46 -2.52
CA GLU A 278 28.21 70.66 -2.09
C GLU A 278 28.06 69.21 -2.53
N LEU A 279 27.90 69.00 -3.83
CA LEU A 279 27.81 67.65 -4.36
C LEU A 279 29.14 66.93 -4.16
N THR A 280 29.15 65.95 -3.25
CA THR A 280 30.40 65.31 -2.84
C THR A 280 30.47 63.88 -3.33
N ASN A 281 31.53 63.17 -2.97
CA ASN A 281 31.79 61.82 -3.47
C ASN A 281 31.03 60.78 -2.66
N CYS A 282 29.71 60.83 -2.76
CA CYS A 282 28.83 59.82 -2.19
C CYS A 282 27.90 59.30 -3.29
N THR A 283 27.91 57.99 -3.50
CA THR A 283 27.14 57.37 -4.57
C THR A 283 25.76 56.91 -4.11
N SER A 284 25.38 57.16 -2.86
CA SER A 284 24.09 56.73 -2.36
C SER A 284 22.97 57.37 -3.17
N ALA A 285 21.89 56.62 -3.36
CA ALA A 285 20.76 57.10 -4.14
C ALA A 285 20.12 58.34 -3.52
N ALA A 286 20.35 58.60 -2.24
CA ALA A 286 19.84 59.81 -1.61
C ALA A 286 20.64 61.04 -1.99
N CYS A 287 21.96 60.90 -2.14
CA CYS A 287 22.80 62.05 -2.46
C CYS A 287 22.34 62.74 -3.73
N LYS A 288 22.10 61.97 -4.79
CA LYS A 288 21.70 62.53 -6.07
C LYS A 288 20.32 63.16 -6.04
N LEU A 289 19.54 62.93 -4.98
CA LEU A 289 18.18 63.43 -4.87
C LEU A 289 18.08 64.67 -3.99
N ASN A 290 19.18 65.41 -3.84
CA ASN A 290 19.24 66.69 -3.15
C ASN A 290 19.13 66.56 -1.64
N PHE A 291 19.06 65.35 -1.09
CA PHE A 291 18.99 65.12 0.34
C PHE A 291 19.99 64.03 0.70
N ASP A 292 21.00 64.38 1.50
CA ASP A 292 22.03 63.42 1.90
C ASP A 292 21.69 62.90 3.30
N PHE A 293 21.26 61.65 3.36
CA PHE A 293 20.97 60.99 4.64
C PHE A 293 22.16 60.13 5.06
N SER A 294 23.30 60.78 5.26
CA SER A 294 24.50 60.07 5.67
C SER A 294 24.50 59.70 7.13
N SER A 295 23.69 60.37 7.95
CA SER A 295 23.68 60.08 9.38
C SER A 295 23.12 58.71 9.68
N CYS A 296 22.15 58.25 8.88
CA CYS A 296 21.47 56.99 9.18
C CYS A 296 22.40 55.79 9.10
N GLU A 297 23.58 55.95 8.49
CA GLU A 297 24.52 54.83 8.42
C GLU A 297 24.95 54.37 9.81
N SER A 298 25.21 55.31 10.71
CA SER A 298 25.68 55.00 12.06
C SER A 298 24.83 55.62 13.15
N SER A 299 23.67 56.18 12.82
CA SER A 299 22.78 56.77 13.81
C SER A 299 21.35 56.25 13.58
N PRO A 300 20.54 56.13 14.63
CA PRO A 300 19.18 55.64 14.44
C PRO A 300 18.26 56.75 13.96
N CYS A 301 17.54 56.48 12.87
CA CYS A 301 16.61 57.43 12.28
C CYS A 301 15.19 56.88 12.41
N SER A 302 14.24 57.79 12.65
CA SER A 302 12.86 57.40 12.88
C SER A 302 12.02 57.37 11.61
N TYR A 303 12.62 57.58 10.44
CA TYR A 303 11.90 57.60 9.18
C TYR A 303 12.62 56.72 8.16
N GLY A 304 11.97 56.53 7.01
CA GLY A 304 12.43 55.61 5.99
C GLY A 304 11.65 54.31 6.00
N LEU A 305 11.86 53.51 4.96
CA LEU A 305 11.13 52.26 4.83
C LEU A 305 11.46 51.31 5.96
N MET A 306 12.74 51.15 6.26
CA MET A 306 13.15 50.14 7.23
C MET A 306 12.79 50.54 8.66
N ASN A 307 12.66 51.84 8.93
CA ASN A 307 12.48 52.32 10.28
C ASN A 307 11.02 52.63 10.61
N ASN A 308 10.27 53.16 9.66
CA ASN A 308 8.92 53.67 9.88
C ASN A 308 7.90 52.70 9.32
N PHE A 309 7.00 52.23 10.18
CA PHE A 309 5.93 51.33 9.73
C PHE A 309 4.83 52.10 9.02
N GLN A 310 4.53 53.32 9.47
CA GLN A 310 3.39 54.09 8.97
C GLN A 310 3.79 55.05 7.85
N VAL A 311 4.84 54.71 7.10
CA VAL A 311 5.21 55.55 5.96
C VAL A 311 4.09 55.57 4.93
N MET A 312 3.27 54.53 4.88
CA MET A 312 2.15 54.50 3.96
C MET A 312 1.13 55.58 4.31
N SER A 313 0.96 55.85 5.60
CA SER A 313 0.06 56.92 6.02
C SER A 313 0.64 58.29 5.69
N MET A 314 1.95 58.47 5.91
CA MET A 314 2.57 59.76 5.65
C MET A 314 2.56 60.09 4.17
N VAL A 315 2.90 59.11 3.32
CA VAL A 315 3.05 59.39 1.89
C VAL A 315 1.73 59.85 1.28
N SER A 316 0.63 59.26 1.72
CA SER A 316 -0.68 59.59 1.17
C SER A 316 -1.18 60.91 1.73
N GLY A 317 -1.86 61.69 0.90
CA GLY A 317 -2.51 62.89 1.38
C GLY A 317 -3.67 62.55 2.31
N PHE A 318 -3.93 63.45 3.25
CA PHE A 318 -5.02 63.29 4.22
C PHE A 318 -4.84 61.97 5.00
N THR A 319 -3.76 61.96 5.80
CA THR A 319 -3.39 60.74 6.50
C THR A 319 -4.48 60.22 7.43
N PRO A 320 -5.35 61.04 8.04
CA PRO A 320 -6.46 60.46 8.79
C PRO A 320 -7.31 59.51 7.97
N LEU A 321 -7.46 59.78 6.67
CA LEU A 321 -8.23 58.87 5.83
C LEU A 321 -7.54 57.50 5.74
N ILE A 322 -6.21 57.50 5.62
CA ILE A 322 -5.50 56.22 5.59
C ILE A 322 -5.59 55.52 6.94
N SER A 323 -5.60 56.30 8.03
CA SER A 323 -5.79 55.68 9.34
C SER A 323 -7.14 55.00 9.42
N ALA A 324 -8.19 55.67 8.94
CA ALA A 324 -9.50 55.04 8.89
C ALA A 324 -9.49 53.82 7.99
N GLY A 325 -8.72 53.87 6.91
CA GLY A 325 -8.61 52.72 6.02
C GLY A 325 -7.96 51.53 6.71
N ILE A 326 -6.91 51.78 7.50
CA ILE A 326 -6.29 50.70 8.27
C ILE A 326 -7.29 50.12 9.24
N PHE A 327 -8.04 50.98 9.92
CA PHE A 327 -9.03 50.51 10.88
C PHE A 327 -10.08 49.66 10.16
N SER A 328 -10.53 50.11 8.99
CA SER A 328 -11.54 49.36 8.24
C SER A 328 -11.01 48.00 7.83
N ALA A 329 -9.79 47.95 7.30
CA ALA A 329 -9.22 46.68 6.88
C ALA A 329 -9.12 45.72 8.05
N THR A 330 -8.57 46.18 9.16
CA THR A 330 -8.35 45.28 10.29
C THR A 330 -9.66 44.82 10.90
N LEU A 331 -10.60 45.73 11.12
CA LEU A 331 -11.88 45.34 11.69
C LEU A 331 -12.66 44.43 10.76
N SER A 332 -12.60 44.69 9.45
CA SER A 332 -13.27 43.81 8.51
C SER A 332 -12.69 42.41 8.55
N SER A 333 -11.37 42.30 8.60
CA SER A 333 -10.76 40.98 8.69
C SER A 333 -11.16 40.28 9.99
N ALA A 334 -11.17 41.02 11.10
CA ALA A 334 -11.55 40.43 12.37
C ALA A 334 -12.98 39.93 12.34
N LEU A 335 -13.89 40.73 11.75
CA LEU A 335 -15.28 40.31 11.67
C LEU A 335 -15.44 39.09 10.75
N ALA A 336 -14.69 39.06 9.65
CA ALA A 336 -14.75 37.90 8.78
C ALA A 336 -14.31 36.65 9.52
N SER A 337 -13.23 36.75 10.30
CA SER A 337 -12.77 35.59 11.07
C SER A 337 -13.80 35.17 12.12
N LEU A 338 -14.37 36.14 12.84
CA LEU A 338 -15.35 35.84 13.87
C LEU A 338 -16.65 35.28 13.27
N VAL A 339 -16.90 35.51 11.99
CA VAL A 339 -18.06 34.91 11.35
C VAL A 339 -17.72 33.53 10.80
N SER A 340 -16.48 33.36 10.30
CA SER A 340 -16.09 32.10 9.72
C SER A 340 -15.97 31.01 10.78
N ALA A 341 -15.31 31.31 11.91
CA ALA A 341 -15.05 30.27 12.90
C ALA A 341 -16.33 29.65 13.48
N PRO A 342 -17.29 30.42 13.98
CA PRO A 342 -18.46 29.78 14.61
C PRO A 342 -19.27 28.94 13.64
N LYS A 343 -19.32 29.29 12.35
CA LYS A 343 -20.10 28.50 11.41
C LYS A 343 -19.46 27.14 11.16
N ILE A 344 -18.14 27.11 10.97
CA ILE A 344 -17.46 25.84 10.80
C ILE A 344 -17.58 25.01 12.07
N PHE A 345 -17.50 25.65 13.24
CA PHE A 345 -17.69 24.90 14.48
C PHE A 345 -19.12 24.38 14.60
N GLN A 346 -20.10 25.17 14.17
CA GLN A 346 -21.48 24.71 14.16
C GLN A 346 -21.62 23.44 13.34
N ALA A 347 -21.09 23.44 12.11
CA ALA A 347 -21.21 22.26 11.27
C ALA A 347 -20.47 21.08 11.90
N LEU A 348 -19.29 21.32 12.47
CA LEU A 348 -18.54 20.24 13.08
C LEU A 348 -19.32 19.59 14.22
N CYS A 349 -19.91 20.40 15.09
CA CYS A 349 -20.69 19.84 16.19
C CYS A 349 -21.99 19.21 15.70
N LYS A 350 -22.58 19.75 14.64
CA LYS A 350 -23.78 19.16 14.08
C LYS A 350 -23.50 17.76 13.57
N ASP A 351 -22.37 17.56 12.89
CA ASP A 351 -21.99 16.22 12.48
C ASP A 351 -21.60 15.33 13.66
N ASN A 352 -21.40 15.93 14.84
CA ASN A 352 -21.14 15.17 16.07
C ASN A 352 -19.93 14.25 15.93
N ILE A 353 -18.86 14.76 15.31
CA ILE A 353 -17.61 14.02 15.32
C ILE A 353 -17.07 13.91 16.74
N TYR A 354 -17.14 15.00 17.50
CA TYR A 354 -16.76 14.99 18.91
C TYR A 354 -18.03 15.08 19.75
N PRO A 355 -18.49 13.99 20.37
CA PRO A 355 -19.70 14.10 21.20
C PRO A 355 -19.55 15.04 22.37
N ALA A 356 -18.32 15.34 22.79
CA ALA A 356 -18.13 16.27 23.91
C ALA A 356 -18.71 17.63 23.59
N PHE A 357 -18.48 18.12 22.38
CA PHE A 357 -19.01 19.42 21.93
C PHE A 357 -20.31 19.14 21.18
N GLN A 358 -21.44 19.46 21.82
CA GLN A 358 -22.74 19.40 21.15
C GLN A 358 -23.61 20.62 21.40
N MET A 359 -23.41 21.36 22.49
CA MET A 359 -24.27 22.49 22.79
C MET A 359 -24.07 23.64 21.81
N PHE A 360 -22.94 23.67 21.10
CA PHE A 360 -22.64 24.78 20.22
C PHE A 360 -23.22 24.62 18.83
N ALA A 361 -23.96 23.55 18.56
CA ALA A 361 -24.62 23.35 17.28
C ALA A 361 -26.03 23.94 17.27
N LYS A 362 -26.43 24.63 18.34
CA LYS A 362 -27.79 25.13 18.42
C LYS A 362 -28.04 26.17 17.32
N GLY A 363 -29.30 26.28 16.92
CA GLY A 363 -29.68 27.09 15.78
C GLY A 363 -30.47 28.33 16.12
N TYR A 364 -30.06 29.05 17.16
CA TYR A 364 -30.77 30.26 17.54
C TYR A 364 -30.91 31.19 16.34
N GLY A 365 -32.13 31.68 16.13
CA GLY A 365 -32.43 32.53 14.99
C GLY A 365 -32.97 31.76 13.81
N LYS A 366 -33.59 32.50 12.88
CA LYS A 366 -34.20 31.87 11.72
C LYS A 366 -33.16 31.29 10.77
N ASN A 367 -32.00 31.92 10.65
CA ASN A 367 -30.96 31.47 9.73
C ASN A 367 -30.04 30.43 10.35
N ASN A 368 -30.43 29.83 11.48
CA ASN A 368 -29.61 28.80 12.12
C ASN A 368 -28.27 29.38 12.57
N GLU A 369 -28.32 30.57 13.13
CA GLU A 369 -27.10 31.23 13.58
C GLU A 369 -26.58 30.56 14.84
N PRO A 370 -25.29 30.18 14.89
CA PRO A 370 -24.79 29.50 16.10
C PRO A 370 -24.39 30.47 17.20
N LEU A 371 -25.41 31.02 17.89
CA LEU A 371 -25.15 32.02 18.90
C LEU A 371 -24.18 31.51 19.95
N ARG A 372 -24.34 30.25 20.35
CA ARG A 372 -23.39 29.67 21.30
C ARG A 372 -21.98 29.62 20.70
N GLY A 373 -21.88 29.34 19.41
CA GLY A 373 -20.59 29.43 18.74
C GLY A 373 -20.02 30.83 18.79
N TYR A 374 -20.88 31.84 18.62
CA TYR A 374 -20.43 33.21 18.73
C TYR A 374 -19.88 33.49 20.13
N ILE A 375 -20.56 32.99 21.17
CA ILE A 375 -20.07 33.20 22.53
C ILE A 375 -18.72 32.50 22.73
N LEU A 376 -18.57 31.28 22.22
CA LEU A 376 -17.31 30.58 22.40
C LEU A 376 -16.16 31.30 21.70
N THR A 377 -16.40 31.75 20.47
CA THR A 377 -15.35 32.48 19.76
C THR A 377 -15.06 33.81 20.45
N PHE A 378 -16.08 34.47 20.98
CA PHE A 378 -15.87 35.65 21.80
C PHE A 378 -14.94 35.36 22.96
N LEU A 379 -15.18 34.27 23.68
CA LEU A 379 -14.33 33.96 24.83
C LEU A 379 -12.90 33.68 24.39
N ILE A 380 -12.72 32.94 23.29
CA ILE A 380 -11.37 32.63 22.84
C ILE A 380 -10.64 33.90 22.45
N ALA A 381 -11.31 34.76 21.67
CA ALA A 381 -10.67 36.00 21.25
C ALA A 381 -10.37 36.90 22.44
N LEU A 382 -11.29 36.99 23.39
CA LEU A 382 -11.07 37.81 24.57
C LEU A 382 -9.86 37.32 25.35
N GLY A 383 -9.74 36.01 25.53
CA GLY A 383 -8.59 35.49 26.24
C GLY A 383 -7.29 35.79 25.51
N PHE A 384 -7.27 35.53 24.20
CA PHE A 384 -6.04 35.76 23.45
C PHE A 384 -5.71 37.24 23.33
N ILE A 385 -6.67 38.14 23.59
CA ILE A 385 -6.38 39.56 23.63
C ILE A 385 -5.85 39.97 25.00
N LEU A 386 -6.49 39.52 26.08
CA LEU A 386 -5.93 39.79 27.41
C LEU A 386 -4.53 39.23 27.56
N ILE A 387 -4.18 38.19 26.81
CA ILE A 387 -2.78 37.79 26.74
C ILE A 387 -1.94 38.95 26.22
N ALA A 388 -2.42 39.61 25.17
CA ALA A 388 -1.90 40.87 24.64
C ALA A 388 -0.56 40.74 23.92
N GLU A 389 0.09 39.58 23.95
CA GLU A 389 1.37 39.36 23.27
C GLU A 389 1.16 38.19 22.32
N LEU A 390 0.81 38.50 21.08
CA LEU A 390 0.41 37.47 20.12
C LEU A 390 1.54 37.05 19.18
N ASN A 391 2.59 37.87 19.04
CA ASN A 391 3.65 37.55 18.09
C ASN A 391 4.30 36.21 18.38
N VAL A 392 4.23 35.74 19.62
CA VAL A 392 4.85 34.45 19.95
C VAL A 392 4.10 33.30 19.30
N ILE A 393 2.77 33.39 19.21
CA ILE A 393 1.94 32.30 18.71
C ILE A 393 1.57 32.46 17.26
N ALA A 394 2.01 33.53 16.60
CA ALA A 394 1.65 33.72 15.20
C ALA A 394 2.04 32.54 14.32
N PRO A 395 3.22 31.93 14.47
CA PRO A 395 3.50 30.73 13.67
C PRO A 395 2.52 29.60 13.94
N ILE A 396 1.98 29.49 15.16
CA ILE A 396 1.01 28.44 15.43
C ILE A 396 -0.20 28.60 14.53
N ILE A 397 -0.76 29.81 14.46
CA ILE A 397 -1.95 30.03 13.66
C ILE A 397 -1.63 29.94 12.17
N SER A 398 -0.47 30.46 11.77
CA SER A 398 -0.07 30.32 10.38
C SER A 398 0.02 28.85 9.98
N ASN A 399 0.57 28.02 10.87
CA ASN A 399 0.67 26.60 10.57
C ASN A 399 -0.68 25.92 10.59
N PHE A 400 -1.61 26.38 11.44
CA PHE A 400 -2.97 25.86 11.35
C PHE A 400 -3.58 26.14 9.99
N PHE A 401 -3.40 27.37 9.50
CA PHE A 401 -3.93 27.71 8.19
C PHE A 401 -3.24 26.92 7.08
N LEU A 402 -1.93 26.75 7.15
CA LEU A 402 -1.25 25.92 6.17
C LEU A 402 -1.77 24.49 6.22
N ALA A 403 -2.04 23.97 7.41
CA ALA A 403 -2.55 22.60 7.51
C ALA A 403 -3.92 22.50 6.84
N SER A 404 -4.79 23.48 7.08
CA SER A 404 -6.11 23.45 6.46
C SER A 404 -6.00 23.52 4.93
N TYR A 405 -5.17 24.43 4.42
CA TYR A 405 -5.00 24.53 2.98
C TYR A 405 -4.37 23.27 2.40
N ALA A 406 -3.38 22.72 3.09
CA ALA A 406 -2.68 21.54 2.61
C ALA A 406 -3.64 20.36 2.53
N LEU A 407 -4.50 20.20 3.53
CA LEU A 407 -5.44 19.08 3.48
C LEU A 407 -6.60 19.34 2.54
N ILE A 408 -6.92 20.60 2.21
CA ILE A 408 -7.85 20.83 1.12
C ILE A 408 -7.24 20.37 -0.21
N ASN A 409 -5.99 20.76 -0.45
CA ASN A 409 -5.31 20.31 -1.67
C ASN A 409 -5.21 18.79 -1.69
N PHE A 410 -4.88 18.19 -0.56
CA PHE A 410 -4.79 16.74 -0.50
C PHE A 410 -6.15 16.09 -0.69
N SER A 411 -7.23 16.74 -0.25
CA SER A 411 -8.55 16.19 -0.49
C SER A 411 -8.86 16.17 -1.98
N VAL A 412 -8.50 17.23 -2.69
CA VAL A 412 -8.68 17.23 -4.14
C VAL A 412 -7.84 16.12 -4.77
N PHE A 413 -6.58 16.01 -4.37
CA PHE A 413 -5.72 14.99 -4.95
C PHE A 413 -6.25 13.59 -4.65
N HIS A 414 -6.75 13.37 -3.44
CA HIS A 414 -7.25 12.06 -3.05
C HIS A 414 -8.53 11.72 -3.81
N ALA A 415 -9.48 12.66 -3.87
CA ALA A 415 -10.72 12.40 -4.58
C ALA A 415 -10.45 12.15 -6.06
N SER A 416 -9.50 12.86 -6.65
CA SER A 416 -9.19 12.65 -8.06
C SER A 416 -8.40 11.36 -8.27
N LEU A 417 -7.58 10.97 -7.30
CA LEU A 417 -6.80 9.73 -7.43
C LEU A 417 -7.70 8.52 -7.39
N ALA A 418 -8.65 8.50 -6.45
CA ALA A 418 -9.62 7.42 -6.35
C ALA A 418 -10.61 7.58 -7.50
N LYS A 419 -10.20 7.13 -8.68
CA LYS A 419 -11.03 7.28 -9.86
C LYS A 419 -12.38 6.65 -9.58
N SER A 420 -13.42 7.47 -9.49
CA SER A 420 -14.73 6.95 -9.11
C SER A 420 -15.82 7.82 -9.71
N PRO A 421 -16.94 7.24 -10.13
CA PRO A 421 -18.11 8.08 -10.42
C PRO A 421 -18.52 8.82 -9.17
N GLY A 422 -19.03 10.04 -9.36
CA GLY A 422 -19.36 10.92 -8.27
C GLY A 422 -18.34 12.01 -8.02
N TRP A 423 -17.17 11.92 -8.65
CA TRP A 423 -16.19 13.01 -8.62
C TRP A 423 -16.27 13.73 -9.96
N ARG A 424 -17.21 14.67 -10.04
CA ARG A 424 -17.47 15.46 -11.25
C ARG A 424 -17.49 16.92 -10.86
N PRO A 425 -16.33 17.51 -10.56
CA PRO A 425 -16.34 18.87 -10.01
C PRO A 425 -16.95 19.90 -10.93
N ALA A 426 -16.87 19.71 -12.25
CA ALA A 426 -17.33 20.71 -13.21
C ALA A 426 -16.54 22.00 -13.09
N PHE A 427 -15.34 21.93 -12.53
CA PHE A 427 -14.36 23.00 -12.59
C PHE A 427 -13.17 22.49 -13.40
N LYS A 428 -13.13 22.84 -14.69
CA LYS A 428 -12.14 22.23 -15.57
C LYS A 428 -10.72 22.57 -15.15
N TYR A 429 -10.51 23.71 -14.51
CA TYR A 429 -9.16 24.23 -14.27
C TYR A 429 -8.65 23.73 -12.92
N TYR A 430 -8.23 22.47 -12.91
CA TYR A 430 -7.61 21.85 -11.75
C TYR A 430 -6.88 20.61 -12.23
N ASN A 431 -6.03 20.06 -11.36
CA ASN A 431 -5.27 18.86 -11.71
C ASN A 431 -4.89 18.11 -10.45
N MET A 432 -4.76 16.79 -10.60
CA MET A 432 -4.22 15.97 -9.53
C MET A 432 -2.87 16.51 -9.07
N TRP A 433 -1.96 16.70 -10.03
CA TRP A 433 -0.58 17.00 -9.70
C TRP A 433 -0.39 18.42 -9.22
N ILE A 434 -1.15 19.37 -9.76
CA ILE A 434 -1.10 20.73 -9.24
C ILE A 434 -1.57 20.77 -7.80
N SER A 435 -2.64 20.03 -7.48
CA SER A 435 -3.13 20.00 -6.11
C SER A 435 -2.13 19.31 -5.18
N LEU A 436 -1.52 18.22 -5.63
CA LEU A 436 -0.49 17.56 -4.82
C LEU A 436 0.68 18.50 -4.58
N LEU A 437 1.09 19.24 -5.61
CA LEU A 437 2.14 20.22 -5.46
C LEU A 437 1.74 21.28 -4.45
N GLY A 438 0.49 21.71 -4.49
CA GLY A 438 0.03 22.68 -3.50
C GLY A 438 0.10 22.14 -2.08
N ALA A 439 -0.26 20.87 -1.90
CA ALA A 439 -0.19 20.28 -0.57
C ALA A 439 1.24 20.22 -0.05
N ILE A 440 2.16 19.70 -0.88
CA ILE A 440 3.56 19.64 -0.45
C ILE A 440 4.11 21.04 -0.24
N LEU A 441 3.70 21.99 -1.08
CA LEU A 441 4.16 23.36 -0.93
C LEU A 441 3.70 23.96 0.38
N CYS A 442 2.44 23.70 0.77
CA CYS A 442 1.95 24.17 2.05
C CYS A 442 2.74 23.56 3.20
N CYS A 443 3.05 22.26 3.10
CA CYS A 443 3.82 21.63 4.16
C CYS A 443 5.21 22.25 4.29
N ILE A 444 5.90 22.45 3.17
CA ILE A 444 7.24 23.04 3.27
C ILE A 444 7.14 24.48 3.77
N VAL A 445 6.08 25.21 3.39
CA VAL A 445 5.95 26.59 3.85
C VAL A 445 5.72 26.64 5.35
N MET A 446 4.85 25.78 5.88
CA MET A 446 4.65 25.77 7.32
C MET A 446 5.90 25.35 8.06
N PHE A 447 6.70 24.47 7.47
CA PHE A 447 7.99 24.14 8.09
C PHE A 447 8.94 25.32 8.05
N VAL A 448 8.94 26.08 6.95
CA VAL A 448 9.82 27.24 6.83
C VAL A 448 9.45 28.30 7.85
N ILE A 449 8.14 28.54 8.05
CA ILE A 449 7.71 29.59 8.97
C ILE A 449 8.23 29.33 10.37
N ASN A 450 8.11 28.08 10.84
CA ASN A 450 8.58 27.71 12.16
C ASN A 450 8.66 26.19 12.24
N TRP A 451 9.84 25.68 12.57
CA TRP A 451 10.05 24.24 12.50
C TRP A 451 9.38 23.50 13.65
N TRP A 452 9.18 24.14 14.80
CA TRP A 452 8.53 23.47 15.92
C TRP A 452 7.04 23.69 15.95
N ALA A 453 6.55 24.84 15.48
CA ALA A 453 5.11 25.03 15.36
C ALA A 453 4.53 24.07 14.34
N ALA A 454 5.25 23.80 13.27
CA ALA A 454 4.79 22.82 12.29
C ALA A 454 4.66 21.45 12.92
N LEU A 455 5.64 21.06 13.74
CA LEU A 455 5.56 19.76 14.42
C LEU A 455 4.39 19.74 15.39
N LEU A 456 4.17 20.83 16.12
CA LEU A 456 3.03 20.87 17.04
C LEU A 456 1.72 20.71 16.29
N THR A 457 1.57 21.41 15.16
CA THR A 457 0.35 21.28 14.37
C THR A 457 0.20 19.86 13.83
N TYR A 458 1.30 19.26 13.37
CA TYR A 458 1.23 17.90 12.85
C TYR A 458 0.78 16.93 13.93
N VAL A 459 1.35 17.05 15.14
CA VAL A 459 0.96 16.11 16.20
C VAL A 459 -0.47 16.37 16.65
N ILE A 460 -0.91 17.62 16.67
CA ILE A 460 -2.31 17.89 17.03
C ILE A 460 -3.25 17.25 16.01
N VAL A 461 -2.94 17.42 14.73
CA VAL A 461 -3.77 16.82 13.69
C VAL A 461 -3.77 15.30 13.81
N LEU A 462 -2.60 14.72 14.07
CA LEU A 462 -2.52 13.26 14.23
C LEU A 462 -3.33 12.80 15.42
N GLY A 463 -3.26 13.54 16.53
CA GLY A 463 -4.02 13.15 17.70
C GLY A 463 -5.52 13.20 17.46
N LEU A 464 -5.99 14.26 16.80
CA LEU A 464 -7.41 14.33 16.48
C LEU A 464 -7.81 13.22 15.52
N TYR A 465 -6.96 12.95 14.52
CA TYR A 465 -7.19 11.83 13.61
C TYR A 465 -7.38 10.53 14.37
N ILE A 466 -6.45 10.23 15.28
CA ILE A 466 -6.51 8.97 16.03
C ILE A 466 -7.76 8.94 16.90
N TYR A 467 -8.05 10.05 17.59
CA TYR A 467 -9.20 10.08 18.49
C TYR A 467 -10.49 9.82 17.72
N VAL A 468 -10.64 10.43 16.55
CA VAL A 468 -11.86 10.20 15.78
C VAL A 468 -11.87 8.78 15.23
N THR A 469 -10.71 8.26 14.82
CA THR A 469 -10.68 6.90 14.28
C THR A 469 -11.13 5.88 15.32
N TYR A 470 -10.61 5.99 16.54
CA TYR A 470 -11.03 5.06 17.58
C TYR A 470 -12.48 5.33 17.99
N LYS A 471 -12.86 6.59 18.10
CA LYS A 471 -14.25 6.96 18.42
C LYS A 471 -15.04 7.13 17.12
N LYS A 472 -15.03 6.08 16.33
CA LYS A 472 -15.62 6.12 14.98
C LYS A 472 -17.12 6.34 15.06
N PRO A 473 -17.67 7.42 14.51
CA PRO A 473 -19.12 7.57 14.46
C PRO A 473 -19.70 7.07 13.13
N ASP A 474 -21.02 6.93 13.12
CA ASP A 474 -21.73 6.53 11.91
C ASP A 474 -21.79 7.71 10.96
N VAL A 475 -21.40 7.49 9.71
CA VAL A 475 -21.30 8.55 8.72
C VAL A 475 -21.87 8.05 7.40
N ASN A 476 -22.78 8.83 6.81
CA ASN A 476 -23.39 8.50 5.54
C ASN A 476 -22.63 9.04 4.34
N TRP A 477 -21.99 10.20 4.49
CA TRP A 477 -21.35 10.85 3.35
C TRP A 477 -20.20 10.00 2.84
N GLY A 478 -20.30 9.61 1.57
CA GLY A 478 -19.26 8.79 0.96
C GLY A 478 -18.02 9.61 0.69
N SER A 479 -16.96 9.36 1.44
CA SER A 479 -15.72 10.10 1.29
C SER A 479 -14.87 9.50 0.17
N SER A 480 -13.83 10.22 -0.20
CA SER A 480 -12.85 9.66 -1.14
C SER A 480 -12.09 8.51 -0.54
N THR A 481 -12.05 8.40 0.79
CA THR A 481 -11.37 7.27 1.42
C THR A 481 -12.04 5.96 1.05
N GLN A 482 -13.38 5.92 1.04
CA GLN A 482 -14.08 4.70 0.67
C GLN A 482 -13.86 4.34 -0.79
N ALA A 483 -13.90 5.34 -1.67
CA ALA A 483 -13.61 5.08 -3.08
C ALA A 483 -12.20 4.56 -3.26
N LEU A 484 -11.23 5.12 -2.53
CA LEU A 484 -9.86 4.64 -2.63
C LEU A 484 -9.75 3.21 -2.09
N THR A 485 -10.49 2.88 -1.03
CA THR A 485 -10.46 1.52 -0.53
C THR A 485 -10.96 0.55 -1.59
N TYR A 486 -12.07 0.90 -2.26
CA TYR A 486 -12.58 0.03 -3.33
C TYR A 486 -11.55 -0.10 -4.45
N LEU A 487 -10.96 1.01 -4.86
CA LEU A 487 -10.01 0.97 -5.98
C LEU A 487 -8.78 0.15 -5.61
N ASN A 488 -8.28 0.30 -4.38
CA ASN A 488 -7.15 -0.50 -3.95
C ASN A 488 -7.50 -1.98 -3.91
N ALA A 489 -8.68 -2.32 -3.41
CA ALA A 489 -9.10 -3.71 -3.41
C ALA A 489 -9.12 -4.26 -4.82
N LEU A 490 -9.69 -3.50 -5.77
CA LEU A 490 -9.77 -3.97 -7.14
C LEU A 490 -8.39 -4.13 -7.77
N GLN A 491 -7.52 -3.15 -7.56
CA GLN A 491 -6.17 -3.23 -8.15
C GLN A 491 -5.40 -4.41 -7.58
N HIS A 492 -5.47 -4.61 -6.26
CA HIS A 492 -4.77 -5.74 -5.66
C HIS A 492 -5.36 -7.06 -6.14
N SER A 493 -6.68 -7.13 -6.33
CA SER A 493 -7.28 -8.34 -6.85
C SER A 493 -6.81 -8.64 -8.25
N ILE A 494 -6.69 -7.60 -9.09
CA ILE A 494 -6.20 -7.81 -10.45
C ILE A 494 -4.75 -8.30 -10.41
N ARG A 495 -3.91 -7.66 -9.59
CA ARG A 495 -2.52 -8.09 -9.50
C ARG A 495 -2.42 -9.52 -9.01
N LEU A 496 -3.25 -9.89 -8.04
CA LEU A 496 -3.29 -11.28 -7.58
C LEU A 496 -3.69 -12.22 -8.71
N SER A 497 -4.69 -11.85 -9.50
CA SER A 497 -5.03 -12.65 -10.66
C SER A 497 -3.84 -12.80 -11.60
N GLY A 498 -2.94 -11.81 -11.59
CA GLY A 498 -1.77 -11.89 -12.46
C GLY A 498 -0.87 -13.08 -12.16
N VAL A 499 -0.61 -13.34 -10.88
CA VAL A 499 0.41 -14.32 -10.49
C VAL A 499 -0.16 -15.72 -10.54
N GLU A 500 0.63 -16.66 -11.07
CA GLU A 500 0.21 -18.05 -11.17
C GLU A 500 0.22 -18.72 -9.80
N ASP A 501 -0.56 -19.79 -9.68
CA ASP A 501 -0.66 -20.53 -8.44
C ASP A 501 0.54 -21.46 -8.27
N HIS A 502 0.93 -21.66 -7.00
CA HIS A 502 2.01 -22.59 -6.66
C HIS A 502 1.60 -23.39 -5.44
N VAL A 503 2.06 -24.64 -5.39
CA VAL A 503 1.71 -25.52 -4.28
C VAL A 503 2.36 -25.11 -2.98
N LYS A 504 3.44 -24.32 -3.03
CA LYS A 504 4.08 -23.88 -1.79
C LYS A 504 3.18 -22.90 -1.04
N ASN A 505 2.64 -21.91 -1.74
CA ASN A 505 1.74 -20.92 -1.13
C ASN A 505 0.27 -21.31 -1.33
N PHE A 506 -0.07 -22.50 -0.86
CA PHE A 506 -1.44 -22.98 -0.90
C PHE A 506 -2.15 -22.49 0.35
N ARG A 507 -3.09 -21.59 0.19
CA ARG A 507 -3.81 -21.03 1.32
C ARG A 507 -5.15 -21.75 1.48
N PRO A 508 -5.49 -22.30 2.66
CA PRO A 508 -6.82 -22.87 2.82
C PRO A 508 -7.90 -21.82 2.70
N GLN A 509 -8.70 -21.90 1.64
CA GLN A 509 -9.78 -20.94 1.39
C GLN A 509 -11.10 -21.64 1.66
N CYS A 510 -11.70 -21.32 2.80
CA CYS A 510 -12.82 -22.07 3.34
C CYS A 510 -14.15 -21.45 2.98
N LEU A 511 -15.13 -22.31 2.71
CA LEU A 511 -16.51 -21.92 2.42
C LEU A 511 -17.38 -22.55 3.51
N VAL A 512 -17.59 -21.81 4.59
CA VAL A 512 -18.28 -22.33 5.77
C VAL A 512 -19.78 -22.22 5.54
N MET A 513 -20.47 -23.36 5.60
CA MET A 513 -21.92 -23.40 5.40
C MET A 513 -22.71 -23.17 6.68
N THR A 514 -22.18 -22.40 7.61
CA THR A 514 -22.99 -22.00 8.76
C THR A 514 -24.10 -21.07 8.30
N GLY A 515 -25.33 -21.38 8.69
CA GLY A 515 -26.46 -20.58 8.25
C GLY A 515 -26.44 -19.18 8.83
N ALA A 516 -26.67 -19.07 10.13
CA ALA A 516 -26.57 -17.82 10.82
C ALA A 516 -25.23 -17.77 11.54
N PRO A 517 -24.27 -16.95 11.11
CA PRO A 517 -22.95 -17.00 11.75
C PRO A 517 -22.99 -16.81 13.26
N ASN A 518 -23.87 -15.94 13.76
CA ASN A 518 -23.98 -15.75 15.20
C ASN A 518 -24.55 -16.98 15.91
N SER A 519 -25.16 -17.91 15.19
CA SER A 519 -25.80 -19.06 15.84
C SER A 519 -24.77 -19.97 16.47
N ARG A 520 -23.68 -20.25 15.76
CA ARG A 520 -22.68 -21.22 16.19
C ARG A 520 -21.29 -20.58 16.15
N PRO A 521 -21.02 -19.64 17.06
CA PRO A 521 -19.72 -18.96 17.04
C PRO A 521 -18.57 -19.84 17.46
N ALA A 522 -18.82 -20.97 18.11
CA ALA A 522 -17.72 -21.81 18.57
C ALA A 522 -16.92 -22.34 17.39
N LEU A 523 -17.57 -23.05 16.47
CA LEU A 523 -16.82 -23.55 15.33
C LEU A 523 -16.46 -22.41 14.39
N LEU A 524 -17.17 -21.29 14.45
CA LEU A 524 -16.75 -20.13 13.67
C LEU A 524 -15.36 -19.66 14.12
N HIS A 525 -15.16 -19.54 15.44
CA HIS A 525 -13.83 -19.19 15.94
C HIS A 525 -12.82 -20.28 15.64
N LEU A 526 -13.24 -21.55 15.73
CA LEU A 526 -12.31 -22.62 15.42
C LEU A 526 -11.83 -22.55 13.98
N VAL A 527 -12.74 -22.29 13.04
CA VAL A 527 -12.36 -22.11 11.64
C VAL A 527 -11.63 -20.80 11.44
N HIS A 528 -11.79 -19.84 12.33
CA HIS A 528 -11.01 -18.61 12.32
C HIS A 528 -9.59 -18.81 12.82
N ASP A 529 -9.34 -19.87 13.60
CA ASP A 529 -7.98 -20.11 14.08
C ASP A 529 -7.03 -20.36 12.93
N PHE A 530 -7.47 -21.09 11.91
CA PHE A 530 -6.83 -21.04 10.61
C PHE A 530 -7.66 -20.12 9.73
N THR A 531 -7.20 -19.89 8.51
CA THR A 531 -7.84 -18.91 7.62
C THR A 531 -7.90 -17.53 8.27
N LYS A 532 -6.85 -17.16 9.02
CA LYS A 532 -6.69 -15.82 9.55
C LYS A 532 -5.32 -15.31 9.13
N ASN A 533 -5.29 -14.42 8.15
CA ASN A 533 -4.05 -13.98 7.51
C ASN A 533 -3.35 -15.12 6.80
N VAL A 534 -4.04 -16.24 6.61
CA VAL A 534 -3.45 -17.42 5.97
C VAL A 534 -4.42 -17.95 4.92
N GLY A 535 -5.60 -17.36 4.82
CA GLY A 535 -6.57 -17.76 3.82
C GLY A 535 -7.87 -17.02 4.04
N LEU A 536 -8.74 -17.07 3.04
CA LEU A 536 -10.02 -16.40 3.12
C LEU A 536 -11.06 -17.32 3.76
N MET A 537 -12.20 -16.75 4.12
CA MET A 537 -13.23 -17.45 4.87
C MET A 537 -14.57 -16.87 4.47
N ILE A 538 -15.33 -17.59 3.65
CA ILE A 538 -16.61 -17.12 3.14
C ILE A 538 -17.70 -17.84 3.92
N CYS A 539 -18.44 -17.11 4.74
CA CYS A 539 -19.52 -17.68 5.54
C CYS A 539 -20.79 -17.67 4.71
N GLY A 540 -20.99 -18.72 3.92
CA GLY A 540 -22.14 -18.79 3.06
C GLY A 540 -23.43 -18.96 3.84
N HIS A 541 -24.53 -18.66 3.17
CA HIS A 541 -25.86 -18.75 3.79
C HIS A 541 -26.90 -18.77 2.69
N VAL A 542 -27.71 -19.82 2.64
CA VAL A 542 -28.76 -19.94 1.64
C VAL A 542 -30.07 -19.46 2.25
N HIS A 543 -30.82 -18.69 1.47
CA HIS A 543 -32.12 -18.18 1.89
C HIS A 543 -33.21 -18.87 1.10
N MET A 544 -34.30 -19.18 1.77
CA MET A 544 -35.43 -19.88 1.16
C MET A 544 -36.70 -19.07 1.37
N GLY A 545 -37.67 -19.29 0.47
CA GLY A 545 -38.94 -18.61 0.54
C GLY A 545 -39.33 -17.99 -0.79
N PRO A 546 -40.13 -16.91 -0.75
CA PRO A 546 -40.55 -16.28 -2.01
C PRO A 546 -39.34 -15.72 -2.76
N ARG A 547 -39.43 -15.78 -4.09
CA ARG A 547 -38.28 -15.42 -4.92
C ARG A 547 -38.04 -13.91 -4.93
N ARG A 548 -39.02 -13.14 -5.41
CA ARG A 548 -38.78 -11.72 -5.64
C ARG A 548 -38.49 -10.98 -4.35
N GLN A 549 -39.25 -11.26 -3.30
CA GLN A 549 -39.09 -10.52 -2.05
C GLN A 549 -37.86 -10.94 -1.26
N ALA A 550 -37.35 -12.16 -1.47
CA ALA A 550 -36.23 -12.65 -0.68
C ALA A 550 -35.05 -11.70 -0.68
N MET A 551 -34.79 -11.03 -1.80
CA MET A 551 -33.67 -10.10 -1.85
C MET A 551 -33.70 -9.14 -0.67
N LYS A 552 -34.86 -8.55 -0.39
CA LYS A 552 -34.96 -7.63 0.74
C LYS A 552 -34.43 -8.28 2.00
N GLU A 553 -34.95 -9.47 2.35
CA GLU A 553 -34.42 -10.17 3.51
C GLU A 553 -32.92 -10.33 3.39
N MET A 554 -32.45 -10.87 2.26
CA MET A 554 -31.02 -11.05 2.06
C MET A 554 -30.27 -9.76 2.35
N SER A 555 -30.76 -8.64 1.80
CA SER A 555 -30.05 -7.38 2.00
C SER A 555 -29.88 -7.10 3.49
N ILE A 556 -30.98 -7.12 4.25
CA ILE A 556 -30.85 -6.81 5.66
C ILE A 556 -29.95 -7.83 6.33
N ASP A 557 -30.06 -9.11 5.93
CA ASP A 557 -29.17 -10.11 6.50
C ASP A 557 -27.72 -9.76 6.22
N GLN A 558 -27.40 -9.41 4.98
CA GLN A 558 -26.02 -9.07 4.67
C GLN A 558 -25.59 -7.84 5.45
N ALA A 559 -26.54 -6.95 5.75
CA ALA A 559 -26.21 -5.77 6.55
C ALA A 559 -25.94 -6.16 7.99
N LYS A 560 -26.66 -7.16 8.50
CA LYS A 560 -26.54 -7.51 9.91
C LYS A 560 -25.31 -8.39 10.13
N TYR A 561 -25.31 -9.59 9.54
CA TYR A 561 -24.29 -10.57 9.87
C TYR A 561 -22.89 -10.07 9.53
N GLN A 562 -22.72 -9.45 8.36
CA GLN A 562 -21.43 -8.85 8.06
C GLN A 562 -20.98 -7.92 9.17
N ARG A 563 -21.86 -7.01 9.61
CA ARG A 563 -21.52 -6.15 10.73
C ARG A 563 -21.08 -6.98 11.93
N TRP A 564 -21.85 -8.02 12.25
CA TRP A 564 -21.47 -8.90 13.34
C TRP A 564 -20.07 -9.47 13.13
N LEU A 565 -19.78 -9.97 11.92
CA LEU A 565 -18.44 -10.45 11.63
C LEU A 565 -17.40 -9.37 11.87
N ILE A 566 -17.71 -8.14 11.48
CA ILE A 566 -16.78 -7.05 11.72
C ILE A 566 -16.69 -6.74 13.20
N LYS A 567 -17.82 -6.82 13.91
CA LYS A 567 -17.81 -6.47 15.33
C LYS A 567 -16.88 -7.39 16.11
N ASN A 568 -16.92 -8.68 15.82
CA ASN A 568 -15.94 -9.61 16.35
C ASN A 568 -14.67 -9.53 15.53
N LYS A 569 -13.58 -10.04 16.11
CA LYS A 569 -12.27 -10.03 15.43
C LYS A 569 -12.22 -11.14 14.39
N MET A 570 -13.14 -11.05 13.43
CA MET A 570 -13.33 -12.08 12.41
C MET A 570 -12.96 -11.52 11.06
N LYS A 571 -12.14 -12.24 10.31
CA LYS A 571 -11.73 -11.87 8.97
C LYS A 571 -12.43 -12.83 8.01
N ALA A 572 -13.69 -12.51 7.68
CA ALA A 572 -14.49 -13.38 6.84
C ALA A 572 -15.53 -12.55 6.11
N PHE A 573 -16.02 -13.10 5.00
CA PHE A 573 -17.02 -12.44 4.18
C PHE A 573 -18.32 -13.23 4.27
N TYR A 574 -19.41 -12.52 4.54
CA TYR A 574 -20.74 -13.12 4.53
C TYR A 574 -21.29 -13.05 3.11
N ALA A 575 -21.49 -14.21 2.49
CA ALA A 575 -21.91 -14.30 1.09
C ALA A 575 -23.25 -15.03 1.01
N PRO A 576 -24.37 -14.32 1.04
CA PRO A 576 -25.67 -14.99 0.99
C PRO A 576 -26.13 -15.27 -0.43
N VAL A 577 -26.96 -16.30 -0.56
CA VAL A 577 -27.59 -16.66 -1.82
C VAL A 577 -29.03 -17.06 -1.55
N HIS A 578 -29.84 -17.01 -2.59
CA HIS A 578 -31.22 -17.46 -2.54
C HIS A 578 -31.35 -18.73 -3.36
N ALA A 579 -31.90 -19.78 -2.75
CA ALA A 579 -32.03 -21.05 -3.44
C ALA A 579 -33.21 -21.81 -2.84
N ASP A 580 -33.72 -22.77 -3.63
CA ASP A 580 -34.86 -23.54 -3.17
C ASP A 580 -34.48 -24.47 -2.02
N ASP A 581 -33.25 -24.96 -2.01
CA ASP A 581 -32.80 -25.89 -0.98
C ASP A 581 -31.31 -25.69 -0.74
N LEU A 582 -30.78 -26.46 0.20
CA LEU A 582 -29.36 -26.34 0.54
C LEU A 582 -28.47 -26.65 -0.65
N ARG A 583 -28.79 -27.70 -1.41
CA ARG A 583 -27.92 -28.10 -2.50
C ARG A 583 -27.83 -27.01 -3.56
N GLU A 584 -28.94 -26.36 -3.89
CA GLU A 584 -28.90 -25.36 -4.95
C GLU A 584 -28.02 -24.18 -4.56
N GLY A 585 -28.24 -23.62 -3.37
CA GLY A 585 -27.43 -22.49 -2.95
C GLY A 585 -25.99 -22.86 -2.71
N ALA A 586 -25.75 -24.05 -2.16
CA ALA A 586 -24.38 -24.51 -2.00
C ALA A 586 -23.69 -24.64 -3.33
N GLN A 587 -24.41 -25.12 -4.35
CA GLN A 587 -23.81 -25.20 -5.69
C GLN A 587 -23.55 -23.81 -6.25
N TYR A 588 -24.47 -22.86 -6.04
CA TYR A 588 -24.23 -21.49 -6.46
C TYR A 588 -22.91 -20.99 -5.89
N LEU A 589 -22.75 -21.10 -4.58
CA LEU A 589 -21.54 -20.60 -3.92
C LEU A 589 -20.31 -21.37 -4.38
N MET A 590 -20.36 -22.70 -4.32
CA MET A 590 -19.21 -23.52 -4.68
C MET A 590 -18.78 -23.31 -6.13
N GLN A 591 -19.72 -22.94 -7.01
CA GLN A 591 -19.40 -22.73 -8.42
C GLN A 591 -18.86 -21.34 -8.69
N ALA A 592 -19.46 -20.31 -8.09
CA ALA A 592 -19.08 -18.94 -8.42
C ALA A 592 -18.93 -18.07 -7.17
N ALA A 593 -18.24 -18.57 -6.15
CA ALA A 593 -17.90 -17.74 -5.01
C ALA A 593 -16.54 -17.09 -5.21
N GLY A 594 -16.40 -15.87 -4.73
CA GLY A 594 -15.14 -15.16 -4.87
C GLY A 594 -14.91 -14.74 -6.31
N LEU A 595 -13.70 -14.21 -6.54
CA LEU A 595 -13.31 -13.83 -7.89
C LEU A 595 -11.79 -13.90 -7.97
N GLY A 596 -11.30 -13.91 -9.21
CA GLY A 596 -9.86 -14.03 -9.40
C GLY A 596 -9.36 -15.33 -8.83
N ARG A 597 -8.28 -15.26 -8.07
CA ARG A 597 -7.70 -16.43 -7.43
C ARG A 597 -8.12 -16.59 -5.98
N MET A 598 -9.02 -15.74 -5.49
CA MET A 598 -9.55 -15.87 -4.13
C MET A 598 -10.81 -16.73 -4.11
N LYS A 599 -10.72 -17.92 -4.69
CA LYS A 599 -11.85 -18.83 -4.73
C LYS A 599 -11.74 -19.86 -3.62
N PRO A 600 -12.83 -20.20 -2.93
CA PRO A 600 -12.74 -21.26 -1.91
C PRO A 600 -12.28 -22.56 -2.52
N ASN A 601 -11.51 -23.33 -1.74
CA ASN A 601 -11.07 -24.65 -2.14
C ASN A 601 -11.37 -25.71 -1.09
N THR A 602 -12.09 -25.37 -0.03
CA THR A 602 -12.56 -26.34 0.95
C THR A 602 -13.98 -25.97 1.37
N LEU A 603 -14.78 -26.99 1.66
CA LEU A 603 -16.15 -26.82 2.14
C LEU A 603 -16.18 -27.26 3.60
N VAL A 604 -16.08 -26.31 4.50
CA VAL A 604 -16.12 -26.59 5.93
C VAL A 604 -17.59 -26.68 6.34
N LEU A 605 -17.97 -27.83 6.89
CA LEU A 605 -19.35 -28.13 7.26
C LEU A 605 -19.42 -28.43 8.74
N GLY A 606 -20.30 -27.73 9.46
CA GLY A 606 -20.56 -28.10 10.83
C GLY A 606 -21.26 -29.44 10.90
N PHE A 607 -20.80 -30.29 11.81
CA PHE A 607 -21.39 -31.61 11.96
C PHE A 607 -22.88 -31.47 12.28
N LYS A 608 -23.70 -32.23 11.58
CA LYS A 608 -25.16 -32.12 11.72
C LYS A 608 -25.57 -32.85 12.98
N LYS A 609 -25.48 -32.17 14.12
CA LYS A 609 -26.07 -32.69 15.33
C LYS A 609 -27.58 -32.85 15.14
N ASP A 610 -28.21 -33.52 16.10
CA ASP A 610 -29.66 -33.77 16.06
C ASP A 610 -30.10 -34.32 14.70
N TRP A 611 -29.21 -35.03 14.01
CA TRP A 611 -29.60 -35.64 12.74
C TRP A 611 -30.67 -36.70 12.93
N LEU A 612 -30.75 -37.29 14.13
CA LEU A 612 -31.80 -38.27 14.40
C LEU A 612 -33.17 -37.61 14.43
N GLN A 613 -33.30 -36.47 15.12
CA GLN A 613 -34.59 -35.80 15.22
C GLN A 613 -35.01 -35.19 13.88
N ALA A 614 -34.05 -34.69 13.11
CA ALA A 614 -34.39 -33.94 11.91
C ALA A 614 -34.95 -34.84 10.82
N ASP A 615 -35.71 -34.23 9.91
CA ASP A 615 -36.25 -34.95 8.77
C ASP A 615 -35.10 -35.55 7.96
N MET A 616 -35.32 -36.77 7.47
CA MET A 616 -34.23 -37.49 6.81
C MET A 616 -33.90 -36.87 5.46
N ARG A 617 -34.82 -36.15 4.85
CA ARG A 617 -34.48 -35.43 3.64
C ARG A 617 -33.30 -34.50 3.88
N ASP A 618 -33.25 -33.86 5.05
CA ASP A 618 -32.13 -32.99 5.38
C ASP A 618 -30.82 -33.78 5.48
N VAL A 619 -30.87 -34.98 6.05
CA VAL A 619 -29.65 -35.76 6.19
C VAL A 619 -29.15 -36.22 4.83
N ASP A 620 -30.06 -36.68 3.97
CA ASP A 620 -29.64 -37.04 2.61
C ASP A 620 -29.11 -35.83 1.87
N MET A 621 -29.68 -34.65 2.13
CA MET A 621 -29.15 -33.42 1.57
C MET A 621 -27.73 -33.16 2.05
N TYR A 622 -27.48 -33.41 3.33
CA TYR A 622 -26.14 -33.27 3.89
C TYR A 622 -25.14 -34.17 3.17
N ILE A 623 -25.49 -35.44 3.01
CA ILE A 623 -24.55 -36.37 2.38
C ILE A 623 -24.37 -36.03 0.90
N ASN A 624 -25.44 -35.62 0.23
CA ASN A 624 -25.30 -35.20 -1.16
C ASN A 624 -24.43 -33.96 -1.27
N LEU A 625 -24.48 -33.08 -0.27
CA LEU A 625 -23.59 -31.92 -0.27
C LEU A 625 -22.14 -32.36 -0.13
N PHE A 626 -21.88 -33.35 0.74
CA PHE A 626 -20.55 -33.95 0.79
C PHE A 626 -20.11 -34.40 -0.60
N HIS A 627 -20.98 -35.16 -1.27
CA HIS A 627 -20.63 -35.72 -2.57
C HIS A 627 -20.41 -34.62 -3.60
N ASP A 628 -21.23 -33.58 -3.56
CA ASP A 628 -21.06 -32.47 -4.49
C ASP A 628 -19.72 -31.78 -4.27
N ALA A 629 -19.35 -31.56 -3.01
CA ALA A 629 -18.06 -30.97 -2.72
C ALA A 629 -16.93 -31.83 -3.27
N PHE A 630 -17.05 -33.15 -3.10
CA PHE A 630 -16.01 -34.03 -3.63
C PHE A 630 -15.98 -34.01 -5.15
N ASP A 631 -17.14 -33.84 -5.80
CA ASP A 631 -17.20 -33.85 -7.25
C ASP A 631 -16.58 -32.60 -7.86
N ILE A 632 -16.67 -31.46 -7.16
CA ILE A 632 -16.15 -30.19 -7.66
C ILE A 632 -14.72 -29.95 -7.19
N GLN A 633 -14.04 -30.96 -6.67
CA GLN A 633 -12.65 -30.85 -6.25
C GLN A 633 -12.49 -29.87 -5.09
N TYR A 634 -13.27 -30.12 -4.03
CA TYR A 634 -13.17 -29.37 -2.79
C TYR A 634 -12.70 -30.31 -1.68
N GLY A 635 -12.19 -29.72 -0.61
CA GLY A 635 -11.80 -30.48 0.56
C GLY A 635 -12.77 -30.31 1.70
N VAL A 636 -13.57 -31.33 1.97
CA VAL A 636 -14.59 -31.24 3.01
C VAL A 636 -13.92 -31.29 4.37
N VAL A 637 -14.41 -30.48 5.31
CA VAL A 637 -13.95 -30.48 6.69
C VAL A 637 -15.20 -30.48 7.57
N VAL A 638 -15.36 -31.52 8.36
CA VAL A 638 -16.51 -31.67 9.25
C VAL A 638 -16.05 -31.41 10.68
N ILE A 639 -16.64 -30.40 11.32
CA ILE A 639 -16.21 -29.93 12.62
C ILE A 639 -17.28 -30.27 13.63
N ARG A 640 -16.90 -30.91 14.74
CA ARG A 640 -17.83 -31.23 15.82
C ARG A 640 -17.29 -30.68 17.13
N LEU A 641 -18.11 -29.88 17.80
CA LEU A 641 -17.80 -29.16 19.02
C LEU A 641 -18.89 -29.41 20.06
N LYS A 642 -18.65 -28.88 21.26
CA LYS A 642 -19.70 -28.68 22.26
C LYS A 642 -20.11 -27.22 22.16
N GLU A 643 -21.20 -26.96 21.44
CA GLU A 643 -21.59 -25.59 21.16
C GLU A 643 -21.98 -24.84 22.42
N GLY A 644 -22.60 -25.52 23.39
CA GLY A 644 -23.09 -24.83 24.58
C GLY A 644 -21.98 -24.11 25.32
N LEU A 645 -20.83 -24.76 25.49
CA LEU A 645 -19.69 -24.15 26.15
C LEU A 645 -18.86 -23.36 25.13
N ASN A 741 -0.96 -34.08 24.78
CA ASN A 741 -2.33 -34.07 25.30
C ASN A 741 -3.06 -32.80 24.92
N THR A 742 -2.59 -32.11 23.87
CA THR A 742 -3.16 -30.84 23.46
C THR A 742 -3.79 -30.89 22.09
N ILE A 743 -3.06 -31.31 21.06
CA ILE A 743 -3.59 -31.48 19.71
C ILE A 743 -3.20 -32.86 19.22
N ASP A 744 -4.15 -33.57 18.63
CA ASP A 744 -3.94 -34.91 18.10
C ASP A 744 -4.26 -34.93 16.62
N VAL A 745 -3.41 -35.58 15.83
CA VAL A 745 -3.62 -35.76 14.40
C VAL A 745 -3.64 -37.25 14.12
N TRP A 746 -4.57 -37.68 13.29
CA TRP A 746 -4.74 -39.09 12.92
C TRP A 746 -4.64 -39.17 11.40
N TRP A 747 -3.41 -39.32 10.91
CA TRP A 747 -3.16 -39.36 9.47
C TRP A 747 -3.45 -40.76 8.92
N LEU A 748 -4.70 -41.19 9.12
CA LEU A 748 -5.09 -42.53 8.71
C LEU A 748 -5.07 -42.67 7.19
N PHE A 749 -5.66 -41.72 6.48
CA PHE A 749 -5.75 -41.75 5.03
C PHE A 749 -4.87 -40.66 4.42
N ASP A 750 -4.07 -41.05 3.44
CA ASP A 750 -3.22 -40.08 2.76
C ASP A 750 -4.05 -39.24 1.79
N ASP A 751 -3.84 -37.94 1.83
CA ASP A 751 -4.37 -37.02 0.84
C ASP A 751 -3.29 -35.98 0.57
N GLY A 752 -3.64 -34.90 -0.11
CA GLY A 752 -2.65 -33.91 -0.47
C GLY A 752 -1.85 -33.37 0.71
N GLY A 753 -2.46 -33.35 1.90
CA GLY A 753 -1.79 -32.86 3.08
C GLY A 753 -2.63 -31.92 3.90
N LEU A 754 -3.91 -31.75 3.52
CA LEU A 754 -4.78 -30.85 4.25
C LEU A 754 -4.95 -31.29 5.70
N THR A 755 -5.13 -32.59 5.94
CA THR A 755 -5.30 -33.08 7.30
C THR A 755 -4.11 -32.80 8.19
N LEU A 756 -2.92 -32.64 7.63
CA LEU A 756 -1.74 -32.23 8.38
C LEU A 756 -1.53 -30.73 8.35
N LEU A 757 -1.86 -30.07 7.24
CA LEU A 757 -1.71 -28.62 7.17
C LEU A 757 -2.59 -27.92 8.20
N ILE A 758 -3.83 -28.36 8.36
CA ILE A 758 -4.74 -27.68 9.27
C ILE A 758 -4.23 -27.70 10.70
N PRO A 759 -3.78 -28.84 11.25
CA PRO A 759 -3.21 -28.78 12.60
C PRO A 759 -2.07 -27.79 12.73
N TYR A 760 -1.17 -27.73 11.76
CA TYR A 760 -0.07 -26.78 11.84
C TYR A 760 -0.58 -25.36 11.87
N LEU A 761 -1.54 -25.03 11.00
CA LEU A 761 -2.09 -23.68 11.01
C LEU A 761 -2.76 -23.38 12.35
N LEU A 762 -3.35 -24.39 12.99
CA LEU A 762 -3.93 -24.17 14.30
C LEU A 762 -2.84 -23.88 15.34
N THR A 763 -1.68 -24.53 15.21
CA THR A 763 -0.63 -24.31 16.20
C THR A 763 -0.14 -22.87 16.20
N THR A 764 0.06 -22.28 15.02
CA THR A 764 0.65 -20.95 14.91
C THR A 764 -0.39 -19.87 15.21
N LYS A 765 -0.90 -19.89 16.44
CA LYS A 765 -1.86 -18.90 16.88
C LYS A 765 -1.68 -18.64 18.36
N LYS A 766 -2.11 -17.45 18.78
CA LYS A 766 -1.91 -17.02 20.15
C LYS A 766 -2.64 -17.92 21.14
N LYS A 767 -3.83 -18.41 20.77
CA LYS A 767 -4.58 -19.26 21.67
C LYS A 767 -3.82 -20.53 22.00
N TRP A 768 -3.11 -21.09 21.02
CA TRP A 768 -2.48 -22.40 21.17
C TRP A 768 -1.01 -22.41 20.81
N LYS A 769 -0.22 -21.49 21.37
CA LYS A 769 1.23 -21.56 21.19
C LYS A 769 1.77 -22.92 21.59
N ASP A 770 1.35 -23.44 22.76
CA ASP A 770 1.80 -24.75 23.24
C ASP A 770 0.97 -25.81 22.53
N CYS A 771 1.39 -26.12 21.30
CA CYS A 771 0.61 -27.01 20.44
C CYS A 771 0.85 -28.47 20.81
N LYS A 772 2.09 -28.94 20.68
CA LYS A 772 2.45 -30.32 20.99
C LYS A 772 1.55 -31.30 20.24
N ILE A 773 1.69 -31.28 18.91
CA ILE A 773 0.95 -32.19 18.06
C ILE A 773 1.42 -33.61 18.32
N ARG A 774 0.47 -34.50 18.61
CA ARG A 774 0.74 -35.93 18.71
C ARG A 774 0.15 -36.59 17.47
N VAL A 775 0.99 -37.27 16.70
CA VAL A 775 0.59 -37.85 15.43
C VAL A 775 0.35 -39.34 15.59
N PHE A 776 -0.63 -39.87 14.86
CA PHE A 776 -0.96 -41.28 14.86
C PHE A 776 -1.12 -41.77 13.43
N ILE A 777 -0.89 -43.07 13.23
CA ILE A 777 -1.01 -43.67 11.91
C ILE A 777 -1.34 -45.15 12.10
N GLY A 778 -2.05 -45.70 11.13
CA GLY A 778 -2.36 -47.11 11.16
C GLY A 778 -1.26 -47.94 10.52
N GLY A 779 -0.40 -48.53 11.34
CA GLY A 779 0.69 -49.34 10.86
C GLY A 779 0.56 -50.77 11.33
N LYS A 780 1.01 -51.70 10.49
CA LYS A 780 0.96 -53.10 10.85
C LYS A 780 1.86 -53.38 12.05
N ILE A 781 1.47 -54.38 12.84
CA ILE A 781 2.29 -54.79 13.96
C ILE A 781 3.64 -55.30 13.44
N ASN A 782 4.60 -55.40 14.35
CA ASN A 782 5.99 -55.78 14.05
C ASN A 782 6.60 -54.92 12.95
N ARG A 783 6.04 -53.73 12.72
CA ARG A 783 6.60 -52.75 11.80
C ARG A 783 6.51 -51.34 12.36
N ILE A 784 6.15 -51.22 13.65
CA ILE A 784 5.91 -49.90 14.22
C ILE A 784 7.18 -49.07 14.24
N ASP A 785 8.34 -49.71 14.43
CA ASP A 785 9.59 -48.96 14.38
C ASP A 785 9.82 -48.37 13.00
N HIS A 786 9.64 -49.18 11.95
CA HIS A 786 9.87 -48.68 10.59
C HIS A 786 8.85 -47.61 10.22
N ASP A 787 7.58 -47.83 10.54
CA ASP A 787 6.55 -46.83 10.24
C ASP A 787 6.82 -45.54 10.98
N ARG A 788 7.22 -45.64 12.25
CA ARG A 788 7.53 -44.45 13.02
C ARG A 788 8.72 -43.70 12.43
N ARG A 789 9.77 -44.42 12.04
CA ARG A 789 10.92 -43.78 11.41
C ARG A 789 10.51 -43.07 10.13
N ALA A 790 9.74 -43.75 9.27
CA ALA A 790 9.34 -43.16 8.00
C ALA A 790 8.46 -41.93 8.23
N MET A 791 7.51 -42.01 9.16
CA MET A 791 6.63 -40.88 9.42
C MET A 791 7.39 -39.71 10.02
N ALA A 792 8.33 -39.99 10.92
CA ALA A 792 9.15 -38.92 11.47
C ALA A 792 9.96 -38.24 10.38
N THR A 793 10.53 -39.02 9.46
CA THR A 793 11.25 -38.42 8.34
C THR A 793 10.33 -37.56 7.49
N LEU A 794 9.14 -38.08 7.17
CA LEU A 794 8.22 -37.32 6.34
C LEU A 794 7.80 -36.02 7.02
N LEU A 795 7.53 -36.08 8.32
CA LEU A 795 7.13 -34.91 9.09
C LEU A 795 8.27 -33.97 9.34
N SER A 796 9.52 -34.42 9.20
CA SER A 796 10.64 -33.50 9.17
C SER A 796 10.74 -32.82 7.81
N LYS A 797 10.40 -33.53 6.74
CA LYS A 797 10.40 -32.91 5.41
C LYS A 797 9.38 -31.79 5.34
N PHE A 798 8.16 -32.03 5.83
CA PHE A 798 7.17 -30.97 6.02
C PHE A 798 7.32 -30.48 7.45
N ARG A 799 7.90 -29.29 7.62
CA ARG A 799 8.31 -28.85 8.94
C ARG A 799 7.09 -28.52 9.80
N ILE A 800 6.58 -29.52 10.52
CA ILE A 800 5.36 -29.38 11.31
C ILE A 800 5.68 -29.47 12.80
N ASP A 801 6.81 -30.07 13.14
CA ASP A 801 7.29 -30.10 14.53
C ASP A 801 6.28 -30.80 15.44
N PHE A 802 6.10 -32.09 15.18
CA PHE A 802 5.25 -32.92 16.03
C PHE A 802 5.87 -33.05 17.43
N SER A 803 5.06 -33.56 18.36
CA SER A 803 5.53 -33.81 19.72
C SER A 803 6.05 -35.23 19.87
N ASP A 804 5.27 -36.22 19.42
CA ASP A 804 5.71 -37.60 19.45
C ASP A 804 4.76 -38.43 18.58
N ILE A 805 5.34 -39.18 17.65
CA ILE A 805 4.57 -39.99 16.71
C ILE A 805 4.27 -41.33 17.36
N MET A 806 3.02 -41.76 17.24
CA MET A 806 2.59 -43.07 17.71
C MET A 806 2.04 -43.87 16.55
N VAL A 807 2.18 -45.19 16.62
CA VAL A 807 1.70 -46.09 15.59
C VAL A 807 0.72 -47.07 16.23
N LEU A 808 -0.44 -47.24 15.61
CA LEU A 808 -1.49 -48.11 16.11
C LEU A 808 -1.71 -49.23 15.10
N GLY A 809 -1.73 -50.46 15.60
CA GLY A 809 -2.01 -51.62 14.76
C GLY A 809 -3.36 -52.24 15.07
N ASP A 810 -4.07 -51.68 16.05
CA ASP A 810 -5.37 -52.19 16.45
C ASP A 810 -6.53 -51.51 15.74
N ILE A 811 -6.23 -50.59 14.80
CA ILE A 811 -7.30 -49.78 14.22
C ILE A 811 -8.33 -50.66 13.50
N ASN A 812 -7.88 -51.74 12.85
CA ASN A 812 -8.77 -52.65 12.14
C ASN A 812 -8.81 -53.96 12.91
N THR A 813 -9.69 -54.01 13.91
CA THR A 813 -9.92 -55.20 14.71
C THR A 813 -11.36 -55.20 15.16
N LYS A 814 -11.85 -56.36 15.58
CA LYS A 814 -13.22 -56.45 16.06
C LYS A 814 -13.35 -55.64 17.36
N PRO A 815 -14.25 -54.67 17.44
CA PRO A 815 -14.39 -53.88 18.67
C PRO A 815 -15.28 -54.60 19.68
N LYS A 816 -15.36 -54.00 20.87
CA LYS A 816 -16.20 -54.56 21.93
C LYS A 816 -17.65 -54.60 21.49
N LYS A 817 -18.33 -55.71 21.80
CA LYS A 817 -19.69 -55.91 21.31
C LYS A 817 -20.68 -54.90 21.89
N GLU A 818 -20.39 -54.30 23.05
CA GLU A 818 -21.28 -53.28 23.58
C GLU A 818 -21.42 -52.12 22.60
N ASN A 819 -20.29 -51.65 22.06
CA ASN A 819 -20.36 -50.58 21.07
C ASN A 819 -21.03 -51.06 19.79
N ILE A 820 -20.85 -52.33 19.42
CA ILE A 820 -21.50 -52.86 18.23
C ILE A 820 -23.02 -52.78 18.40
N ILE A 821 -23.54 -53.21 19.55
CA ILE A 821 -24.98 -53.18 19.75
C ILE A 821 -25.46 -51.74 19.87
N ALA A 822 -24.64 -50.85 20.43
CA ALA A 822 -25.01 -49.43 20.45
C ALA A 822 -25.18 -48.89 19.04
N PHE A 823 -24.23 -49.19 18.16
CA PHE A 823 -24.34 -48.74 16.78
C PHE A 823 -25.55 -49.36 16.10
N GLU A 824 -25.79 -50.66 16.34
CA GLU A 824 -26.91 -51.33 15.70
C GLU A 824 -28.23 -50.71 16.12
N GLU A 825 -28.40 -50.44 17.43
CA GLU A 825 -29.66 -49.86 17.89
C GLU A 825 -29.79 -48.40 17.44
N ILE A 826 -28.66 -47.70 17.26
CA ILE A 826 -28.73 -46.36 16.70
C ILE A 826 -29.27 -46.42 15.27
N ILE A 827 -28.81 -47.40 14.50
CA ILE A 827 -29.27 -47.47 13.10
C ILE A 827 -30.68 -48.03 13.01
N GLU A 828 -31.11 -48.81 14.01
CA GLU A 828 -32.36 -49.57 13.96
C GLU A 828 -33.51 -48.83 13.29
N PRO A 829 -33.78 -47.57 13.61
CA PRO A 829 -34.86 -46.86 12.93
C PRO A 829 -34.70 -46.84 11.42
N TYR A 830 -33.48 -46.72 10.90
CA TYR A 830 -33.22 -46.56 9.48
C TYR A 830 -32.90 -47.87 8.79
N ARG A 831 -33.01 -49.00 9.48
CA ARG A 831 -32.72 -50.29 8.88
C ARG A 831 -33.75 -50.63 7.81
N LEU A 832 -33.38 -51.59 6.96
CA LEU A 832 -34.29 -52.16 5.96
C LEU A 832 -34.26 -53.67 6.18
N HIS A 833 -35.13 -54.16 7.06
CA HIS A 833 -35.18 -55.59 7.35
C HIS A 833 -35.89 -56.33 6.22
N GLU A 834 -35.30 -56.23 5.03
CA GLU A 834 -35.89 -56.84 3.85
C GLU A 834 -35.96 -58.36 3.98
N ASP A 835 -34.92 -58.98 4.52
CA ASP A 835 -34.91 -60.43 4.68
C ASP A 835 -36.04 -60.88 5.61
N ASP A 836 -36.26 -60.14 6.71
CA ASP A 836 -37.28 -60.55 7.67
C ASP A 836 -38.68 -60.37 7.11
N LYS A 837 -38.96 -59.23 6.49
CA LYS A 837 -40.28 -58.94 5.96
C LYS A 837 -40.42 -59.45 4.53
N GLU A 838 -41.65 -59.45 4.04
CA GLU A 838 -41.93 -59.94 2.70
C GLU A 838 -41.27 -59.05 1.66
N GLN A 839 -40.89 -59.66 0.54
CA GLN A 839 -40.14 -58.94 -0.49
C GLN A 839 -40.93 -57.78 -1.06
N ASP A 840 -42.22 -57.99 -1.36
CA ASP A 840 -43.00 -56.95 -2.02
C ASP A 840 -43.18 -55.74 -1.11
N ILE A 841 -43.58 -55.96 0.15
CA ILE A 841 -43.78 -54.85 1.06
C ILE A 841 -42.46 -54.14 1.33
N ALA A 842 -41.38 -54.90 1.47
CA ALA A 842 -40.08 -54.29 1.69
C ALA A 842 -39.68 -53.41 0.51
N ASP A 843 -39.91 -53.89 -0.71
CA ASP A 843 -39.64 -53.07 -1.89
C ASP A 843 -40.51 -51.82 -1.89
N LYS A 844 -41.78 -51.95 -1.50
CA LYS A 844 -42.68 -50.80 -1.48
C LYS A 844 -42.18 -49.74 -0.51
N MET A 845 -41.76 -50.16 0.69
CA MET A 845 -41.31 -49.19 1.68
C MET A 845 -39.83 -48.81 1.52
N LYS A 846 -39.12 -49.44 0.59
CA LYS A 846 -37.77 -49.03 0.24
C LYS A 846 -37.76 -48.03 -0.92
N GLU A 847 -38.56 -48.26 -1.95
CA GLU A 847 -38.59 -47.34 -3.08
C GLU A 847 -39.13 -45.98 -2.70
N ASP A 848 -40.17 -45.95 -1.85
CA ASP A 848 -40.71 -44.66 -1.41
C ASP A 848 -39.72 -43.93 -0.50
N GLU A 849 -38.88 -44.67 0.22
CA GLU A 849 -37.87 -44.10 1.11
C GLU A 849 -36.53 -44.70 0.72
N PRO A 850 -35.90 -44.20 -0.35
CA PRO A 850 -34.66 -44.82 -0.82
C PRO A 850 -33.49 -44.67 0.13
N TRP A 851 -33.59 -43.79 1.11
CA TRP A 851 -32.52 -43.61 2.10
C TRP A 851 -32.38 -44.81 3.03
N ARG A 852 -33.32 -45.74 3.02
CA ARG A 852 -33.26 -46.87 3.94
C ARG A 852 -32.00 -47.69 3.68
N ILE A 853 -31.48 -48.26 4.77
CA ILE A 853 -30.23 -49.02 4.72
C ILE A 853 -30.55 -50.47 4.37
N THR A 854 -30.27 -50.84 3.13
CA THR A 854 -30.46 -52.23 2.72
C THR A 854 -29.53 -53.14 3.52
N ASP A 855 -30.02 -54.34 3.85
CA ASP A 855 -29.17 -55.29 4.54
C ASP A 855 -27.96 -55.67 3.71
N ASN A 856 -28.07 -55.59 2.37
CA ASN A 856 -26.91 -55.85 1.53
C ASN A 856 -25.81 -54.83 1.80
N GLU A 857 -26.18 -53.57 2.01
CA GLU A 857 -25.19 -52.56 2.35
C GLU A 857 -24.47 -52.92 3.64
N LEU A 858 -25.22 -53.35 4.65
CA LEU A 858 -24.59 -53.73 5.91
C LEU A 858 -23.66 -54.92 5.71
N GLU A 859 -24.07 -55.91 4.93
CA GLU A 859 -23.20 -57.06 4.72
C GLU A 859 -21.95 -56.69 3.95
N LEU A 860 -22.04 -55.75 3.01
CA LEU A 860 -20.86 -55.34 2.26
C LEU A 860 -19.92 -54.48 3.11
N TYR A 861 -20.46 -53.61 3.96
CA TYR A 861 -19.66 -52.63 4.69
C TYR A 861 -19.60 -52.94 6.19
N LYS A 862 -19.81 -54.20 6.57
CA LYS A 862 -19.56 -54.60 7.95
C LYS A 862 -18.14 -54.27 8.37
N THR A 863 -17.17 -54.51 7.49
CA THR A 863 -15.78 -54.22 7.83
C THR A 863 -15.58 -52.73 8.09
N LYS A 864 -16.17 -51.88 7.25
CA LYS A 864 -16.02 -50.44 7.44
C LYS A 864 -16.73 -49.98 8.70
N THR A 865 -17.90 -50.53 9.00
CA THR A 865 -18.60 -50.18 10.23
C THR A 865 -17.76 -50.54 11.44
N TYR A 866 -17.19 -51.75 11.45
CA TYR A 866 -16.28 -52.12 12.52
C TYR A 866 -15.11 -51.16 12.60
N ARG A 867 -14.61 -50.73 11.44
CA ARG A 867 -13.47 -49.82 11.42
C ARG A 867 -13.81 -48.52 12.11
N GLN A 868 -14.95 -47.92 11.77
CA GLN A 868 -15.31 -46.66 12.40
C GLN A 868 -15.55 -46.84 13.89
N ILE A 869 -16.24 -47.91 14.28
CA ILE A 869 -16.51 -48.13 15.70
C ILE A 869 -15.21 -48.31 16.46
N ARG A 870 -14.30 -49.11 15.92
CA ARG A 870 -13.04 -49.36 16.60
C ARG A 870 -12.19 -48.10 16.68
N LEU A 871 -12.18 -47.30 15.61
CA LEU A 871 -11.45 -46.05 15.66
C LEU A 871 -12.00 -45.16 16.76
N ASN A 872 -13.33 -45.07 16.87
CA ASN A 872 -13.90 -44.25 17.93
C ASN A 872 -13.53 -44.81 19.31
N GLU A 873 -13.58 -46.13 19.48
CA GLU A 873 -13.25 -46.69 20.79
C GLU A 873 -11.81 -46.37 21.17
N LEU A 874 -10.86 -46.68 20.29
CA LEU A 874 -9.47 -46.52 20.66
C LEU A 874 -9.13 -45.05 20.81
N LEU A 875 -9.70 -44.18 19.98
CA LEU A 875 -9.47 -42.76 20.13
C LEU A 875 -10.02 -42.24 21.44
N LYS A 876 -11.25 -42.65 21.81
CA LYS A 876 -11.84 -42.18 23.05
C LYS A 876 -11.06 -42.65 24.26
N GLU A 877 -10.69 -43.92 24.30
CA GLU A 877 -9.95 -44.44 25.45
C GLU A 877 -8.53 -43.93 25.50
N HIS A 878 -7.95 -43.55 24.36
CA HIS A 878 -6.57 -43.09 24.33
C HIS A 878 -6.46 -41.57 24.51
N SER A 879 -7.10 -40.81 23.62
CA SER A 879 -6.96 -39.36 23.58
C SER A 879 -8.16 -38.66 24.20
N SER A 880 -8.72 -39.21 25.28
CA SER A 880 -9.85 -38.57 25.93
C SER A 880 -9.54 -37.14 26.30
N THR A 881 -8.32 -36.87 26.76
CA THR A 881 -7.88 -35.52 27.12
C THR A 881 -7.08 -34.96 25.94
N ALA A 882 -7.66 -33.95 25.29
CA ALA A 882 -7.01 -33.26 24.18
C ALA A 882 -7.89 -32.07 23.81
N ASN A 883 -7.27 -31.00 23.35
CA ASN A 883 -8.01 -29.80 23.03
C ASN A 883 -8.50 -29.78 21.59
N ILE A 884 -7.82 -30.48 20.68
CA ILE A 884 -8.23 -30.58 19.29
C ILE A 884 -7.88 -31.98 18.80
N ILE A 885 -8.77 -32.57 18.02
CA ILE A 885 -8.56 -33.87 17.40
C ILE A 885 -8.84 -33.72 15.91
N VAL A 886 -7.95 -34.26 15.08
CA VAL A 886 -8.07 -34.20 13.64
C VAL A 886 -7.99 -35.63 13.11
N MET A 887 -8.87 -35.97 12.17
CA MET A 887 -8.89 -37.29 11.57
C MET A 887 -9.35 -37.17 10.12
N SER A 888 -9.05 -38.19 9.33
CA SER A 888 -9.54 -38.26 7.95
C SER A 888 -10.93 -38.88 7.96
N LEU A 889 -11.92 -38.15 7.43
CA LEU A 889 -13.28 -38.65 7.44
C LEU A 889 -13.45 -39.80 6.45
N PRO A 890 -14.31 -40.77 6.75
CA PRO A 890 -14.57 -41.83 5.78
C PRO A 890 -15.36 -41.31 4.59
N VAL A 891 -15.21 -41.99 3.46
CA VAL A 891 -15.86 -41.60 2.22
C VAL A 891 -16.38 -42.84 1.53
N ALA A 892 -17.60 -42.74 0.97
CA ALA A 892 -18.19 -43.80 0.16
C ALA A 892 -18.73 -43.20 -1.13
N ARG A 893 -18.74 -44.01 -2.18
CA ARG A 893 -19.22 -43.55 -3.47
C ARG A 893 -20.71 -43.20 -3.40
N LYS A 894 -21.10 -42.23 -4.20
CA LYS A 894 -22.49 -41.78 -4.22
C LYS A 894 -23.40 -42.94 -4.63
N GLY A 895 -24.33 -43.30 -3.76
CA GLY A 895 -25.24 -44.39 -4.01
C GLY A 895 -24.73 -45.74 -3.57
N ALA A 896 -23.43 -45.88 -3.33
CA ALA A 896 -22.89 -47.14 -2.83
C ALA A 896 -23.45 -47.46 -1.45
N VAL A 897 -23.53 -46.45 -0.59
CA VAL A 897 -24.03 -46.61 0.77
C VAL A 897 -25.15 -45.61 1.00
N SER A 898 -26.11 -46.01 1.82
CA SER A 898 -27.22 -45.13 2.15
C SER A 898 -26.72 -43.92 2.92
N SER A 899 -27.43 -42.80 2.75
CA SER A 899 -27.11 -41.60 3.51
C SER A 899 -27.22 -41.86 5.00
N ALA A 900 -28.19 -42.68 5.41
CA ALA A 900 -28.30 -43.05 6.81
C ALA A 900 -27.04 -43.77 7.29
N LEU A 901 -26.54 -44.71 6.51
CA LEU A 901 -25.35 -45.45 6.91
C LEU A 901 -24.14 -44.53 7.01
N TYR A 902 -23.98 -43.63 6.03
CA TYR A 902 -22.84 -42.72 6.06
C TYR A 902 -22.91 -41.78 7.27
N MET A 903 -24.09 -41.24 7.55
CA MET A 903 -24.21 -40.38 8.73
C MET A 903 -24.00 -41.17 10.00
N ALA A 904 -24.44 -42.43 10.04
CA ALA A 904 -24.17 -43.26 11.20
C ALA A 904 -22.67 -43.46 11.38
N TRP A 905 -21.94 -43.68 10.29
CA TRP A 905 -20.48 -43.80 10.37
C TRP A 905 -19.87 -42.53 10.94
N LEU A 906 -20.28 -41.37 10.42
CA LEU A 906 -19.72 -40.11 10.88
C LEU A 906 -20.01 -39.92 12.37
N GLU A 907 -21.23 -40.23 12.80
CA GLU A 907 -21.58 -40.03 14.21
C GLU A 907 -20.84 -41.00 15.11
N ALA A 908 -20.73 -42.26 14.71
CA ALA A 908 -20.04 -43.24 15.53
C ALA A 908 -18.56 -42.93 15.65
N LEU A 909 -17.94 -42.47 14.56
CA LEU A 909 -16.52 -42.16 14.58
C LEU A 909 -16.21 -41.06 15.58
N SER A 910 -17.11 -40.10 15.76
CA SER A 910 -16.93 -38.98 16.66
C SER A 910 -18.07 -38.92 17.67
N LYS A 911 -18.36 -40.06 18.29
CA LYS A 911 -19.54 -40.19 19.13
C LYS A 911 -19.53 -39.13 20.23
N ASP A 912 -18.54 -39.20 21.12
CA ASP A 912 -18.40 -38.20 22.18
C ASP A 912 -16.91 -38.05 22.49
N LEU A 913 -16.34 -36.95 22.03
CA LEU A 913 -14.92 -36.70 22.16
C LEU A 913 -14.68 -35.21 22.41
N PRO A 914 -13.44 -34.80 22.64
CA PRO A 914 -13.13 -33.37 22.62
C PRO A 914 -13.42 -32.79 21.24
N PRO A 915 -13.28 -31.48 21.07
CA PRO A 915 -13.44 -30.88 19.74
C PRO A 915 -12.71 -31.66 18.65
N ILE A 916 -13.45 -32.20 17.69
CA ILE A 916 -12.87 -33.03 16.65
C ILE A 916 -13.08 -32.35 15.30
N LEU A 917 -12.12 -32.52 14.40
CA LEU A 917 -12.07 -31.81 13.13
C LEU A 917 -11.70 -32.81 12.03
N LEU A 918 -12.70 -33.50 11.48
CA LEU A 918 -12.44 -34.47 10.43
C LEU A 918 -12.14 -33.74 9.13
N VAL A 919 -11.16 -34.23 8.37
CA VAL A 919 -10.63 -33.53 7.22
C VAL A 919 -10.59 -34.46 6.01
N ARG A 920 -10.59 -33.87 4.82
CA ARG A 920 -10.41 -34.61 3.57
C ARG A 920 -10.03 -33.62 2.48
N GLY A 921 -8.88 -33.85 1.85
CA GLY A 921 -8.38 -33.00 0.80
C GLY A 921 -8.51 -33.63 -0.57
N ASN A 922 -8.05 -32.87 -1.58
CA ASN A 922 -8.10 -33.31 -2.96
C ASN A 922 -6.72 -33.37 -3.60
N HIS A 923 -5.96 -32.27 -3.60
CA HIS A 923 -4.70 -32.15 -4.33
C HIS A 923 -3.59 -31.75 -3.36
N GLN A 924 -2.36 -31.83 -3.86
CA GLN A 924 -1.18 -31.59 -3.03
C GLN A 924 -1.24 -30.21 -2.40
N SER A 925 -0.89 -30.12 -1.12
CA SER A 925 -1.00 -28.89 -0.36
C SER A 925 0.30 -28.55 0.35
N VAL A 926 1.08 -29.56 0.72
CA VAL A 926 2.36 -29.39 1.41
C VAL A 926 3.46 -29.95 0.52
N LEU A 927 4.53 -29.18 0.36
CA LEU A 927 5.65 -29.57 -0.48
C LEU A 927 6.94 -29.50 0.33
N THR A 928 7.74 -30.57 0.25
CA THR A 928 9.03 -30.57 0.92
C THR A 928 9.95 -29.49 0.36
N PHE A 929 9.96 -29.35 -0.96
CA PHE A 929 10.83 -28.37 -1.61
C PHE A 929 10.48 -26.95 -1.17
N ALA B 1 26.88 -35.69 -6.26
CA ALA B 1 27.86 -36.76 -6.19
C ALA B 1 28.65 -36.69 -4.89
N VAL B 2 29.17 -35.49 -4.59
CA VAL B 2 29.94 -35.25 -3.38
C VAL B 2 29.05 -34.52 -2.38
N LYS B 3 29.05 -35.00 -1.15
CA LYS B 3 28.24 -34.44 -0.07
C LYS B 3 29.16 -34.25 1.14
N PHE B 4 29.51 -33.00 1.43
CA PHE B 4 30.51 -32.74 2.47
C PHE B 4 29.89 -32.83 3.85
N GLY B 5 28.85 -32.06 4.12
CA GLY B 5 28.27 -31.99 5.44
C GLY B 5 28.87 -30.86 6.25
N TRP B 6 28.20 -30.56 7.37
CA TRP B 6 28.55 -29.38 8.15
C TRP B 6 29.96 -29.47 8.72
N ILE B 7 30.46 -30.69 8.97
CA ILE B 7 31.78 -30.81 9.60
C ILE B 7 32.85 -30.22 8.70
N LYS B 8 32.78 -30.49 7.39
CA LYS B 8 33.76 -30.01 6.43
C LYS B 8 33.19 -28.99 5.46
N GLY B 9 32.01 -29.24 4.92
CA GLY B 9 31.47 -28.37 3.88
C GLY B 9 31.20 -26.96 4.36
N VAL B 10 30.53 -26.81 5.51
CA VAL B 10 30.08 -25.51 5.95
C VAL B 10 31.08 -24.91 6.92
N LEU B 11 31.31 -25.59 8.05
CA LEU B 11 32.09 -24.99 9.13
C LEU B 11 33.46 -24.52 8.63
N VAL B 12 34.20 -25.42 7.97
CA VAL B 12 35.55 -25.08 7.53
C VAL B 12 35.52 -23.95 6.51
N ARG B 13 34.60 -24.00 5.56
CA ARG B 13 34.61 -23.03 4.48
C ARG B 13 34.36 -21.61 5.00
N CYS B 14 33.29 -21.42 5.77
CA CYS B 14 33.01 -20.08 6.28
C CYS B 14 34.02 -19.67 7.33
N MET B 15 34.51 -20.62 8.14
CA MET B 15 35.59 -20.34 9.06
C MET B 15 36.77 -19.71 8.33
N LEU B 16 37.22 -20.34 7.25
CA LEU B 16 38.39 -19.86 6.53
C LEU B 16 38.09 -18.67 5.62
N ASN B 17 36.84 -18.45 5.24
CA ASN B 17 36.50 -17.26 4.47
C ASN B 17 36.45 -16.02 5.34
N ILE B 18 35.92 -16.13 6.56
CA ILE B 18 35.87 -14.96 7.44
C ILE B 18 37.28 -14.50 7.76
N TRP B 19 38.16 -15.43 8.12
CA TRP B 19 39.57 -15.11 8.30
C TRP B 19 40.21 -14.82 6.95
N GLY B 20 40.96 -13.73 6.87
CA GLY B 20 41.59 -13.31 5.62
C GLY B 20 42.84 -12.53 5.86
N VAL B 21 43.06 -11.50 5.02
CA VAL B 21 44.31 -10.76 5.06
C VAL B 21 44.44 -10.00 6.37
N MET B 22 43.36 -9.36 6.82
CA MET B 22 43.47 -8.42 7.94
C MET B 22 43.65 -9.14 9.27
N LEU B 23 43.41 -10.45 9.33
CA LEU B 23 43.43 -11.14 10.62
C LEU B 23 44.77 -10.96 11.34
N PHE B 24 45.85 -10.76 10.59
CA PHE B 24 47.16 -10.45 11.16
C PHE B 24 47.72 -9.12 10.74
N ILE B 25 47.42 -8.64 9.53
CA ILE B 25 48.11 -7.47 9.01
C ILE B 25 47.57 -6.20 9.65
N ARG B 26 46.29 -5.91 9.42
CA ARG B 26 45.72 -4.62 9.81
C ARG B 26 45.02 -4.67 11.17
N LEU B 27 45.04 -5.81 11.86
CA LEU B 27 44.42 -5.88 13.18
C LEU B 27 45.13 -4.96 14.16
N SER B 28 46.47 -4.96 14.14
CA SER B 28 47.23 -4.02 14.96
C SER B 28 46.82 -2.59 14.63
N TRP B 29 46.60 -2.30 13.35
CA TRP B 29 46.23 -0.95 12.94
C TRP B 29 44.93 -0.52 13.61
N ILE B 30 43.91 -1.38 13.58
CA ILE B 30 42.62 -0.99 14.15
C ILE B 30 42.71 -0.91 15.67
N VAL B 31 43.42 -1.85 16.30
CA VAL B 31 43.48 -1.85 17.76
C VAL B 31 44.35 -0.71 18.28
N GLY B 32 45.23 -0.15 17.44
CA GLY B 32 46.02 0.99 17.86
C GLY B 32 45.32 2.30 17.57
N GLN B 33 44.83 2.47 16.33
CA GLN B 33 44.13 3.69 15.96
C GLN B 33 42.93 3.92 16.88
N ALA B 34 42.13 2.88 17.08
CA ALA B 34 41.02 2.90 18.02
C ALA B 34 41.38 2.04 19.22
N GLY B 35 41.04 2.52 20.41
CA GLY B 35 41.40 1.83 21.63
C GLY B 35 40.86 0.41 21.67
N ILE B 36 41.24 -0.29 22.74
CA ILE B 36 40.73 -1.65 22.94
C ILE B 36 39.21 -1.61 23.08
N GLY B 37 38.68 -0.63 23.81
CA GLY B 37 37.24 -0.55 23.96
C GLY B 37 36.55 -0.27 22.64
N LEU B 38 37.04 0.70 21.89
CA LEU B 38 36.43 1.01 20.60
C LEU B 38 36.68 -0.10 19.59
N SER B 39 37.84 -0.74 19.65
CA SER B 39 38.11 -1.87 18.76
C SER B 39 37.12 -3.01 19.03
N VAL B 40 36.91 -3.34 20.30
CA VAL B 40 35.96 -4.40 20.62
C VAL B 40 34.55 -3.98 20.25
N LEU B 41 34.22 -2.70 20.40
CA LEU B 41 32.90 -2.24 19.97
C LEU B 41 32.71 -2.43 18.48
N VAL B 42 33.73 -2.09 17.68
CA VAL B 42 33.65 -2.28 16.25
C VAL B 42 33.51 -3.77 15.91
N ILE B 43 34.27 -4.61 16.60
CA ILE B 43 34.16 -6.05 16.40
C ILE B 43 32.74 -6.50 16.72
N MET B 44 32.14 -5.95 17.77
CA MET B 44 30.78 -6.31 18.14
C MET B 44 29.79 -5.87 17.08
N MET B 45 29.96 -4.69 16.51
CA MET B 45 29.05 -4.23 15.47
C MET B 45 29.12 -5.15 14.24
N ALA B 46 30.33 -5.42 13.77
CA ALA B 46 30.47 -6.32 12.62
C ALA B 46 29.92 -7.70 12.95
N THR B 47 30.22 -8.21 14.14
CA THR B 47 29.77 -9.54 14.52
C THR B 47 28.26 -9.60 14.59
N VAL B 48 27.61 -8.56 15.12
CA VAL B 48 26.17 -8.62 15.25
C VAL B 48 25.51 -8.53 13.88
N VAL B 49 25.99 -7.63 13.00
CA VAL B 49 25.37 -7.57 11.69
C VAL B 49 25.55 -8.89 10.95
N THR B 50 26.76 -9.46 11.02
CA THR B 50 26.99 -10.76 10.40
C THR B 50 26.16 -11.85 11.06
N THR B 51 25.84 -11.69 12.35
CA THR B 51 25.08 -12.71 13.07
C THR B 51 23.62 -12.71 12.65
N ILE B 52 23.01 -11.53 12.55
CA ILE B 52 21.65 -11.49 12.00
C ILE B 52 21.63 -11.97 10.56
N THR B 53 22.67 -11.64 9.79
CA THR B 53 22.72 -12.18 8.43
C THR B 53 22.75 -13.71 8.44
N GLY B 54 23.57 -14.29 9.32
CA GLY B 54 23.66 -15.73 9.40
C GLY B 54 22.35 -16.36 9.85
N LEU B 55 21.70 -15.75 10.84
CA LEU B 55 20.42 -16.27 11.30
C LEU B 55 19.38 -16.23 10.19
N SER B 56 19.34 -15.13 9.44
CA SER B 56 18.35 -15.01 8.38
C SER B 56 18.59 -16.03 7.27
N THR B 57 19.84 -16.16 6.81
CA THR B 57 20.12 -17.14 5.78
C THR B 57 19.88 -18.55 6.29
N SER B 58 20.14 -18.80 7.58
CA SER B 58 19.82 -20.11 8.15
C SER B 58 18.32 -20.37 8.12
N ALA B 59 17.52 -19.37 8.47
CA ALA B 59 16.08 -19.53 8.43
C ALA B 59 15.61 -19.83 7.02
N ILE B 60 16.16 -19.13 6.03
CA ILE B 60 15.78 -19.40 4.64
C ILE B 60 16.21 -20.81 4.23
N ALA B 61 17.42 -21.21 4.61
CA ALA B 61 17.96 -22.48 4.15
C ALA B 61 17.20 -23.66 4.76
N THR B 62 16.86 -23.58 6.04
CA THR B 62 16.26 -24.73 6.70
C THR B 62 14.86 -25.02 6.16
N ASN B 63 14.26 -24.09 5.41
CA ASN B 63 12.91 -24.25 4.89
C ASN B 63 12.98 -25.05 3.59
N GLY B 64 12.81 -26.37 3.72
CA GLY B 64 12.71 -27.22 2.55
C GLY B 64 14.07 -27.42 1.88
N PHE B 65 14.06 -28.27 0.86
CA PHE B 65 15.28 -28.53 0.11
C PHE B 65 15.75 -27.25 -0.56
N VAL B 66 17.05 -26.95 -0.43
CA VAL B 66 17.63 -25.76 -1.05
C VAL B 66 18.25 -26.07 -2.40
N ARG B 67 18.17 -27.32 -2.86
CA ARG B 67 18.68 -27.74 -4.16
C ARG B 67 20.15 -27.31 -4.23
N GLY B 68 20.53 -26.35 -5.05
CA GLY B 68 21.92 -25.99 -5.21
C GLY B 68 22.05 -24.71 -5.98
N GLY B 69 23.06 -23.91 -5.62
CA GLY B 69 23.25 -22.62 -6.23
C GLY B 69 23.69 -21.57 -5.23
N GLY B 70 23.38 -21.79 -3.97
CA GLY B 70 23.92 -20.95 -2.90
C GLY B 70 22.96 -19.85 -2.54
N ALA B 71 23.52 -18.68 -2.20
CA ALA B 71 22.70 -17.57 -1.75
C ALA B 71 21.69 -17.15 -2.81
N TYR B 72 22.01 -17.36 -4.10
CA TYR B 72 21.06 -17.02 -5.13
C TYR B 72 19.78 -17.82 -4.96
N TYR B 73 19.91 -19.14 -4.81
CA TYR B 73 18.71 -19.97 -4.66
C TYR B 73 17.93 -19.56 -3.42
N LEU B 74 18.63 -19.33 -2.31
CA LEU B 74 17.97 -19.00 -1.05
C LEU B 74 17.20 -17.69 -1.18
N ILE B 75 17.79 -16.70 -1.84
CA ILE B 75 17.14 -15.40 -1.97
C ILE B 75 16.15 -15.37 -3.13
N SER B 76 16.18 -16.36 -4.03
CA SER B 76 15.30 -16.38 -5.17
C SER B 76 14.05 -17.23 -4.94
N ARG B 77 14.12 -18.21 -4.04
CA ARG B 77 12.93 -18.96 -3.67
C ARG B 77 12.20 -18.37 -2.48
N SER B 78 12.91 -17.64 -1.62
CA SER B 78 12.28 -16.87 -0.55
C SER B 78 11.79 -15.51 -1.02
N LEU B 79 12.21 -15.05 -2.19
CA LEU B 79 11.84 -13.74 -2.70
C LEU B 79 11.63 -13.85 -4.21
N GLY B 80 11.21 -12.76 -4.82
CA GLY B 80 10.82 -12.78 -6.21
C GLY B 80 11.96 -13.17 -7.13
N PRO B 81 11.63 -13.60 -8.35
CA PRO B 81 12.70 -13.96 -9.30
C PRO B 81 13.59 -12.80 -9.65
N GLU B 82 13.07 -11.57 -9.63
CA GLU B 82 13.86 -10.42 -10.05
C GLU B 82 14.83 -9.97 -8.96
N PHE B 83 14.39 -9.92 -7.70
CA PHE B 83 15.33 -9.72 -6.61
C PHE B 83 16.40 -10.81 -6.63
N GLY B 84 15.97 -12.05 -6.85
CA GLY B 84 16.92 -13.15 -6.91
C GLY B 84 17.95 -12.97 -8.00
N GLY B 85 17.50 -12.61 -9.21
CA GLY B 85 18.44 -12.41 -10.30
C GLY B 85 19.39 -11.28 -10.05
N ALA B 86 18.88 -10.13 -9.58
CA ALA B 86 19.73 -8.98 -9.31
C ALA B 86 20.80 -9.32 -8.29
N ILE B 87 20.40 -9.86 -7.13
CA ILE B 87 21.38 -10.16 -6.09
C ILE B 87 22.31 -11.28 -6.54
N GLY B 88 21.81 -12.26 -7.29
CA GLY B 88 22.69 -13.29 -7.79
C GLY B 88 23.80 -12.72 -8.63
N LEU B 89 23.46 -11.84 -9.58
CA LEU B 89 24.48 -11.25 -10.44
C LEU B 89 25.44 -10.39 -9.63
N ILE B 90 24.91 -9.54 -8.75
CA ILE B 90 25.76 -8.63 -7.99
C ILE B 90 26.69 -9.40 -7.06
N PHE B 91 26.17 -10.39 -6.35
CA PHE B 91 26.99 -11.15 -5.42
C PHE B 91 28.01 -12.01 -6.16
N ALA B 92 27.64 -12.55 -7.33
CA ALA B 92 28.62 -13.28 -8.12
C ALA B 92 29.78 -12.37 -8.52
N PHE B 93 29.47 -11.16 -9.00
CA PHE B 93 30.53 -10.23 -9.36
C PHE B 93 31.36 -9.85 -8.14
N ALA B 94 30.71 -9.61 -7.01
CA ALA B 94 31.42 -9.20 -5.80
C ALA B 94 32.38 -10.28 -5.34
N ASN B 95 31.95 -11.54 -5.39
CA ASN B 95 32.85 -12.63 -5.03
C ASN B 95 33.97 -12.78 -6.05
N ALA B 96 33.67 -12.61 -7.33
CA ALA B 96 34.70 -12.72 -8.35
C ALA B 96 35.80 -11.68 -8.16
N VAL B 97 35.40 -10.45 -7.83
CA VAL B 97 36.41 -9.41 -7.58
C VAL B 97 37.04 -9.58 -6.19
N ALA B 98 36.34 -10.22 -5.25
CA ALA B 98 36.96 -10.53 -3.97
C ALA B 98 38.07 -11.54 -4.13
N VAL B 99 37.96 -12.44 -5.10
CA VAL B 99 39.07 -13.32 -5.42
C VAL B 99 40.32 -12.49 -5.73
N ALA B 100 40.16 -11.48 -6.59
CA ALA B 100 41.30 -10.62 -6.91
C ALA B 100 41.76 -9.83 -5.70
N MET B 101 40.84 -9.41 -4.85
CA MET B 101 41.24 -8.66 -3.66
C MET B 101 42.11 -9.51 -2.74
N TYR B 102 41.71 -10.76 -2.51
CA TYR B 102 42.51 -11.65 -1.68
C TYR B 102 43.84 -11.98 -2.35
N VAL B 103 43.82 -12.19 -3.66
CA VAL B 103 45.07 -12.48 -4.36
C VAL B 103 46.03 -11.30 -4.28
N VAL B 104 45.54 -10.08 -4.45
CA VAL B 104 46.42 -8.93 -4.39
C VAL B 104 46.89 -8.68 -2.96
N GLY B 105 46.07 -9.01 -1.95
CA GLY B 105 46.57 -8.97 -0.59
C GLY B 105 47.71 -9.95 -0.36
N PHE B 106 47.55 -11.17 -0.89
CA PHE B 106 48.64 -12.14 -0.83
C PHE B 106 49.89 -11.60 -1.52
N ALA B 107 49.71 -10.99 -2.69
CA ALA B 107 50.85 -10.45 -3.42
C ALA B 107 51.51 -9.31 -2.66
N GLU B 108 50.72 -8.47 -1.99
CA GLU B 108 51.29 -7.41 -1.17
C GLU B 108 52.12 -8.00 -0.03
N THR B 109 51.60 -9.03 0.63
CA THR B 109 52.39 -9.67 1.69
C THR B 109 53.68 -10.25 1.14
N VAL B 110 53.60 -10.92 -0.02
CA VAL B 110 54.80 -11.54 -0.59
C VAL B 110 55.82 -10.49 -1.00
N VAL B 111 55.37 -9.40 -1.63
CA VAL B 111 56.30 -8.38 -2.07
C VAL B 111 56.95 -7.71 -0.87
N GLU B 112 56.19 -7.45 0.19
CA GLU B 112 56.82 -6.90 1.40
C GLU B 112 57.84 -7.87 1.98
N LEU B 113 57.50 -9.15 2.04
CA LEU B 113 58.41 -10.14 2.60
C LEU B 113 59.71 -10.19 1.81
N LEU B 114 59.63 -10.20 0.48
CA LEU B 114 60.85 -10.25 -0.33
C LEU B 114 61.55 -8.90 -0.42
N LYS B 115 60.85 -7.80 -0.15
CA LYS B 115 61.51 -6.51 -0.03
C LYS B 115 62.32 -6.42 1.26
N GLU B 116 61.89 -7.13 2.30
CA GLU B 116 62.77 -7.37 3.43
C GLU B 116 64.08 -7.99 2.95
N HIS B 117 64.00 -8.89 1.97
CA HIS B 117 65.16 -9.37 1.25
C HIS B 117 65.53 -8.36 0.16
N SER B 118 66.73 -8.51 -0.40
CA SER B 118 67.21 -7.60 -1.43
C SER B 118 66.74 -7.98 -2.84
N ILE B 119 66.01 -9.07 -3.00
CA ILE B 119 65.58 -9.53 -4.31
C ILE B 119 64.34 -8.75 -4.74
N LEU B 120 64.32 -8.35 -6.01
CA LEU B 120 63.18 -7.64 -6.58
C LEU B 120 63.19 -7.88 -8.09
N MET B 121 62.14 -8.50 -8.60
CA MET B 121 62.11 -8.91 -10.01
C MET B 121 62.17 -7.69 -10.93
N ILE B 122 61.14 -6.84 -10.90
CA ILE B 122 61.13 -5.61 -11.70
C ILE B 122 60.89 -4.41 -10.80
N ASP B 123 59.71 -4.37 -10.17
CA ASP B 123 59.30 -3.20 -9.39
C ASP B 123 58.22 -3.65 -8.43
N GLU B 124 57.99 -2.82 -7.41
CA GLU B 124 57.03 -3.18 -6.38
C GLU B 124 55.65 -3.46 -6.98
N ILE B 125 55.14 -2.53 -7.77
CA ILE B 125 53.82 -2.73 -8.39
C ILE B 125 53.88 -3.81 -9.45
N ASN B 126 54.94 -3.83 -10.26
CA ASN B 126 55.08 -4.89 -11.26
C ASN B 126 55.21 -6.25 -10.60
N ASP B 127 55.99 -6.34 -9.53
CA ASP B 127 56.13 -7.60 -8.81
C ASP B 127 54.80 -8.02 -8.20
N ILE B 128 54.03 -7.06 -7.68
CA ILE B 128 52.70 -7.37 -7.15
C ILE B 128 51.83 -7.95 -8.26
N ARG B 129 51.86 -7.31 -9.43
CA ARG B 129 51.06 -7.79 -10.55
C ARG B 129 51.46 -9.21 -10.94
N ILE B 130 52.76 -9.47 -11.03
CA ILE B 130 53.22 -10.79 -11.46
C ILE B 130 52.87 -11.84 -10.42
N ILE B 131 53.07 -11.54 -9.14
CA ILE B 131 52.74 -12.50 -8.09
C ILE B 131 51.25 -12.78 -8.08
N GLY B 132 50.43 -11.74 -8.21
CA GLY B 132 49.00 -11.95 -8.26
C GLY B 132 48.58 -12.79 -9.45
N ALA B 133 49.18 -12.55 -10.62
CA ALA B 133 48.85 -13.33 -11.79
C ALA B 133 49.21 -14.79 -11.60
N ILE B 134 50.42 -15.07 -11.08
CA ILE B 134 50.82 -16.45 -10.86
C ILE B 134 49.89 -17.10 -9.85
N THR B 135 49.58 -16.39 -8.76
CA THR B 135 48.74 -16.96 -7.73
C THR B 135 47.34 -17.25 -8.24
N VAL B 136 46.75 -16.35 -9.02
CA VAL B 136 45.40 -16.60 -9.53
C VAL B 136 45.42 -17.73 -10.55
N VAL B 137 46.46 -17.83 -11.37
CA VAL B 137 46.54 -18.92 -12.33
C VAL B 137 46.60 -20.26 -11.61
N ILE B 138 47.49 -20.38 -10.63
CA ILE B 138 47.59 -21.62 -9.88
C ILE B 138 46.32 -21.86 -9.06
N LEU B 139 45.67 -20.78 -8.61
CA LEU B 139 44.43 -20.90 -7.88
C LEU B 139 43.35 -21.53 -8.75
N LEU B 140 43.20 -21.04 -9.97
CA LEU B 140 42.27 -21.67 -10.90
C LEU B 140 42.66 -23.13 -11.15
N GLY B 141 43.95 -23.37 -11.39
CA GLY B 141 44.38 -24.73 -11.70
C GLY B 141 44.02 -25.71 -10.60
N ILE B 142 44.23 -25.31 -9.34
CA ILE B 142 43.88 -26.18 -8.22
C ILE B 142 42.36 -26.30 -8.10
N SER B 143 41.64 -25.20 -8.31
CA SER B 143 40.19 -25.24 -8.16
C SER B 143 39.53 -26.14 -9.20
N VAL B 144 40.00 -26.09 -10.45
CA VAL B 144 39.36 -26.88 -11.51
C VAL B 144 39.55 -28.37 -11.34
N ALA B 145 40.51 -28.79 -10.50
CA ALA B 145 40.75 -30.22 -10.34
C ALA B 145 39.52 -30.92 -9.80
N GLY B 146 38.83 -30.32 -8.86
CA GLY B 146 37.60 -30.89 -8.33
C GLY B 146 37.21 -30.21 -7.03
N MET B 147 35.96 -30.44 -6.65
CA MET B 147 35.45 -29.89 -5.40
C MET B 147 36.04 -30.63 -4.21
N GLU B 148 36.15 -31.96 -4.32
CA GLU B 148 36.72 -32.76 -3.25
C GLU B 148 38.23 -32.57 -3.14
N TRP B 149 38.89 -32.15 -4.21
CA TRP B 149 40.35 -32.04 -4.19
C TRP B 149 40.81 -31.04 -3.15
N GLU B 150 40.13 -29.89 -3.04
CA GLU B 150 40.47 -28.91 -2.02
C GLU B 150 40.11 -29.38 -0.61
N ALA B 151 39.30 -30.42 -0.48
CA ALA B 151 38.84 -30.86 0.83
C ALA B 151 40.01 -31.10 1.78
N LYS B 152 41.02 -31.84 1.33
CA LYS B 152 42.23 -31.96 2.13
C LYS B 152 42.92 -30.61 2.27
N ALA B 153 43.19 -29.94 1.14
CA ALA B 153 43.91 -28.68 1.18
C ALA B 153 43.32 -27.75 2.21
N GLN B 154 42.05 -27.37 2.02
CA GLN B 154 41.37 -26.52 3.00
C GLN B 154 41.71 -26.92 4.42
N ILE B 155 41.43 -28.17 4.79
CA ILE B 155 41.56 -28.54 6.19
C ILE B 155 43.02 -28.41 6.63
N VAL B 156 43.96 -28.86 5.81
CA VAL B 156 45.35 -28.68 6.24
C VAL B 156 45.67 -27.20 6.33
N LEU B 157 45.25 -26.43 5.33
CA LEU B 157 45.40 -24.98 5.44
C LEU B 157 44.81 -24.49 6.76
N LEU B 158 43.60 -24.97 7.09
CA LEU B 158 42.97 -24.53 8.32
C LEU B 158 43.88 -24.78 9.52
N VAL B 159 44.42 -25.99 9.65
CA VAL B 159 45.23 -26.24 10.84
C VAL B 159 46.41 -25.30 10.85
N ILE B 160 47.02 -25.06 9.69
CA ILE B 160 48.14 -24.12 9.63
C ILE B 160 47.71 -22.79 10.24
N LEU B 161 46.59 -22.25 9.74
CA LEU B 161 46.08 -21.00 10.29
C LEU B 161 45.91 -21.13 11.79
N LEU B 162 45.22 -22.17 12.25
CA LEU B 162 44.99 -22.33 13.67
C LEU B 162 46.31 -22.43 14.41
N LEU B 163 47.25 -23.21 13.87
CA LEU B 163 48.54 -23.32 14.53
C LEU B 163 49.20 -21.96 14.61
N ALA B 164 49.11 -21.16 13.54
CA ALA B 164 49.64 -19.81 13.60
C ALA B 164 49.04 -19.03 14.76
N ILE B 165 47.72 -19.13 14.95
CA ILE B 165 47.10 -18.47 16.09
C ILE B 165 47.81 -18.89 17.36
N GLY B 166 47.96 -20.21 17.56
CA GLY B 166 48.64 -20.70 18.74
C GLY B 166 50.02 -20.09 18.88
N ASP B 167 50.77 -20.04 17.76
CA ASP B 167 52.09 -19.43 17.80
C ASP B 167 51.99 -18.05 18.41
N PHE B 168 51.11 -17.21 17.86
CA PHE B 168 51.00 -15.84 18.38
C PHE B 168 50.70 -15.87 19.87
N VAL B 169 49.78 -16.73 20.29
CA VAL B 169 49.41 -16.78 21.69
C VAL B 169 50.63 -17.13 22.54
N ILE B 170 51.39 -18.16 22.12
CA ILE B 170 52.54 -18.53 22.93
C ILE B 170 53.60 -17.45 22.86
N GLY B 171 53.63 -16.70 21.75
CA GLY B 171 54.50 -15.54 21.68
C GLY B 171 54.07 -14.45 22.64
N THR B 172 52.76 -14.33 22.86
CA THR B 172 52.26 -13.27 23.73
C THR B 172 52.64 -13.49 25.18
N PHE B 173 52.67 -14.75 25.62
CA PHE B 173 52.83 -15.07 27.03
C PHE B 173 54.29 -15.29 27.43
N ILE B 174 55.24 -15.00 26.55
CA ILE B 174 56.66 -15.11 26.89
C ILE B 174 57.39 -13.87 26.38
N PRO B 175 57.87 -12.99 27.26
CA PRO B 175 58.69 -11.87 26.80
C PRO B 175 60.13 -12.29 26.56
N LEU B 176 60.75 -11.64 25.58
CA LEU B 176 62.13 -11.91 25.20
C LEU B 176 62.97 -10.66 25.45
N GLU B 177 64.11 -10.85 26.12
CA GLU B 177 64.93 -9.72 26.55
C GLU B 177 65.45 -8.89 25.38
N SER B 178 65.59 -9.48 24.19
CA SER B 178 66.22 -8.80 23.08
C SER B 178 65.27 -7.92 22.28
N LYS B 179 63.97 -8.18 22.32
CA LYS B 179 63.02 -7.56 21.40
C LYS B 179 62.06 -6.62 22.13
N LYS B 180 62.41 -6.18 23.33
CA LYS B 180 61.62 -5.14 23.99
C LYS B 180 61.62 -3.84 23.21
N PRO B 181 62.76 -3.32 22.72
CA PRO B 181 62.74 -2.00 22.07
C PRO B 181 61.91 -1.95 20.79
N LYS B 182 61.63 -3.09 20.16
CA LYS B 182 60.96 -3.11 18.87
C LYS B 182 59.44 -3.09 18.99
N GLY B 183 58.91 -2.58 20.09
CA GLY B 183 57.49 -2.25 20.16
C GLY B 183 56.74 -2.72 21.39
N PHE B 184 57.03 -3.91 21.90
CA PHE B 184 56.15 -4.56 22.86
C PHE B 184 56.85 -4.84 24.18
N PHE B 185 56.03 -4.96 25.22
CA PHE B 185 56.45 -5.39 26.55
C PHE B 185 55.83 -6.75 26.84
N GLY B 186 56.20 -7.32 27.98
CA GLY B 186 55.74 -8.64 28.35
C GLY B 186 54.36 -8.67 28.98
N TYR B 187 53.35 -8.20 28.26
CA TYR B 187 51.96 -8.26 28.71
C TYR B 187 51.80 -7.52 30.05
N LYS B 188 52.04 -6.21 29.99
CA LYS B 188 52.00 -5.36 31.16
C LYS B 188 50.67 -4.63 31.25
N SER B 189 50.19 -4.43 32.48
CA SER B 189 48.95 -3.69 32.69
C SER B 189 49.10 -2.22 32.28
N GLU B 190 50.33 -1.69 32.31
CA GLU B 190 50.54 -0.32 31.86
C GLU B 190 50.22 -0.18 30.38
N ILE B 191 50.62 -1.15 29.56
CA ILE B 191 50.27 -1.14 28.14
C ILE B 191 48.76 -1.22 27.99
N PHE B 192 48.11 -2.07 28.79
CA PHE B 192 46.66 -2.23 28.74
C PHE B 192 45.97 -0.90 29.01
N ASN B 193 46.43 -0.17 30.03
CA ASN B 193 45.81 1.12 30.34
C ASN B 193 46.11 2.15 29.27
N GLU B 194 47.36 2.21 28.79
CA GLU B 194 47.74 3.24 27.83
C GLU B 194 47.01 3.06 26.50
N ASN B 195 46.85 1.83 26.04
CA ASN B 195 46.21 1.56 24.76
C ASN B 195 44.70 1.43 24.87
N PHE B 196 44.14 1.62 26.07
CA PHE B 196 42.70 1.43 26.22
C PHE B 196 41.90 2.45 25.42
N GLY B 197 42.32 3.70 25.42
CA GLY B 197 41.60 4.75 24.75
C GLY B 197 41.94 4.84 23.27
N PRO B 198 41.20 5.66 22.53
CA PRO B 198 41.47 5.82 21.10
C PRO B 198 42.54 6.87 20.84
N ASP B 199 43.23 6.69 19.71
CA ASP B 199 44.24 7.64 19.26
C ASP B 199 44.26 7.60 17.74
N PHE B 200 43.57 8.55 17.10
CA PHE B 200 43.48 8.63 15.65
C PHE B 200 44.46 9.70 15.18
N ARG B 201 45.73 9.33 15.08
CA ARG B 201 46.76 10.31 14.71
C ARG B 201 46.55 10.82 13.29
N GLU B 202 46.19 9.94 12.36
CA GLU B 202 45.96 10.33 10.98
C GLU B 202 44.50 10.73 10.82
N GLU B 203 44.08 10.97 9.57
CA GLU B 203 42.71 11.39 9.30
C GLU B 203 41.69 10.30 9.57
N GLU B 204 42.13 9.06 9.79
CA GLU B 204 41.20 7.97 10.05
C GLU B 204 40.32 8.28 11.25
N THR B 205 39.03 8.00 11.12
CA THR B 205 38.07 8.23 12.20
C THR B 205 37.34 6.95 12.57
N PHE B 206 36.34 7.07 13.44
CA PHE B 206 35.59 5.89 13.89
C PHE B 206 34.95 5.18 12.71
N PHE B 207 34.24 5.91 11.86
CA PHE B 207 33.63 5.30 10.69
C PHE B 207 34.68 4.72 9.76
N SER B 208 35.80 5.44 9.58
CA SER B 208 36.84 4.95 8.69
C SER B 208 37.44 3.63 9.19
N VAL B 209 37.74 3.54 10.49
CA VAL B 209 38.31 2.30 11.02
C VAL B 209 37.26 1.20 10.97
N PHE B 210 35.99 1.52 11.22
CA PHE B 210 34.95 0.51 11.10
C PHE B 210 34.86 -0.04 9.68
N ALA B 211 34.94 0.84 8.69
CA ALA B 211 34.90 0.40 7.29
C ALA B 211 36.14 -0.41 6.93
N ILE B 212 37.29 -0.05 7.51
CA ILE B 212 38.50 -0.84 7.28
C ILE B 212 38.34 -2.22 7.91
N PHE B 213 37.66 -2.31 9.05
CA PHE B 213 37.54 -3.58 9.75
C PHE B 213 36.52 -4.50 9.09
N PHE B 214 35.46 -3.93 8.52
CA PHE B 214 34.32 -4.74 8.10
C PHE B 214 34.68 -5.85 7.11
N PRO B 215 35.51 -5.61 6.08
CA PRO B 215 35.75 -6.66 5.07
C PRO B 215 36.14 -8.01 5.65
N ALA B 216 36.76 -8.03 6.84
CA ALA B 216 37.05 -9.30 7.48
C ALA B 216 35.77 -10.05 7.84
N ALA B 217 34.74 -9.32 8.29
CA ALA B 217 33.51 -9.97 8.71
C ALA B 217 32.87 -10.74 7.56
N THR B 218 32.88 -10.18 6.36
CA THR B 218 32.20 -10.80 5.23
C THR B 218 32.84 -12.14 4.92
N GLY B 219 32.00 -13.11 4.53
CA GLY B 219 32.46 -14.42 4.13
C GLY B 219 31.62 -15.55 4.68
N ILE B 220 30.61 -15.21 5.47
CA ILE B 220 29.77 -16.25 6.07
C ILE B 220 29.01 -17.03 5.01
N LEU B 221 28.56 -16.38 3.95
CA LEU B 221 27.70 -17.04 2.97
C LEU B 221 28.44 -18.08 2.15
N ALA B 222 29.77 -18.12 2.21
CA ALA B 222 30.49 -19.08 1.37
C ALA B 222 30.16 -20.51 1.74
N GLY B 223 29.78 -20.76 3.00
CA GLY B 223 29.29 -22.07 3.36
C GLY B 223 27.97 -22.40 2.69
N ALA B 224 27.05 -21.44 2.68
CA ALA B 224 25.76 -21.67 2.03
C ALA B 224 25.92 -21.86 0.52
N ASN B 225 26.98 -21.29 -0.06
CA ASN B 225 27.19 -21.41 -1.49
C ASN B 225 27.58 -22.82 -1.92
N ILE B 226 27.86 -23.71 -0.96
CA ILE B 226 28.21 -25.09 -1.25
C ILE B 226 26.95 -25.95 -1.17
N SER B 227 25.78 -25.30 -1.16
CA SER B 227 24.54 -26.05 -1.04
C SER B 227 24.36 -27.07 -2.16
N GLY B 228 24.93 -26.81 -3.34
CA GLY B 228 24.79 -27.76 -4.43
C GLY B 228 25.42 -29.10 -4.11
N ASP B 229 26.62 -29.09 -3.52
CA ASP B 229 27.31 -30.29 -3.08
C ASP B 229 27.36 -30.26 -1.57
N LEU B 230 26.32 -30.80 -0.93
CA LEU B 230 26.23 -30.80 0.52
C LEU B 230 25.14 -31.79 0.93
N ALA B 231 25.43 -32.60 1.94
CA ALA B 231 24.55 -33.71 2.29
C ALA B 231 23.15 -33.21 2.65
N ASP B 232 23.05 -32.43 3.73
CA ASP B 232 21.76 -31.99 4.25
C ASP B 232 21.87 -30.53 4.63
N PRO B 233 21.65 -29.62 3.68
CA PRO B 233 21.76 -28.19 4.02
C PRO B 233 20.84 -27.76 5.13
N GLN B 234 19.63 -28.35 5.21
CA GLN B 234 18.65 -27.91 6.21
C GLN B 234 19.25 -27.89 7.60
N SER B 235 19.90 -28.97 8.00
CA SER B 235 20.51 -29.04 9.32
C SER B 235 21.96 -28.57 9.32
N ALA B 236 22.67 -28.77 8.20
CA ALA B 236 24.09 -28.47 8.19
C ALA B 236 24.36 -26.98 8.22
N ILE B 237 23.68 -26.21 7.37
CA ILE B 237 24.02 -24.79 7.21
C ILE B 237 23.89 -24.02 8.52
N PRO B 238 22.79 -24.16 9.28
CA PRO B 238 22.69 -23.40 10.54
C PRO B 238 23.85 -23.65 11.49
N LYS B 239 24.12 -24.92 11.80
CA LYS B 239 25.17 -25.23 12.76
C LYS B 239 26.50 -24.67 12.29
N GLY B 240 26.89 -24.98 11.06
CA GLY B 240 28.19 -24.53 10.57
C GLY B 240 28.30 -23.02 10.60
N THR B 241 27.30 -22.33 10.06
CA THR B 241 27.38 -20.87 9.99
C THR B 241 27.46 -20.24 11.37
N LEU B 242 26.54 -20.63 12.27
CA LEU B 242 26.51 -19.99 13.58
C LEU B 242 27.77 -20.29 14.39
N LEU B 243 28.22 -21.55 14.38
CA LEU B 243 29.44 -21.87 15.12
C LEU B 243 30.65 -21.17 14.53
N ALA B 244 30.72 -21.06 13.20
CA ALA B 244 31.84 -20.36 12.59
C ALA B 244 31.84 -18.88 12.98
N ILE B 245 30.67 -18.25 12.95
CA ILE B 245 30.61 -16.85 13.35
C ILE B 245 31.04 -16.69 14.80
N LEU B 246 30.53 -17.55 15.67
CA LEU B 246 30.88 -17.46 17.09
C LEU B 246 32.38 -17.59 17.30
N ILE B 247 32.98 -18.62 16.69
CA ILE B 247 34.39 -18.88 16.95
C ILE B 247 35.26 -17.79 16.33
N THR B 248 34.91 -17.31 15.13
CA THR B 248 35.75 -16.29 14.52
C THR B 248 35.65 -14.97 15.26
N THR B 249 34.46 -14.58 15.73
CA THR B 249 34.39 -13.35 16.51
C THR B 249 35.07 -13.51 17.86
N LEU B 250 34.98 -14.69 18.48
CA LEU B 250 35.71 -14.92 19.73
C LEU B 250 37.21 -14.79 19.52
N VAL B 251 37.75 -15.39 18.45
CA VAL B 251 39.20 -15.29 18.25
C VAL B 251 39.58 -13.85 17.90
N TYR B 252 38.74 -13.14 17.15
CA TYR B 252 39.05 -11.75 16.85
C TYR B 252 39.13 -10.92 18.13
N VAL B 253 38.15 -11.06 19.02
CA VAL B 253 38.19 -10.28 20.25
C VAL B 253 39.37 -10.71 21.12
N GLY B 254 39.68 -12.00 21.15
CA GLY B 254 40.81 -12.47 21.94
C GLY B 254 42.13 -11.91 21.44
N ILE B 255 42.35 -11.95 20.13
CA ILE B 255 43.58 -11.39 19.58
C ILE B 255 43.63 -9.89 19.80
N ALA B 256 42.50 -9.20 19.63
CA ALA B 256 42.48 -7.76 19.85
C ALA B 256 42.86 -7.42 21.28
N VAL B 257 42.25 -8.10 22.26
CA VAL B 257 42.57 -7.81 23.65
C VAL B 257 44.01 -8.20 23.99
N SER B 258 44.52 -9.30 23.45
CA SER B 258 45.90 -9.67 23.71
C SER B 258 46.86 -8.62 23.18
N VAL B 259 46.65 -8.16 21.95
CA VAL B 259 47.56 -7.18 21.37
C VAL B 259 47.41 -5.83 22.08
N GLY B 260 46.20 -5.50 22.54
CA GLY B 260 45.98 -4.22 23.18
C GLY B 260 46.74 -4.04 24.49
N SER B 261 47.27 -5.12 25.05
CA SER B 261 48.04 -5.07 26.28
C SER B 261 49.49 -5.50 26.09
N CYS B 262 49.98 -5.54 24.85
CA CYS B 262 51.32 -6.02 24.57
C CYS B 262 52.19 -4.98 23.88
N VAL B 263 51.69 -4.30 22.86
CA VAL B 263 52.48 -3.37 22.06
C VAL B 263 51.98 -1.96 22.31
N VAL B 264 52.93 -1.05 22.58
CA VAL B 264 52.59 0.36 22.72
C VAL B 264 52.24 0.93 21.35
N ARG B 265 51.48 2.02 21.35
CA ARG B 265 51.02 2.61 20.09
C ARG B 265 52.20 3.07 19.25
N ASP B 266 53.15 3.79 19.86
CA ASP B 266 54.29 4.36 19.15
C ASP B 266 55.58 3.86 19.80
N ALA B 267 56.50 3.36 18.97
CA ALA B 267 57.77 2.86 19.47
C ALA B 267 58.81 3.00 18.37
N THR B 268 59.86 3.79 18.62
CA THR B 268 60.97 3.91 17.69
C THR B 268 61.93 2.77 17.90
N GLY B 269 62.24 2.04 16.82
CA GLY B 269 63.14 0.92 16.91
C GLY B 269 64.59 1.37 17.04
N ASN B 270 64.91 1.99 18.16
CA ASN B 270 66.27 2.44 18.48
C ASN B 270 66.72 1.78 19.76
N VAL B 271 67.70 0.88 19.66
CA VAL B 271 68.18 0.17 20.84
C VAL B 271 68.83 1.13 21.83
N ASN B 272 69.50 2.18 21.32
CA ASN B 272 70.21 3.10 22.20
C ASN B 272 69.29 3.75 23.22
N ASP B 273 68.00 3.90 22.91
CA ASP B 273 67.07 4.47 23.87
C ASP B 273 66.91 3.52 25.06
N THR B 274 67.11 4.03 26.26
CA THR B 274 66.93 3.26 27.48
C THR B 274 67.01 4.21 28.66
N ILE B 275 66.21 3.95 29.68
CA ILE B 275 66.18 4.79 30.87
C ILE B 275 66.75 4.02 32.06
N VAL B 276 67.22 4.78 33.06
CA VAL B 276 67.79 4.19 34.26
C VAL B 276 67.19 4.74 35.54
N THR B 277 66.51 5.89 35.51
CA THR B 277 65.97 6.51 36.72
C THR B 277 64.55 7.00 36.44
N GLU B 278 63.79 7.14 37.52
CA GLU B 278 62.43 7.67 37.42
C GLU B 278 62.46 9.13 37.02
N LEU B 279 61.62 9.50 36.06
CA LEU B 279 61.51 10.87 35.59
C LEU B 279 60.04 11.29 35.59
N THR B 280 59.83 12.60 35.72
CA THR B 280 58.47 13.11 35.91
C THR B 280 57.65 13.01 34.63
N ASN B 281 58.10 13.68 33.57
CA ASN B 281 57.27 13.88 32.37
C ASN B 281 57.49 12.73 31.38
N CYS B 282 57.10 11.53 31.81
CA CYS B 282 57.03 10.37 30.92
C CYS B 282 55.73 9.59 31.11
N THR B 283 54.59 10.28 31.13
CA THR B 283 53.31 9.61 31.31
C THR B 283 53.11 8.48 30.30
N SER B 284 53.85 8.53 29.18
CA SER B 284 53.86 7.44 28.21
C SER B 284 54.24 6.14 28.90
N ALA B 285 53.53 5.05 28.58
CA ALA B 285 53.78 3.76 29.20
C ALA B 285 55.15 3.20 28.84
N ALA B 286 55.80 3.78 27.84
CA ALA B 286 57.11 3.30 27.42
C ALA B 286 58.11 3.39 28.58
N CYS B 287 58.23 4.55 29.20
CA CYS B 287 59.21 4.76 30.26
C CYS B 287 58.96 3.88 31.47
N LYS B 288 57.76 3.29 31.58
CA LYS B 288 57.36 2.65 32.82
C LYS B 288 58.35 1.55 33.21
N LEU B 289 58.68 0.65 32.29
CA LEU B 289 59.55 -0.46 32.67
C LEU B 289 61.01 -0.20 32.34
N ASN B 290 61.37 -0.20 31.06
CA ASN B 290 62.77 0.00 30.67
C ASN B 290 62.99 1.07 29.61
N PHE B 291 62.27 0.99 28.50
CA PHE B 291 62.62 1.72 27.28
C PHE B 291 61.63 2.85 27.03
N ASP B 292 62.14 4.04 26.77
CA ASP B 292 61.32 5.22 26.49
C ASP B 292 61.43 5.59 25.02
N PHE B 293 60.28 5.76 24.38
CA PHE B 293 60.19 6.25 23.01
C PHE B 293 59.48 7.59 23.01
N SER B 294 59.91 8.48 22.13
CA SER B 294 59.33 9.82 22.09
C SER B 294 59.54 10.43 20.71
N SER B 295 58.66 11.37 20.36
CA SER B 295 58.78 12.16 19.13
C SER B 295 58.66 11.27 17.90
N CYS B 296 57.76 10.28 17.97
CA CYS B 296 57.46 9.47 16.80
C CYS B 296 56.46 10.13 15.87
N GLU B 297 55.80 11.20 16.29
CA GLU B 297 54.95 11.98 15.41
C GLU B 297 55.70 13.14 14.76
N SER B 298 56.74 13.66 15.41
CA SER B 298 57.54 14.73 14.87
C SER B 298 58.77 14.26 14.11
N SER B 299 59.00 12.96 14.05
CA SER B 299 60.12 12.37 13.33
C SER B 299 59.65 11.07 12.71
N PRO B 300 60.38 10.56 11.70
CA PRO B 300 59.98 9.27 11.10
C PRO B 300 60.26 8.11 12.05
N CYS B 301 59.20 7.57 12.64
CA CYS B 301 59.31 6.47 13.58
C CYS B 301 59.13 5.14 12.86
N SER B 302 59.56 4.06 13.51
CA SER B 302 59.74 2.77 12.84
C SER B 302 58.71 1.73 13.27
N TYR B 303 58.62 1.41 14.56
CA TYR B 303 57.76 0.35 15.05
C TYR B 303 56.57 0.94 15.81
N GLY B 304 55.72 0.06 16.29
CA GLY B 304 54.51 0.43 17.02
C GLY B 304 53.27 -0.10 16.35
N LEU B 305 52.18 -0.09 17.12
CA LEU B 305 50.90 -0.55 16.61
C LEU B 305 50.42 0.32 15.45
N MET B 306 50.60 1.63 15.57
CA MET B 306 50.09 2.57 14.58
C MET B 306 51.08 2.86 13.47
N ASN B 307 52.24 2.20 13.45
CA ASN B 307 53.23 2.40 12.41
C ASN B 307 53.55 1.13 11.64
N ASN B 308 53.78 0.02 12.33
CA ASN B 308 54.13 -1.24 11.69
C ASN B 308 52.90 -2.14 11.64
N PHE B 309 52.46 -2.47 10.42
CA PHE B 309 51.34 -3.39 10.27
C PHE B 309 51.74 -4.83 10.57
N GLN B 310 53.04 -5.13 10.50
CA GLN B 310 53.55 -6.47 10.75
C GLN B 310 54.08 -6.64 12.17
N VAL B 311 53.80 -5.69 13.06
CA VAL B 311 54.31 -5.78 14.43
C VAL B 311 53.85 -7.08 15.09
N MET B 312 52.60 -7.47 14.87
CA MET B 312 52.12 -8.73 15.41
C MET B 312 53.04 -9.87 15.05
N SER B 313 53.51 -9.92 13.80
CA SER B 313 54.42 -11.00 13.38
C SER B 313 55.69 -10.98 14.22
N MET B 314 56.23 -9.80 14.51
CA MET B 314 57.37 -9.73 15.40
C MET B 314 57.01 -10.20 16.80
N VAL B 315 55.80 -9.86 17.28
CA VAL B 315 55.35 -10.37 18.57
C VAL B 315 55.24 -11.89 18.53
N SER B 316 54.71 -12.42 17.43
CA SER B 316 54.62 -13.86 17.27
C SER B 316 56.01 -14.46 17.08
N GLY B 317 56.34 -15.43 17.91
CA GLY B 317 57.63 -16.09 17.79
C GLY B 317 57.72 -16.88 16.49
N PHE B 318 58.95 -16.98 15.97
CA PHE B 318 59.22 -17.73 14.75
C PHE B 318 58.38 -17.20 13.59
N THR B 319 58.74 -15.98 13.19
CA THR B 319 58.00 -15.25 12.17
C THR B 319 57.68 -16.06 10.92
N PRO B 320 58.49 -17.03 10.47
CA PRO B 320 58.09 -17.82 9.30
C PRO B 320 56.73 -18.48 9.48
N LEU B 321 56.40 -18.95 10.68
CA LEU B 321 55.09 -19.57 10.89
C LEU B 321 53.96 -18.58 10.68
N ILE B 322 54.07 -17.37 11.24
CA ILE B 322 52.97 -16.43 11.09
C ILE B 322 52.90 -15.92 9.65
N SER B 323 54.04 -15.84 8.97
CA SER B 323 54.01 -15.47 7.55
C SER B 323 53.28 -16.53 6.74
N ALA B 324 53.59 -17.81 6.99
CA ALA B 324 52.82 -18.87 6.35
C ALA B 324 51.35 -18.81 6.74
N GLY B 325 51.06 -18.36 7.96
CA GLY B 325 49.67 -18.21 8.37
C GLY B 325 48.95 -17.14 7.58
N ILE B 326 49.61 -16.00 7.35
CA ILE B 326 49.01 -14.95 6.53
C ILE B 326 48.75 -15.48 5.12
N PHE B 327 49.75 -16.16 4.55
CA PHE B 327 49.56 -16.72 3.22
C PHE B 327 48.41 -17.71 3.19
N SER B 328 48.33 -18.58 4.20
CA SER B 328 47.26 -19.57 4.26
C SER B 328 45.89 -18.88 4.37
N ALA B 329 45.80 -17.86 5.21
CA ALA B 329 44.52 -17.17 5.38
C ALA B 329 44.07 -16.53 4.08
N THR B 330 44.95 -15.76 3.44
CA THR B 330 44.56 -15.09 2.20
C THR B 330 44.25 -16.08 1.10
N LEU B 331 45.07 -17.13 0.96
CA LEU B 331 44.81 -18.11 -0.10
C LEU B 331 43.51 -18.86 0.17
N SER B 332 43.24 -19.22 1.42
CA SER B 332 42.00 -19.92 1.74
C SER B 332 40.79 -19.05 1.44
N SER B 333 40.87 -17.76 1.79
CA SER B 333 39.76 -16.86 1.47
C SER B 333 39.59 -16.74 -0.04
N ALA B 334 40.70 -16.70 -0.79
CA ALA B 334 40.60 -16.65 -2.24
C ALA B 334 39.93 -17.90 -2.79
N LEU B 335 40.30 -19.07 -2.27
CA LEU B 335 39.65 -20.30 -2.69
C LEU B 335 38.16 -20.25 -2.40
N ALA B 336 37.79 -19.78 -1.20
CA ALA B 336 36.38 -19.71 -0.86
C ALA B 336 35.62 -18.79 -1.81
N SER B 337 36.18 -17.62 -2.11
CA SER B 337 35.51 -16.69 -3.01
C SER B 337 35.39 -17.26 -4.42
N LEU B 338 36.47 -17.85 -4.92
CA LEU B 338 36.49 -18.41 -6.27
C LEU B 338 35.71 -19.70 -6.40
N VAL B 339 35.32 -20.32 -5.28
CA VAL B 339 34.42 -21.47 -5.32
C VAL B 339 32.98 -21.04 -5.13
N SER B 340 32.76 -19.96 -4.40
CA SER B 340 31.40 -19.46 -4.20
C SER B 340 30.87 -18.76 -5.45
N ALA B 341 31.68 -17.91 -6.07
CA ALA B 341 31.22 -17.15 -7.22
C ALA B 341 30.77 -18.02 -8.39
N PRO B 342 31.56 -18.99 -8.86
CA PRO B 342 31.11 -19.76 -10.02
C PRO B 342 29.82 -20.52 -9.80
N LYS B 343 29.61 -21.08 -8.61
CA LYS B 343 28.38 -21.84 -8.36
C LYS B 343 27.16 -20.92 -8.37
N ILE B 344 27.24 -19.77 -7.70
CA ILE B 344 26.12 -18.86 -7.70
C ILE B 344 25.85 -18.33 -9.10
N PHE B 345 26.90 -18.05 -9.88
CA PHE B 345 26.66 -17.59 -11.24
C PHE B 345 26.05 -18.69 -12.10
N GLN B 346 26.47 -19.93 -11.89
CA GLN B 346 25.85 -21.05 -12.61
C GLN B 346 24.38 -21.16 -12.28
N ALA B 347 24.03 -21.05 -11.01
CA ALA B 347 22.61 -21.12 -10.65
C ALA B 347 21.84 -19.96 -11.26
N LEU B 348 22.44 -18.77 -11.27
CA LEU B 348 21.80 -17.62 -11.92
C LEU B 348 21.56 -17.90 -13.41
N CYS B 349 22.57 -18.47 -14.07
CA CYS B 349 22.46 -18.75 -15.50
C CYS B 349 21.43 -19.84 -15.78
N LYS B 350 21.26 -20.78 -14.86
CA LYS B 350 20.37 -21.92 -15.11
C LYS B 350 18.93 -21.46 -15.27
N ASP B 351 18.50 -20.48 -14.49
CA ASP B 351 17.11 -20.05 -14.48
C ASP B 351 16.77 -19.10 -15.62
N ASN B 352 17.75 -18.75 -16.45
CA ASN B 352 17.50 -17.97 -17.68
C ASN B 352 16.91 -16.60 -17.37
N ILE B 353 17.37 -15.98 -16.28
CA ILE B 353 16.93 -14.63 -15.97
C ILE B 353 17.47 -13.64 -16.99
N TYR B 354 18.75 -13.77 -17.34
CA TYR B 354 19.39 -12.89 -18.31
C TYR B 354 19.69 -13.67 -19.58
N PRO B 355 18.89 -13.54 -20.64
CA PRO B 355 19.20 -14.26 -21.88
C PRO B 355 20.62 -14.06 -22.39
N ALA B 356 21.27 -12.96 -22.04
CA ALA B 356 22.61 -12.70 -22.55
C ALA B 356 23.59 -13.78 -22.10
N PHE B 357 23.48 -14.22 -20.85
CA PHE B 357 24.35 -15.25 -20.29
C PHE B 357 23.60 -16.59 -20.34
N GLN B 358 24.14 -17.53 -21.12
CA GLN B 358 23.60 -18.89 -21.14
C GLN B 358 24.67 -19.97 -21.11
N MET B 359 25.90 -19.69 -21.50
CA MET B 359 26.92 -20.72 -21.62
C MET B 359 27.51 -21.12 -20.28
N PHE B 360 27.31 -20.32 -19.23
CA PHE B 360 27.94 -20.59 -17.95
C PHE B 360 27.24 -21.66 -17.14
N ALA B 361 26.07 -22.14 -17.57
CA ALA B 361 25.33 -23.17 -16.86
C ALA B 361 25.64 -24.57 -17.37
N LYS B 362 26.80 -24.76 -17.99
CA LYS B 362 27.13 -26.07 -18.55
C LYS B 362 27.30 -27.11 -17.44
N GLY B 363 28.07 -26.78 -16.41
CA GLY B 363 28.30 -27.71 -15.32
C GLY B 363 28.97 -28.99 -15.77
N TYR B 364 30.01 -28.87 -16.58
CA TYR B 364 30.70 -30.05 -17.08
C TYR B 364 31.31 -30.83 -15.92
N GLY B 365 31.28 -32.15 -16.01
CA GLY B 365 31.78 -33.01 -14.98
C GLY B 365 30.66 -33.57 -14.10
N LYS B 366 30.93 -34.72 -13.51
CA LYS B 366 29.92 -35.41 -12.71
C LYS B 366 29.49 -34.60 -11.49
N ASN B 367 30.33 -33.68 -11.02
CA ASN B 367 30.02 -32.86 -9.85
C ASN B 367 29.23 -31.60 -10.21
N ASN B 368 28.90 -31.42 -11.50
CA ASN B 368 28.17 -30.23 -11.95
C ASN B 368 28.96 -28.98 -11.61
N GLU B 369 30.18 -28.93 -12.15
CA GLU B 369 31.11 -27.83 -11.91
C GLU B 369 31.06 -26.86 -13.07
N PRO B 370 30.73 -25.57 -12.85
CA PRO B 370 30.64 -24.64 -13.99
C PRO B 370 32.01 -24.15 -14.46
N LEU B 371 32.65 -24.96 -15.31
CA LEU B 371 33.99 -24.63 -15.77
C LEU B 371 34.04 -23.29 -16.47
N ARG B 372 33.02 -22.99 -17.29
CA ARG B 372 32.98 -21.70 -17.97
C ARG B 372 32.81 -20.56 -16.98
N GLY B 373 32.00 -20.77 -15.93
CA GLY B 373 31.93 -19.80 -14.86
C GLY B 373 33.27 -19.63 -14.15
N TYR B 374 34.00 -20.73 -13.98
CA TYR B 374 35.34 -20.64 -13.40
C TYR B 374 36.24 -19.77 -14.27
N ILE B 375 36.19 -19.96 -15.58
CA ILE B 375 37.02 -19.16 -16.48
C ILE B 375 36.60 -17.70 -16.43
N LEU B 376 35.30 -17.43 -16.34
CA LEU B 376 34.84 -16.05 -16.23
C LEU B 376 35.38 -15.40 -14.97
N THR B 377 35.28 -16.10 -13.84
CA THR B 377 35.81 -15.57 -12.59
C THR B 377 37.32 -15.35 -12.69
N PHE B 378 38.03 -16.28 -13.34
CA PHE B 378 39.47 -16.13 -13.51
C PHE B 378 39.79 -14.89 -14.32
N LEU B 379 39.06 -14.66 -15.41
CA LEU B 379 39.32 -13.47 -16.21
C LEU B 379 39.05 -12.20 -15.41
N ILE B 380 37.94 -12.17 -14.67
CA ILE B 380 37.61 -10.98 -13.88
C ILE B 380 38.69 -10.73 -12.84
N ALA B 381 39.12 -11.78 -12.14
CA ALA B 381 40.13 -11.63 -11.11
C ALA B 381 41.46 -11.20 -11.71
N LEU B 382 41.83 -11.77 -12.85
CA LEU B 382 43.09 -11.37 -13.50
C LEU B 382 43.05 -9.90 -13.88
N GLY B 383 41.95 -9.45 -14.46
CA GLY B 383 41.84 -8.05 -14.80
C GLY B 383 41.94 -7.15 -13.58
N PHE B 384 41.19 -7.49 -12.52
CA PHE B 384 41.18 -6.63 -11.35
C PHE B 384 42.52 -6.63 -10.63
N ILE B 385 43.27 -7.73 -10.71
CA ILE B 385 44.63 -7.72 -10.19
C ILE B 385 45.51 -6.81 -11.04
N LEU B 386 45.38 -6.92 -12.37
CA LEU B 386 46.12 -6.04 -13.26
C LEU B 386 45.82 -4.57 -12.99
N ILE B 387 44.63 -4.25 -12.48
CA ILE B 387 44.36 -2.88 -12.09
C ILE B 387 45.34 -2.43 -11.01
N ALA B 388 45.59 -3.30 -10.03
CA ALA B 388 46.59 -3.09 -8.98
C ALA B 388 46.25 -1.91 -8.07
N GLU B 389 45.07 -1.32 -8.21
CA GLU B 389 44.62 -0.23 -7.34
C GLU B 389 43.22 -0.61 -6.86
N LEU B 390 43.17 -1.41 -5.80
CA LEU B 390 41.91 -1.97 -5.31
C LEU B 390 41.28 -1.14 -4.21
N ASN B 391 42.00 -0.15 -3.67
CA ASN B 391 41.43 0.66 -2.59
C ASN B 391 40.27 1.52 -3.09
N VAL B 392 40.32 1.95 -4.35
CA VAL B 392 39.26 2.81 -4.87
C VAL B 392 37.95 2.05 -4.98
N ILE B 393 38.01 0.78 -5.37
CA ILE B 393 36.80 -0.01 -5.58
C ILE B 393 36.39 -0.80 -4.35
N ALA B 394 37.19 -0.80 -3.29
CA ALA B 394 36.82 -1.53 -2.08
C ALA B 394 35.47 -1.12 -1.53
N PRO B 395 35.12 0.16 -1.45
CA PRO B 395 33.76 0.50 -1.00
C PRO B 395 32.68 -0.12 -1.86
N ILE B 396 32.92 -0.21 -3.17
CA ILE B 396 31.91 -0.78 -4.06
C ILE B 396 31.65 -2.24 -3.71
N ILE B 397 32.71 -3.02 -3.53
CA ILE B 397 32.53 -4.44 -3.24
C ILE B 397 31.98 -4.64 -1.84
N SER B 398 32.42 -3.83 -0.89
CA SER B 398 31.85 -3.91 0.46
C SER B 398 30.35 -3.63 0.41
N ASN B 399 29.93 -2.61 -0.34
CA ASN B 399 28.52 -2.31 -0.45
C ASN B 399 27.77 -3.41 -1.20
N PHE B 400 28.42 -4.09 -2.14
CA PHE B 400 27.78 -5.23 -2.79
C PHE B 400 27.49 -6.33 -1.77
N PHE B 401 28.49 -6.67 -0.96
CA PHE B 401 28.29 -7.68 0.07
C PHE B 401 27.21 -7.26 1.05
N LEU B 402 27.23 -5.99 1.47
CA LEU B 402 26.24 -5.49 2.40
C LEU B 402 24.84 -5.50 1.80
N ALA B 403 24.71 -5.20 0.51
CA ALA B 403 23.40 -5.28 -0.14
C ALA B 403 22.91 -6.72 -0.17
N SER B 404 23.80 -7.66 -0.47
CA SER B 404 23.41 -9.07 -0.44
C SER B 404 22.89 -9.45 0.94
N TYR B 405 23.64 -9.10 1.98
CA TYR B 405 23.21 -9.42 3.34
C TYR B 405 21.90 -8.76 3.67
N ALA B 406 21.75 -7.48 3.30
CA ALA B 406 20.55 -6.74 3.62
C ALA B 406 19.33 -7.35 2.96
N LEU B 407 19.44 -7.76 1.70
CA LEU B 407 18.28 -8.32 1.05
C LEU B 407 18.06 -9.77 1.43
N ILE B 408 19.06 -10.47 1.97
CA ILE B 408 18.79 -11.76 2.60
C ILE B 408 17.95 -11.58 3.85
N ASN B 409 18.34 -10.63 4.70
CA ASN B 409 17.55 -10.34 5.88
C ASN B 409 16.15 -9.88 5.50
N PHE B 410 16.05 -9.04 4.47
CA PHE B 410 14.74 -8.61 4.00
C PHE B 410 13.95 -9.75 3.40
N SER B 411 14.61 -10.74 2.82
CA SER B 411 13.89 -11.91 2.32
C SER B 411 13.25 -12.66 3.47
N VAL B 412 13.98 -12.83 4.57
CA VAL B 412 13.37 -13.44 5.75
C VAL B 412 12.21 -12.60 6.24
N PHE B 413 12.41 -11.28 6.34
CA PHE B 413 11.36 -10.41 6.83
C PHE B 413 10.13 -10.43 5.93
N HIS B 414 10.34 -10.51 4.61
CA HIS B 414 9.24 -10.50 3.67
C HIS B 414 8.47 -11.81 3.71
N ALA B 415 9.19 -12.93 3.76
CA ALA B 415 8.52 -14.22 3.86
C ALA B 415 7.74 -14.33 5.16
N SER B 416 8.30 -13.84 6.27
CA SER B 416 7.57 -13.88 7.53
C SER B 416 6.39 -12.91 7.53
N LEU B 417 6.55 -11.75 6.91
CA LEU B 417 5.46 -10.78 6.83
C LEU B 417 4.28 -11.35 6.05
N ALA B 418 4.56 -12.02 4.93
CA ALA B 418 3.53 -12.67 4.13
C ALA B 418 3.18 -13.98 4.82
N LYS B 419 2.30 -13.90 5.82
CA LYS B 419 1.87 -15.11 6.52
C LYS B 419 1.36 -16.11 5.52
N SER B 420 2.04 -17.25 5.40
CA SER B 420 1.74 -18.20 4.35
C SER B 420 2.12 -19.61 4.78
N PRO B 421 1.33 -20.62 4.44
CA PRO B 421 1.84 -21.99 4.53
C PRO B 421 2.94 -22.20 3.52
N GLY B 422 3.85 -23.11 3.84
CA GLY B 422 5.08 -23.25 3.09
C GLY B 422 6.21 -22.41 3.60
N TRP B 423 5.95 -21.51 4.55
CA TRP B 423 7.01 -20.83 5.29
C TRP B 423 7.07 -21.46 6.69
N ARG B 424 7.77 -22.59 6.76
CA ARG B 424 7.94 -23.34 8.00
C ARG B 424 9.43 -23.57 8.17
N PRO B 425 10.19 -22.52 8.50
CA PRO B 425 11.66 -22.66 8.50
C PRO B 425 12.16 -23.74 9.43
N ALA B 426 11.50 -23.96 10.57
CA ALA B 426 11.90 -24.93 11.58
C ALA B 426 13.17 -24.53 12.33
N PHE B 427 13.83 -23.44 11.94
CA PHE B 427 14.95 -22.91 12.70
C PHE B 427 14.40 -21.90 13.70
N LYS B 428 14.25 -22.34 14.95
CA LYS B 428 13.52 -21.54 15.93
C LYS B 428 14.19 -20.19 16.18
N TYR B 429 15.53 -20.18 16.28
CA TYR B 429 16.25 -18.99 16.74
C TYR B 429 16.32 -17.97 15.60
N TYR B 430 15.22 -17.23 15.45
CA TYR B 430 15.17 -16.11 14.52
C TYR B 430 13.98 -15.25 14.90
N ASN B 431 13.85 -14.12 14.21
CA ASN B 431 12.73 -13.22 14.48
C ASN B 431 12.61 -12.23 13.34
N MET B 432 11.37 -11.98 12.93
CA MET B 432 11.11 -11.08 11.81
C MET B 432 11.58 -9.66 12.13
N TRP B 433 11.34 -9.20 13.35
CA TRP B 433 11.91 -7.93 13.77
C TRP B 433 13.43 -7.96 13.74
N ILE B 434 14.06 -9.06 14.18
CA ILE B 434 15.51 -9.13 14.15
C ILE B 434 16.02 -9.07 12.72
N SER B 435 15.35 -9.77 11.80
CA SER B 435 15.77 -9.72 10.40
C SER B 435 15.62 -8.32 9.83
N LEU B 436 14.50 -7.65 10.13
CA LEU B 436 14.33 -6.29 9.64
C LEU B 436 15.41 -5.37 10.20
N LEU B 437 15.73 -5.53 11.49
CA LEU B 437 16.78 -4.75 12.09
C LEU B 437 18.11 -4.99 11.41
N GLY B 438 18.43 -6.26 11.13
CA GLY B 438 19.68 -6.56 10.45
C GLY B 438 19.75 -5.92 9.08
N ALA B 439 18.64 -5.94 8.35
CA ALA B 439 18.61 -5.29 7.04
C ALA B 439 18.84 -3.79 7.17
N ILE B 440 18.18 -3.16 8.14
CA ILE B 440 18.35 -1.72 8.32
C ILE B 440 19.79 -1.39 8.67
N LEU B 441 20.40 -2.14 9.58
CA LEU B 441 21.80 -1.90 9.91
C LEU B 441 22.72 -2.15 8.71
N CYS B 442 22.42 -3.15 7.89
CA CYS B 442 23.24 -3.35 6.69
C CYS B 442 23.15 -2.13 5.77
N CYS B 443 21.94 -1.60 5.59
CA CYS B 443 21.78 -0.41 4.77
C CYS B 443 22.54 0.77 5.36
N ILE B 444 22.41 1.00 6.66
CA ILE B 444 23.08 2.14 7.29
C ILE B 444 24.58 1.98 7.20
N VAL B 445 25.09 0.75 7.36
CA VAL B 445 26.52 0.54 7.34
C VAL B 445 27.08 0.74 5.93
N MET B 446 26.37 0.25 4.90
CA MET B 446 26.84 0.49 3.54
C MET B 446 26.75 1.97 3.17
N PHE B 447 25.80 2.71 3.74
CA PHE B 447 25.82 4.16 3.58
C PHE B 447 27.00 4.78 4.32
N VAL B 448 27.33 4.26 5.50
CA VAL B 448 28.37 4.85 6.34
C VAL B 448 29.74 4.66 5.72
N ILE B 449 29.99 3.50 5.09
CA ILE B 449 31.29 3.23 4.53
C ILE B 449 31.63 4.32 3.52
N ASN B 450 30.85 4.42 2.44
CA ASN B 450 31.01 5.50 1.48
C ASN B 450 29.69 5.74 0.78
N TRP B 451 29.22 6.98 0.86
CA TRP B 451 27.92 7.34 0.32
C TRP B 451 27.86 7.10 -1.19
N TRP B 452 28.91 7.48 -1.92
CA TRP B 452 28.87 7.37 -3.38
C TRP B 452 28.81 5.91 -3.81
N ALA B 453 29.58 5.04 -3.15
CA ALA B 453 29.52 3.62 -3.47
C ALA B 453 28.13 3.06 -3.15
N ALA B 454 27.54 3.50 -2.04
CA ALA B 454 26.20 3.05 -1.69
C ALA B 454 25.19 3.47 -2.75
N LEU B 455 25.28 4.71 -3.24
CA LEU B 455 24.37 5.15 -4.28
C LEU B 455 24.56 4.35 -5.57
N LEU B 456 25.82 4.11 -5.95
CA LEU B 456 26.08 3.33 -7.15
C LEU B 456 25.48 1.93 -7.02
N THR B 457 25.69 1.28 -5.87
CA THR B 457 25.14 -0.06 -5.67
C THR B 457 23.63 -0.04 -5.69
N TYR B 458 23.02 0.94 -5.03
CA TYR B 458 21.55 1.01 -5.01
C TYR B 458 21.00 1.19 -6.42
N VAL B 459 21.59 2.09 -7.21
CA VAL B 459 21.05 2.31 -8.55
C VAL B 459 21.31 1.10 -9.44
N ILE B 460 22.44 0.41 -9.29
CA ILE B 460 22.67 -0.79 -10.09
C ILE B 460 21.64 -1.86 -9.74
N VAL B 461 21.37 -2.06 -8.45
CA VAL B 461 20.38 -3.04 -8.04
C VAL B 461 19.01 -2.66 -8.58
N LEU B 462 18.65 -1.38 -8.52
CA LEU B 462 17.37 -0.94 -9.04
C LEU B 462 17.28 -1.15 -10.55
N GLY B 463 18.38 -0.89 -11.27
CA GLY B 463 18.37 -1.11 -12.70
C GLY B 463 18.17 -2.56 -13.06
N LEU B 464 18.86 -3.46 -12.36
CA LEU B 464 18.65 -4.89 -12.58
C LEU B 464 17.23 -5.29 -12.22
N TYR B 465 16.71 -4.76 -11.12
CA TYR B 465 15.32 -4.99 -10.72
C TYR B 465 14.38 -4.65 -11.86
N ILE B 466 14.52 -3.45 -12.42
CA ILE B 466 13.62 -2.99 -13.48
C ILE B 466 13.80 -3.86 -14.72
N TYR B 467 15.04 -4.18 -15.08
CA TYR B 467 15.27 -4.97 -16.28
C TYR B 467 14.60 -6.32 -16.15
N VAL B 468 14.77 -6.99 -15.01
CA VAL B 468 14.22 -8.33 -14.86
C VAL B 468 12.70 -8.29 -14.78
N THR B 469 12.14 -7.30 -14.07
CA THR B 469 10.69 -7.25 -13.95
C THR B 469 10.03 -6.86 -15.27
N TYR B 470 10.70 -6.08 -16.12
CA TYR B 470 10.15 -5.80 -17.44
C TYR B 470 10.30 -7.00 -18.37
N LYS B 471 11.47 -7.65 -18.35
CA LYS B 471 11.68 -8.88 -19.11
C LYS B 471 11.30 -10.07 -18.25
N LYS B 472 10.01 -10.15 -17.95
CA LYS B 472 9.52 -11.17 -17.02
C LYS B 472 9.79 -12.55 -17.59
N PRO B 473 10.53 -13.42 -16.91
CA PRO B 473 10.82 -14.74 -17.45
C PRO B 473 9.76 -15.77 -17.06
N ASP B 474 9.92 -16.97 -17.61
CA ASP B 474 9.03 -18.10 -17.33
C ASP B 474 9.47 -18.74 -16.01
N VAL B 475 8.93 -18.20 -14.91
CA VAL B 475 9.31 -18.58 -13.56
C VAL B 475 8.06 -18.74 -12.71
N ASN B 476 7.99 -19.84 -11.96
CA ASN B 476 6.88 -20.05 -11.03
C ASN B 476 7.37 -20.97 -9.92
N TRP B 477 7.66 -20.40 -8.76
CA TRP B 477 7.96 -21.20 -7.57
C TRP B 477 7.37 -20.62 -6.29
N GLY B 478 6.24 -19.92 -6.37
CA GLY B 478 5.54 -19.48 -5.17
C GLY B 478 6.40 -18.65 -4.25
N SER B 479 7.15 -17.71 -4.81
CA SER B 479 8.01 -16.86 -4.02
C SER B 479 7.18 -16.06 -3.02
N SER B 480 7.88 -15.43 -2.07
CA SER B 480 7.21 -14.62 -1.06
C SER B 480 6.42 -13.48 -1.68
N THR B 481 6.80 -13.03 -2.88
CA THR B 481 6.06 -11.95 -3.52
C THR B 481 4.62 -12.35 -3.82
N GLN B 482 4.43 -13.57 -4.34
CA GLN B 482 3.07 -14.03 -4.63
C GLN B 482 2.25 -14.19 -3.36
N ALA B 483 2.87 -14.73 -2.31
CA ALA B 483 2.16 -14.87 -1.04
C ALA B 483 1.75 -13.51 -0.50
N LEU B 484 2.64 -12.51 -0.58
CA LEU B 484 2.28 -11.19 -0.10
C LEU B 484 1.23 -10.54 -0.97
N THR B 485 1.25 -10.79 -2.29
CA THR B 485 0.19 -10.26 -3.14
C THR B 485 -1.16 -10.81 -2.71
N TYR B 486 -1.23 -12.12 -2.45
CA TYR B 486 -2.47 -12.70 -1.97
C TYR B 486 -2.88 -12.11 -0.63
N LEU B 487 -1.92 -11.95 0.29
CA LEU B 487 -2.28 -11.43 1.60
C LEU B 487 -2.78 -9.99 1.51
N ASN B 488 -2.14 -9.17 0.68
CA ASN B 488 -2.60 -7.80 0.48
C ASN B 488 -4.00 -7.79 -0.14
N ALA B 489 -4.23 -8.64 -1.12
CA ALA B 489 -5.55 -8.70 -1.73
C ALA B 489 -6.61 -9.04 -0.68
N LEU B 490 -6.33 -10.05 0.15
CA LEU B 490 -7.29 -10.45 1.17
C LEU B 490 -7.53 -9.34 2.18
N GLN B 491 -6.45 -8.70 2.65
CA GLN B 491 -6.61 -7.66 3.66
C GLN B 491 -7.38 -6.47 3.10
N HIS B 492 -7.09 -6.08 1.86
CA HIS B 492 -7.80 -4.96 1.26
C HIS B 492 -9.26 -5.31 1.00
N SER B 493 -9.54 -6.54 0.61
CA SER B 493 -10.92 -6.96 0.44
C SER B 493 -11.67 -6.92 1.77
N ILE B 494 -11.03 -7.35 2.85
CA ILE B 494 -11.67 -7.27 4.17
C ILE B 494 -11.94 -5.82 4.53
N ARG B 495 -10.97 -4.94 4.32
CA ARG B 495 -11.17 -3.53 4.63
C ARG B 495 -12.31 -2.96 3.82
N LEU B 496 -12.38 -3.29 2.53
CA LEU B 496 -13.49 -2.83 1.70
C LEU B 496 -14.81 -3.36 2.21
N SER B 497 -14.87 -4.62 2.63
CA SER B 497 -16.08 -5.13 3.26
C SER B 497 -16.43 -4.30 4.50
N GLY B 498 -15.42 -3.73 5.15
CA GLY B 498 -15.68 -2.89 6.31
C GLY B 498 -16.50 -1.66 5.98
N VAL B 499 -16.21 -1.02 4.85
CA VAL B 499 -16.86 0.25 4.51
C VAL B 499 -18.22 0.00 3.88
N GLU B 500 -19.12 0.96 4.06
CA GLU B 500 -20.46 0.86 3.50
C GLU B 500 -20.44 1.26 2.03
N ASP B 501 -21.62 1.25 1.42
CA ASP B 501 -21.80 1.61 0.02
C ASP B 501 -22.65 2.86 -0.06
N HIS B 502 -22.17 3.88 -0.76
CA HIS B 502 -22.87 5.14 -0.91
C HIS B 502 -23.17 5.40 -2.38
N VAL B 503 -24.23 6.18 -2.62
CA VAL B 503 -24.58 6.54 -3.98
C VAL B 503 -23.46 7.34 -4.63
N LYS B 504 -22.87 8.28 -3.88
CA LYS B 504 -21.77 9.08 -4.42
C LYS B 504 -20.58 8.22 -4.81
N ASN B 505 -20.42 7.05 -4.19
CA ASN B 505 -19.34 6.13 -4.49
C ASN B 505 -19.83 4.90 -5.24
N PHE B 506 -20.99 4.99 -5.88
CA PHE B 506 -21.49 3.90 -6.70
C PHE B 506 -20.55 3.64 -7.85
N ARG B 507 -20.40 2.37 -8.22
CA ARG B 507 -19.57 1.98 -9.34
C ARG B 507 -20.34 1.02 -10.24
N PRO B 508 -20.11 1.06 -11.56
CA PRO B 508 -20.68 0.02 -12.43
C PRO B 508 -19.83 -1.24 -12.40
N GLN B 509 -20.33 -2.27 -11.73
CA GLN B 509 -19.63 -3.54 -11.57
C GLN B 509 -20.30 -4.53 -12.52
N CYS B 510 -19.71 -4.70 -13.70
CA CYS B 510 -20.36 -5.39 -14.80
C CYS B 510 -20.04 -6.87 -14.78
N LEU B 511 -21.07 -7.70 -14.99
CA LEU B 511 -20.92 -9.12 -15.28
C LEU B 511 -21.19 -9.25 -16.76
N VAL B 512 -20.13 -9.42 -17.55
CA VAL B 512 -20.25 -9.56 -19.00
C VAL B 512 -20.49 -11.02 -19.30
N MET B 513 -21.72 -11.37 -19.67
CA MET B 513 -22.07 -12.75 -19.96
C MET B 513 -21.79 -13.00 -21.44
N THR B 514 -20.52 -13.25 -21.73
CA THR B 514 -20.09 -13.65 -23.07
C THR B 514 -18.90 -14.57 -22.94
N GLY B 515 -19.08 -15.84 -23.30
CA GLY B 515 -18.00 -16.80 -23.18
C GLY B 515 -16.95 -16.61 -24.25
N ALA B 516 -15.77 -17.17 -23.98
CA ALA B 516 -14.67 -17.08 -24.92
C ALA B 516 -14.42 -15.61 -25.28
N PRO B 517 -13.82 -14.83 -24.38
CA PRO B 517 -13.67 -13.39 -24.64
C PRO B 517 -13.04 -13.08 -25.98
N ASN B 518 -12.02 -13.85 -26.39
CA ASN B 518 -11.38 -13.60 -27.67
C ASN B 518 -12.37 -13.69 -28.83
N SER B 519 -13.49 -14.39 -28.63
CA SER B 519 -14.50 -14.47 -29.67
C SER B 519 -15.07 -13.11 -30.01
N ARG B 520 -15.26 -12.25 -29.01
CA ARG B 520 -15.93 -10.96 -29.17
C ARG B 520 -15.06 -9.87 -28.55
N PRO B 521 -13.93 -9.55 -29.17
CA PRO B 521 -13.01 -8.58 -28.56
C PRO B 521 -13.59 -7.18 -28.54
N ALA B 522 -14.09 -6.71 -29.69
CA ALA B 522 -14.58 -5.34 -29.79
C ALA B 522 -15.60 -5.05 -28.70
N LEU B 523 -16.58 -5.93 -28.53
CA LEU B 523 -17.59 -5.73 -27.50
C LEU B 523 -16.92 -5.51 -26.15
N LEU B 524 -16.00 -6.40 -25.76
CA LEU B 524 -15.35 -6.25 -24.47
C LEU B 524 -14.61 -4.92 -24.38
N HIS B 525 -13.97 -4.49 -25.47
CA HIS B 525 -13.30 -3.20 -25.44
C HIS B 525 -14.29 -2.12 -25.03
N LEU B 526 -15.47 -2.11 -25.64
CA LEU B 526 -16.46 -1.11 -25.27
C LEU B 526 -16.88 -1.26 -23.82
N VAL B 527 -16.98 -2.50 -23.32
CA VAL B 527 -17.26 -2.69 -21.91
C VAL B 527 -16.07 -2.23 -21.08
N HIS B 528 -14.85 -2.42 -21.58
CA HIS B 528 -13.68 -2.02 -20.83
C HIS B 528 -13.57 -0.51 -20.68
N ASP B 529 -14.12 0.25 -21.62
CA ASP B 529 -13.95 1.70 -21.59
C ASP B 529 -14.58 2.32 -20.35
N PHE B 530 -15.76 1.85 -19.95
CA PHE B 530 -16.43 2.38 -18.78
C PHE B 530 -16.34 1.44 -17.57
N THR B 531 -15.36 0.54 -17.55
CA THR B 531 -15.10 -0.30 -16.38
C THR B 531 -13.62 -0.42 -16.06
N LYS B 532 -12.77 0.34 -16.73
CA LYS B 532 -11.34 0.37 -16.43
C LYS B 532 -11.11 1.42 -15.35
N ASN B 533 -10.58 0.98 -14.21
CA ASN B 533 -10.27 1.86 -13.07
C ASN B 533 -11.52 2.51 -12.47
N VAL B 534 -12.72 2.03 -12.83
CA VAL B 534 -13.95 2.53 -12.26
C VAL B 534 -14.87 1.42 -11.78
N GLY B 535 -14.56 0.17 -12.07
CA GLY B 535 -15.41 -0.93 -11.65
C GLY B 535 -14.76 -2.24 -12.05
N LEU B 536 -15.44 -3.33 -11.71
CA LEU B 536 -14.94 -4.66 -12.00
C LEU B 536 -15.72 -5.28 -13.15
N MET B 537 -15.00 -5.89 -14.07
CA MET B 537 -15.60 -6.62 -15.18
C MET B 537 -15.36 -8.11 -14.96
N ILE B 538 -16.45 -8.88 -14.89
CA ILE B 538 -16.37 -10.33 -14.71
C ILE B 538 -16.81 -10.95 -16.02
N CYS B 539 -15.88 -11.48 -16.79
CA CYS B 539 -16.20 -12.12 -18.07
C CYS B 539 -16.70 -13.52 -17.76
N GLY B 540 -18.02 -13.64 -17.53
CA GLY B 540 -18.58 -14.92 -17.20
C GLY B 540 -18.58 -15.86 -18.38
N HIS B 541 -18.75 -17.15 -18.07
CA HIS B 541 -18.74 -18.18 -19.09
C HIS B 541 -19.22 -19.48 -18.46
N VAL B 542 -20.18 -20.13 -19.11
CA VAL B 542 -20.71 -21.40 -18.63
C VAL B 542 -20.10 -22.53 -19.44
N HIS B 543 -19.84 -23.66 -18.77
CA HIS B 543 -19.29 -24.84 -19.42
C HIS B 543 -20.43 -25.81 -19.69
N MET B 544 -20.55 -26.24 -20.94
CA MET B 544 -21.72 -27.00 -21.40
C MET B 544 -21.46 -28.49 -21.49
N GLY B 545 -20.27 -28.96 -21.13
CA GLY B 545 -19.93 -30.35 -21.27
C GLY B 545 -20.46 -31.22 -20.14
N PRO B 546 -20.20 -32.52 -20.22
CA PRO B 546 -20.61 -33.42 -19.14
C PRO B 546 -19.83 -33.15 -17.86
N ARG B 547 -20.50 -33.45 -16.74
CA ARG B 547 -19.99 -33.03 -15.44
C ARG B 547 -18.64 -33.66 -15.12
N ARG B 548 -18.47 -34.95 -15.43
CA ARG B 548 -17.27 -35.66 -14.98
C ARG B 548 -16.00 -35.01 -15.50
N GLN B 549 -15.95 -34.72 -16.79
CA GLN B 549 -14.76 -34.18 -17.43
C GLN B 549 -14.77 -32.66 -17.53
N ALA B 550 -15.78 -32.00 -16.98
CA ALA B 550 -15.89 -30.55 -17.16
C ALA B 550 -14.81 -29.79 -16.41
N MET B 551 -14.28 -30.37 -15.32
CA MET B 551 -13.37 -29.62 -14.47
C MET B 551 -12.05 -29.31 -15.17
N LYS B 552 -11.46 -30.30 -15.85
CA LYS B 552 -10.19 -30.06 -16.53
C LYS B 552 -10.35 -29.05 -17.66
N GLU B 553 -11.44 -29.17 -18.42
CA GLU B 553 -11.70 -28.18 -19.46
C GLU B 553 -11.90 -26.80 -18.87
N MET B 554 -12.60 -26.68 -17.74
CA MET B 554 -12.78 -25.39 -17.11
C MET B 554 -11.43 -24.81 -16.67
N SER B 555 -10.56 -25.65 -16.10
CA SER B 555 -9.25 -25.17 -15.68
C SER B 555 -8.43 -24.67 -16.86
N ILE B 556 -8.42 -25.44 -17.95
CA ILE B 556 -7.67 -25.04 -19.13
C ILE B 556 -8.22 -23.74 -19.69
N ASP B 557 -9.55 -23.64 -19.79
CA ASP B 557 -10.17 -22.43 -20.30
C ASP B 557 -9.81 -21.22 -19.45
N GLN B 558 -9.93 -21.37 -18.12
CA GLN B 558 -9.64 -20.25 -17.25
C GLN B 558 -8.18 -19.82 -17.37
N ALA B 559 -7.26 -20.79 -17.37
CA ALA B 559 -5.84 -20.45 -17.47
C ALA B 559 -5.57 -19.70 -18.77
N LYS B 560 -6.00 -20.25 -19.90
CA LYS B 560 -5.65 -19.65 -21.18
C LYS B 560 -6.35 -18.31 -21.38
N TYR B 561 -7.60 -18.16 -20.93
CA TYR B 561 -8.27 -16.89 -21.12
C TYR B 561 -7.77 -15.82 -20.16
N GLN B 562 -7.40 -16.19 -18.93
CA GLN B 562 -6.76 -15.21 -18.06
C GLN B 562 -5.43 -14.77 -18.63
N ARG B 563 -4.66 -15.70 -19.20
CA ARG B 563 -3.41 -15.31 -19.85
C ARG B 563 -3.69 -14.39 -21.03
N TRP B 564 -4.74 -14.67 -21.79
CA TRP B 564 -5.09 -13.80 -22.92
C TRP B 564 -5.45 -12.40 -22.44
N LEU B 565 -6.26 -12.30 -21.38
CA LEU B 565 -6.66 -10.99 -20.87
C LEU B 565 -5.46 -10.23 -20.34
N ILE B 566 -4.57 -10.90 -19.61
CA ILE B 566 -3.39 -10.24 -19.08
C ILE B 566 -2.47 -9.82 -20.22
N LYS B 567 -2.43 -10.60 -21.30
CA LYS B 567 -1.61 -10.22 -22.45
C LYS B 567 -2.04 -8.89 -23.01
N ASN B 568 -3.35 -8.67 -23.12
CA ASN B 568 -3.87 -7.37 -23.52
C ASN B 568 -3.88 -6.43 -22.32
N LYS B 569 -4.38 -5.21 -22.53
CA LYS B 569 -4.52 -4.25 -21.45
C LYS B 569 -5.80 -4.47 -20.63
N MET B 570 -6.52 -5.55 -20.89
CA MET B 570 -7.80 -5.78 -20.25
C MET B 570 -7.63 -5.96 -18.75
N LYS B 571 -8.52 -5.36 -17.98
CA LYS B 571 -8.56 -5.49 -16.53
C LYS B 571 -9.90 -6.13 -16.17
N ALA B 572 -9.94 -7.47 -16.19
CA ALA B 572 -11.17 -8.19 -15.96
C ALA B 572 -10.85 -9.54 -15.34
N PHE B 573 -11.85 -10.12 -14.68
CA PHE B 573 -11.74 -11.42 -14.05
C PHE B 573 -12.57 -12.42 -14.83
N TYR B 574 -11.93 -13.48 -15.32
CA TYR B 574 -12.63 -14.54 -16.02
C TYR B 574 -13.18 -15.51 -14.97
N ALA B 575 -14.51 -15.54 -14.85
CA ALA B 575 -15.18 -16.36 -13.85
C ALA B 575 -16.02 -17.41 -14.54
N PRO B 576 -15.53 -18.62 -14.73
CA PRO B 576 -16.34 -19.65 -15.38
C PRO B 576 -17.12 -20.49 -14.38
N VAL B 577 -18.21 -21.05 -14.88
CA VAL B 577 -19.05 -21.96 -14.11
C VAL B 577 -19.47 -23.10 -15.02
N HIS B 578 -20.12 -24.09 -14.42
CA HIS B 578 -20.68 -25.22 -15.16
C HIS B 578 -22.18 -25.24 -14.91
N ALA B 579 -22.96 -25.45 -15.96
CA ALA B 579 -24.41 -25.38 -15.85
C ALA B 579 -25.03 -26.26 -16.92
N ASP B 580 -26.28 -26.66 -16.66
CA ASP B 580 -27.03 -27.46 -17.63
C ASP B 580 -27.43 -26.63 -18.85
N ASP B 581 -27.39 -25.31 -18.73
CA ASP B 581 -27.68 -24.42 -19.85
C ASP B 581 -27.18 -23.03 -19.49
N LEU B 582 -27.29 -22.11 -20.45
CA LEU B 582 -26.77 -20.76 -20.23
C LEU B 582 -27.49 -20.07 -19.09
N ARG B 583 -28.80 -20.23 -18.99
CA ARG B 583 -29.56 -19.51 -17.97
C ARG B 583 -29.15 -19.93 -16.57
N GLU B 584 -28.95 -21.23 -16.33
CA GLU B 584 -28.59 -21.68 -15.00
C GLU B 584 -27.22 -21.19 -14.59
N GLY B 585 -26.24 -21.21 -15.51
CA GLY B 585 -24.93 -20.68 -15.19
C GLY B 585 -24.96 -19.19 -14.96
N ALA B 586 -25.77 -18.47 -15.74
CA ALA B 586 -25.95 -17.05 -15.47
C ALA B 586 -26.52 -16.83 -14.09
N GLN B 587 -27.48 -17.66 -13.68
CA GLN B 587 -28.03 -17.54 -12.34
C GLN B 587 -26.95 -17.79 -11.29
N TYR B 588 -26.12 -18.81 -11.51
CA TYR B 588 -25.01 -19.06 -10.59
C TYR B 588 -24.16 -17.81 -10.42
N LEU B 589 -23.73 -17.22 -11.54
CA LEU B 589 -22.82 -16.08 -11.48
C LEU B 589 -23.48 -14.87 -10.85
N MET B 590 -24.72 -14.56 -11.25
CA MET B 590 -25.42 -13.42 -10.71
C MET B 590 -25.77 -13.60 -9.23
N GLN B 591 -25.81 -14.85 -8.74
CA GLN B 591 -26.15 -15.09 -7.35
C GLN B 591 -24.93 -15.18 -6.44
N ALA B 592 -23.77 -15.56 -6.97
CA ALA B 592 -22.61 -15.82 -6.13
C ALA B 592 -21.35 -15.05 -6.50
N ALA B 593 -21.21 -14.56 -7.73
CA ALA B 593 -19.94 -14.00 -8.17
C ALA B 593 -19.51 -12.84 -7.30
N GLY B 594 -18.21 -12.74 -7.05
CA GLY B 594 -17.66 -11.63 -6.29
C GLY B 594 -17.88 -11.76 -4.81
N LEU B 595 -16.90 -11.38 -4.00
CA LEU B 595 -16.97 -11.51 -2.55
C LEU B 595 -16.98 -10.15 -1.90
N GLY B 596 -17.81 -10.02 -0.86
CA GLY B 596 -17.92 -8.74 -0.17
C GLY B 596 -18.66 -7.73 -1.02
N ARG B 597 -18.13 -6.52 -1.07
CA ARG B 597 -18.72 -5.45 -1.86
C ARG B 597 -18.23 -5.45 -3.29
N MET B 598 -17.35 -6.38 -3.66
CA MET B 598 -16.86 -6.49 -5.04
C MET B 598 -17.72 -7.46 -5.85
N LYS B 599 -19.03 -7.25 -5.84
CA LYS B 599 -19.94 -8.13 -6.55
C LYS B 599 -20.66 -7.36 -7.66
N PRO B 600 -21.05 -8.03 -8.74
CA PRO B 600 -21.67 -7.32 -9.86
C PRO B 600 -22.98 -6.68 -9.46
N ASN B 601 -23.30 -5.58 -10.15
CA ASN B 601 -24.60 -4.93 -10.03
C ASN B 601 -25.24 -4.61 -11.37
N THR B 602 -24.60 -4.98 -12.48
CA THR B 602 -25.20 -4.88 -13.80
C THR B 602 -24.78 -6.08 -14.63
N LEU B 603 -25.61 -6.43 -15.61
CA LEU B 603 -25.38 -7.55 -16.51
C LEU B 603 -25.25 -7.01 -17.92
N VAL B 604 -24.08 -7.24 -18.53
CA VAL B 604 -23.79 -6.73 -19.87
C VAL B 604 -23.90 -7.89 -20.84
N LEU B 605 -24.79 -7.77 -21.80
CA LEU B 605 -25.08 -8.84 -22.76
C LEU B 605 -24.86 -8.32 -24.17
N GLY B 606 -24.16 -9.09 -24.99
CA GLY B 606 -24.09 -8.77 -26.40
C GLY B 606 -25.41 -9.05 -27.10
N PHE B 607 -25.74 -8.21 -28.07
CA PHE B 607 -26.94 -8.43 -28.84
C PHE B 607 -26.84 -9.74 -29.62
N LYS B 608 -27.95 -10.46 -29.71
CA LYS B 608 -27.99 -11.74 -30.41
C LYS B 608 -28.18 -11.46 -31.89
N LYS B 609 -27.07 -11.37 -32.62
CA LYS B 609 -27.15 -11.06 -34.05
C LYS B 609 -27.84 -12.17 -34.82
N ASP B 610 -27.54 -13.43 -34.50
CA ASP B 610 -28.06 -14.56 -35.24
C ASP B 610 -29.34 -15.12 -34.65
N TRP B 611 -30.14 -14.29 -33.98
CA TRP B 611 -31.38 -14.78 -33.42
C TRP B 611 -32.34 -15.26 -34.49
N LEU B 612 -32.21 -14.76 -35.72
CA LEU B 612 -33.06 -15.24 -36.81
C LEU B 612 -32.68 -16.66 -37.21
N GLN B 613 -31.39 -16.91 -37.38
CA GLN B 613 -30.93 -18.23 -37.81
C GLN B 613 -30.97 -19.23 -36.66
N ALA B 614 -30.59 -18.80 -35.45
CA ALA B 614 -30.45 -19.72 -34.34
C ALA B 614 -31.81 -20.26 -33.89
N ASP B 615 -31.77 -21.40 -33.22
CA ASP B 615 -33.00 -21.99 -32.71
C ASP B 615 -33.70 -21.05 -31.75
N MET B 616 -35.02 -21.04 -31.81
CA MET B 616 -35.81 -20.10 -31.03
C MET B 616 -35.71 -20.37 -29.53
N ARG B 617 -35.33 -21.59 -29.15
CA ARG B 617 -35.15 -21.90 -27.73
C ARG B 617 -34.05 -21.04 -27.12
N ASP B 618 -32.95 -20.86 -27.86
CA ASP B 618 -31.86 -20.02 -27.36
C ASP B 618 -32.32 -18.59 -27.17
N VAL B 619 -33.12 -18.07 -28.09
CA VAL B 619 -33.60 -16.70 -27.97
C VAL B 619 -34.54 -16.56 -26.79
N ASP B 620 -35.43 -17.54 -26.60
CA ASP B 620 -36.31 -17.50 -25.43
C ASP B 620 -35.48 -17.53 -24.15
N MET B 621 -34.40 -18.30 -24.14
CA MET B 621 -33.53 -18.34 -22.98
C MET B 621 -32.82 -17.00 -22.79
N TYR B 622 -32.47 -16.34 -23.89
CA TYR B 622 -31.91 -14.98 -23.82
C TYR B 622 -32.86 -14.03 -23.09
N ILE B 623 -34.13 -14.03 -23.49
CA ILE B 623 -35.09 -13.13 -22.87
C ILE B 623 -35.35 -13.53 -21.42
N ASN B 624 -35.39 -14.85 -21.15
CA ASN B 624 -35.54 -15.29 -19.77
C ASN B 624 -34.36 -14.82 -18.92
N LEU B 625 -33.17 -14.78 -19.50
CA LEU B 625 -32.02 -14.24 -18.79
C LEU B 625 -32.19 -12.75 -18.51
N PHE B 626 -32.72 -12.01 -19.48
CA PHE B 626 -33.06 -10.61 -19.23
C PHE B 626 -33.94 -10.48 -18.00
N HIS B 627 -35.03 -11.24 -17.98
CA HIS B 627 -36.00 -11.13 -16.88
C HIS B 627 -35.38 -11.57 -15.56
N ASP B 628 -34.57 -12.63 -15.58
CA ASP B 628 -33.91 -13.07 -14.35
C ASP B 628 -32.99 -12.00 -13.81
N ALA B 629 -32.22 -11.35 -14.69
CA ALA B 629 -31.37 -10.25 -14.25
C ALA B 629 -32.20 -9.14 -13.62
N PHE B 630 -33.36 -8.83 -14.22
CA PHE B 630 -34.24 -7.83 -13.61
C PHE B 630 -34.74 -8.30 -12.25
N ASP B 631 -34.89 -9.62 -12.07
CA ASP B 631 -35.41 -10.12 -10.80
C ASP B 631 -34.43 -9.88 -9.66
N ILE B 632 -33.13 -9.96 -9.93
CA ILE B 632 -32.12 -9.84 -8.88
C ILE B 632 -31.65 -8.40 -8.78
N GLN B 633 -32.45 -7.47 -9.32
CA GLN B 633 -32.18 -6.04 -9.20
C GLN B 633 -30.91 -5.64 -9.95
N TYR B 634 -30.49 -6.44 -10.92
CA TYR B 634 -29.40 -6.06 -11.79
C TYR B 634 -29.90 -5.07 -12.85
N GLY B 635 -28.95 -4.33 -13.43
CA GLY B 635 -29.26 -3.46 -14.54
C GLY B 635 -28.74 -4.06 -15.83
N VAL B 636 -29.62 -4.31 -16.80
CA VAL B 636 -29.19 -4.94 -18.04
C VAL B 636 -28.62 -3.87 -18.97
N VAL B 637 -27.61 -4.25 -19.74
CA VAL B 637 -26.99 -3.38 -20.73
C VAL B 637 -26.72 -4.23 -21.96
N VAL B 638 -27.49 -4.02 -23.02
CA VAL B 638 -27.36 -4.79 -24.25
C VAL B 638 -26.55 -3.98 -25.24
N ILE B 639 -25.41 -4.53 -25.66
CA ILE B 639 -24.48 -3.82 -26.52
C ILE B 639 -24.50 -4.47 -27.89
N ARG B 640 -24.63 -3.66 -28.94
CA ARG B 640 -24.61 -4.14 -30.31
C ARG B 640 -23.53 -3.40 -31.09
N LEU B 641 -22.60 -4.14 -31.67
CA LEU B 641 -21.52 -3.60 -32.48
C LEU B 641 -21.48 -4.33 -33.81
N LYS B 642 -20.61 -3.85 -34.70
CA LYS B 642 -20.23 -4.59 -35.90
C LYS B 642 -18.96 -5.37 -35.57
N GLU B 643 -19.09 -6.68 -35.40
CA GLU B 643 -17.98 -7.50 -34.92
C GLU B 643 -16.87 -7.64 -35.95
N GLY B 644 -17.13 -7.32 -37.22
CA GLY B 644 -16.08 -7.44 -38.22
C GLY B 644 -14.89 -6.55 -37.93
N LEU B 645 -15.11 -5.47 -37.20
CA LEU B 645 -14.05 -4.53 -36.85
C LEU B 645 -13.85 -4.49 -35.34
N ASN B 741 -19.20 14.45 -35.24
CA ASN B 741 -19.18 13.05 -34.85
C ASN B 741 -18.89 12.93 -33.36
N THR B 742 -19.91 12.58 -32.58
CA THR B 742 -19.82 12.54 -31.13
C THR B 742 -20.74 11.46 -30.58
N ILE B 743 -20.77 11.33 -29.26
CA ILE B 743 -21.63 10.36 -28.59
C ILE B 743 -23.03 10.95 -28.47
N ASP B 744 -24.03 10.08 -28.49
CA ASP B 744 -25.43 10.49 -28.35
C ASP B 744 -26.09 9.64 -27.26
N VAL B 745 -26.91 10.28 -26.45
CA VAL B 745 -27.65 9.64 -25.37
C VAL B 745 -29.13 9.87 -25.63
N TRP B 746 -29.96 8.91 -25.23
CA TRP B 746 -31.40 8.98 -25.40
C TRP B 746 -32.03 8.63 -24.06
N TRP B 747 -32.18 9.62 -23.19
CA TRP B 747 -32.73 9.42 -21.85
C TRP B 747 -34.26 9.33 -21.91
N LEU B 748 -34.74 8.38 -22.72
CA LEU B 748 -36.18 8.25 -22.94
C LEU B 748 -36.90 7.86 -21.66
N PHE B 749 -36.38 6.86 -20.95
CA PHE B 749 -37.00 6.35 -19.74
C PHE B 749 -36.11 6.61 -18.53
N ASP B 750 -36.72 7.06 -17.44
CA ASP B 750 -35.97 7.35 -16.23
C ASP B 750 -35.75 6.07 -15.44
N ASP B 751 -34.49 5.72 -15.25
CA ASP B 751 -34.06 4.64 -14.36
C ASP B 751 -33.22 5.26 -13.25
N GLY B 752 -32.54 4.41 -12.49
CA GLY B 752 -31.69 4.93 -11.42
C GLY B 752 -30.74 6.00 -11.90
N GLY B 753 -30.25 5.89 -13.14
CA GLY B 753 -29.36 6.89 -13.71
C GLY B 753 -28.20 6.32 -14.49
N LEU B 754 -28.17 4.99 -14.65
CA LEU B 754 -27.09 4.36 -15.40
C LEU B 754 -27.03 4.83 -16.85
N THR B 755 -28.18 5.15 -17.45
CA THR B 755 -28.21 5.55 -18.84
C THR B 755 -27.33 6.75 -19.10
N LEU B 756 -27.16 7.63 -18.12
CA LEU B 756 -26.26 8.76 -18.23
C LEU B 756 -24.89 8.49 -17.66
N LEU B 757 -24.79 7.60 -16.66
CA LEU B 757 -23.50 7.31 -16.06
C LEU B 757 -22.58 6.61 -17.06
N ILE B 758 -23.11 5.70 -17.86
CA ILE B 758 -22.27 5.00 -18.84
C ILE B 758 -21.67 5.95 -19.87
N PRO B 759 -22.45 6.80 -20.54
CA PRO B 759 -21.81 7.75 -21.47
C PRO B 759 -20.79 8.64 -20.81
N TYR B 760 -21.07 9.11 -19.60
CA TYR B 760 -20.09 9.98 -18.92
C TYR B 760 -18.79 9.23 -18.70
N LEU B 761 -18.85 8.00 -18.19
CA LEU B 761 -17.63 7.22 -18.01
C LEU B 761 -16.93 6.97 -19.33
N LEU B 762 -17.69 6.80 -20.42
CA LEU B 762 -17.05 6.68 -21.72
C LEU B 762 -16.26 7.93 -22.05
N THR B 763 -16.80 9.10 -21.74
CA THR B 763 -16.12 10.34 -22.06
C THR B 763 -14.87 10.56 -21.22
N THR B 764 -14.73 9.88 -20.09
CA THR B 764 -13.52 10.01 -19.26
C THR B 764 -12.45 9.01 -19.71
N LYS B 765 -12.16 8.99 -21.00
CA LYS B 765 -11.17 8.07 -21.54
C LYS B 765 -10.54 8.70 -22.78
N LYS B 766 -9.27 8.39 -23.01
CA LYS B 766 -8.58 8.96 -24.16
C LYS B 766 -9.25 8.57 -25.47
N LYS B 767 -9.90 7.40 -25.51
CA LYS B 767 -10.58 6.99 -26.73
C LYS B 767 -11.72 7.93 -27.07
N TRP B 768 -12.53 8.30 -26.07
CA TRP B 768 -13.67 9.19 -26.27
C TRP B 768 -13.48 10.52 -25.54
N LYS B 769 -12.23 10.94 -25.36
CA LYS B 769 -11.98 12.21 -24.69
C LYS B 769 -12.57 13.37 -25.48
N ASP B 770 -12.50 13.30 -26.81
CA ASP B 770 -13.00 14.37 -27.65
C ASP B 770 -14.50 14.32 -27.88
N CYS B 771 -15.16 13.23 -27.56
CA CYS B 771 -16.59 13.11 -27.84
C CYS B 771 -17.41 13.97 -26.89
N LYS B 772 -18.46 14.57 -27.43
CA LYS B 772 -19.33 15.48 -26.69
C LYS B 772 -20.72 14.87 -26.58
N ILE B 773 -21.22 14.73 -25.36
CA ILE B 773 -22.46 14.00 -25.12
C ILE B 773 -23.65 14.84 -25.56
N ARG B 774 -24.16 14.57 -26.75
CA ARG B 774 -25.44 15.13 -27.17
C ARG B 774 -26.55 14.32 -26.53
N VAL B 775 -27.66 14.99 -26.22
CA VAL B 775 -28.76 14.38 -25.46
C VAL B 775 -30.04 14.53 -26.27
N PHE B 776 -30.82 13.46 -26.35
CA PHE B 776 -32.12 13.44 -27.00
C PHE B 776 -33.14 12.90 -26.02
N ILE B 777 -34.27 13.60 -25.89
CA ILE B 777 -35.32 13.23 -24.95
C ILE B 777 -36.67 13.34 -25.63
N GLY B 778 -37.70 12.87 -24.93
CA GLY B 778 -39.06 12.91 -25.44
C GLY B 778 -39.85 14.01 -24.78
N GLY B 779 -40.55 14.79 -25.61
CA GLY B 779 -41.37 15.88 -25.10
C GLY B 779 -42.34 16.43 -26.11
N LYS B 780 -43.57 16.70 -25.68
CA LYS B 780 -44.58 17.28 -26.56
C LYS B 780 -44.10 18.62 -27.08
N ILE B 781 -44.68 19.03 -28.21
CA ILE B 781 -44.20 20.22 -28.91
C ILE B 781 -44.38 21.47 -28.04
N ASN B 782 -45.58 21.67 -27.49
CA ASN B 782 -45.90 22.95 -26.88
C ASN B 782 -44.99 23.31 -25.71
N ARG B 783 -44.27 22.35 -25.15
CA ARG B 783 -43.36 22.59 -24.03
C ARG B 783 -41.98 22.04 -24.34
N ILE B 784 -41.54 22.12 -25.60
CA ILE B 784 -40.19 21.62 -25.90
C ILE B 784 -39.14 22.45 -25.16
N ASP B 785 -39.21 23.77 -25.28
CA ASP B 785 -38.17 24.62 -24.68
C ASP B 785 -38.08 24.37 -23.18
N HIS B 786 -39.22 24.43 -22.49
CA HIS B 786 -39.23 24.10 -21.07
C HIS B 786 -38.55 22.77 -20.82
N ASP B 787 -38.94 21.74 -21.56
CA ASP B 787 -38.28 20.44 -21.41
C ASP B 787 -36.78 20.59 -21.55
N ARG B 788 -36.33 21.25 -22.62
CA ARG B 788 -34.90 21.48 -22.77
C ARG B 788 -34.35 22.14 -21.52
N ARG B 789 -34.96 23.24 -21.09
CA ARG B 789 -34.51 23.90 -19.88
C ARG B 789 -34.44 22.90 -18.73
N ALA B 790 -35.53 22.17 -18.50
CA ALA B 790 -35.54 21.20 -17.42
C ALA B 790 -34.36 20.25 -17.54
N MET B 791 -34.18 19.66 -18.72
CA MET B 791 -33.10 18.71 -18.88
C MET B 791 -31.76 19.36 -18.56
N ALA B 792 -31.54 20.58 -19.07
CA ALA B 792 -30.30 21.27 -18.76
C ALA B 792 -30.11 21.36 -17.25
N THR B 793 -31.15 21.80 -16.53
CA THR B 793 -31.04 21.89 -15.09
C THR B 793 -30.67 20.54 -14.50
N LEU B 794 -31.32 19.47 -14.95
CA LEU B 794 -30.95 18.13 -14.50
C LEU B 794 -29.49 17.87 -14.76
N LEU B 795 -29.05 18.09 -16.00
CA LEU B 795 -27.64 17.86 -16.32
C LEU B 795 -26.73 18.92 -15.74
N SER B 796 -27.29 19.98 -15.14
CA SER B 796 -26.49 20.87 -14.33
C SER B 796 -26.31 20.33 -12.92
N LYS B 797 -27.34 19.66 -12.38
CA LYS B 797 -27.22 19.08 -11.05
C LYS B 797 -26.24 17.93 -11.04
N PHE B 798 -26.41 16.99 -11.97
CA PHE B 798 -25.40 15.97 -12.24
C PHE B 798 -24.44 16.57 -13.25
N ARG B 799 -23.19 16.75 -12.85
CA ARG B 799 -22.24 17.46 -13.68
C ARG B 799 -21.83 16.60 -14.87
N ILE B 800 -22.77 16.36 -15.78
CA ILE B 800 -22.49 15.48 -16.93
C ILE B 800 -21.73 16.21 -18.03
N ASP B 801 -21.86 17.53 -18.14
CA ASP B 801 -21.14 18.32 -19.13
C ASP B 801 -21.48 17.85 -20.55
N PHE B 802 -22.75 18.01 -20.90
CA PHE B 802 -23.22 17.71 -22.24
C PHE B 802 -22.82 18.82 -23.19
N SER B 803 -23.19 18.65 -24.46
CA SER B 803 -22.99 19.67 -25.49
C SER B 803 -24.28 20.43 -25.79
N ASP B 804 -25.33 19.71 -26.18
CA ASP B 804 -26.63 20.32 -26.43
C ASP B 804 -27.71 19.26 -26.28
N ILE B 805 -28.94 19.72 -26.08
CA ILE B 805 -30.08 18.86 -25.83
C ILE B 805 -31.08 19.07 -26.97
N MET B 806 -31.56 17.98 -27.54
CA MET B 806 -32.59 18.02 -28.57
C MET B 806 -33.83 17.31 -28.07
N VAL B 807 -34.95 18.02 -28.02
CA VAL B 807 -36.22 17.47 -27.56
C VAL B 807 -37.03 17.04 -28.78
N LEU B 808 -37.48 15.80 -28.77
CA LEU B 808 -38.27 15.23 -29.84
C LEU B 808 -39.67 14.93 -29.33
N GLY B 809 -40.68 15.38 -30.07
CA GLY B 809 -42.06 15.12 -29.70
C GLY B 809 -42.76 14.19 -30.67
N ASP B 810 -42.01 13.69 -31.66
CA ASP B 810 -42.57 12.84 -32.70
C ASP B 810 -42.46 11.36 -32.38
N ILE B 811 -41.85 11.01 -31.25
CA ILE B 811 -41.66 9.59 -30.92
C ILE B 811 -42.98 8.86 -30.76
N ASN B 812 -44.07 9.58 -30.49
CA ASN B 812 -45.37 8.96 -30.34
C ASN B 812 -46.13 8.84 -31.65
N THR B 813 -45.62 9.40 -32.74
CA THR B 813 -46.34 9.36 -34.01
C THR B 813 -46.15 8.00 -34.68
N LYS B 814 -47.11 7.66 -35.54
CA LYS B 814 -47.04 6.42 -36.27
C LYS B 814 -45.83 6.44 -37.21
N PRO B 815 -45.09 5.34 -37.35
CA PRO B 815 -43.96 5.33 -38.29
C PRO B 815 -44.39 5.15 -39.73
N LYS B 816 -43.42 5.04 -40.63
CA LYS B 816 -43.71 4.87 -42.04
C LYS B 816 -44.33 3.50 -42.30
N LYS B 817 -45.13 3.42 -43.36
CA LYS B 817 -45.72 2.15 -43.75
C LYS B 817 -44.66 1.15 -44.20
N GLU B 818 -43.62 1.60 -44.89
CA GLU B 818 -42.57 0.68 -45.34
C GLU B 818 -41.87 0.04 -44.15
N ASN B 819 -41.63 0.82 -43.08
CA ASN B 819 -40.93 0.27 -41.93
C ASN B 819 -41.77 -0.77 -41.20
N ILE B 820 -43.07 -0.51 -41.03
CA ILE B 820 -43.91 -1.53 -40.41
C ILE B 820 -44.04 -2.75 -41.30
N ILE B 821 -44.06 -2.57 -42.63
CA ILE B 821 -44.07 -3.73 -43.52
C ILE B 821 -42.81 -4.56 -43.32
N ALA B 822 -41.65 -3.89 -43.21
CA ALA B 822 -40.41 -4.62 -42.96
C ALA B 822 -40.45 -5.34 -41.62
N PHE B 823 -41.01 -4.69 -40.59
CA PHE B 823 -41.14 -5.33 -39.29
C PHE B 823 -42.01 -6.58 -39.38
N GLU B 824 -43.13 -6.49 -40.10
CA GLU B 824 -44.01 -7.64 -40.26
C GLU B 824 -43.30 -8.75 -41.00
N GLU B 825 -42.53 -8.41 -42.04
CA GLU B 825 -41.77 -9.43 -42.75
C GLU B 825 -40.76 -10.09 -41.83
N ILE B 826 -40.14 -9.30 -40.95
CA ILE B 826 -39.15 -9.85 -40.02
C ILE B 826 -39.79 -10.86 -39.09
N ILE B 827 -40.96 -10.51 -38.53
CA ILE B 827 -41.58 -11.38 -37.53
C ILE B 827 -42.53 -12.41 -38.13
N GLU B 828 -42.71 -12.43 -39.45
CA GLU B 828 -43.66 -13.35 -40.05
C GLU B 828 -43.35 -14.82 -39.75
N PRO B 829 -42.11 -15.30 -39.86
CA PRO B 829 -41.87 -16.73 -39.61
C PRO B 829 -42.29 -17.18 -38.24
N TYR B 830 -42.30 -16.28 -37.25
CA TYR B 830 -42.71 -16.61 -35.89
C TYR B 830 -44.16 -16.23 -35.61
N ARG B 831 -44.92 -15.87 -36.64
CA ARG B 831 -46.31 -15.48 -36.45
C ARG B 831 -47.19 -16.70 -36.23
N LEU B 832 -48.21 -16.53 -35.40
CA LEU B 832 -49.25 -17.53 -35.17
C LEU B 832 -50.57 -16.88 -35.53
N HIS B 833 -51.02 -17.07 -36.78
CA HIS B 833 -52.21 -16.40 -37.29
C HIS B 833 -53.45 -17.01 -36.66
N GLU B 834 -53.65 -16.70 -35.38
CA GLU B 834 -54.79 -17.22 -34.65
C GLU B 834 -56.10 -16.60 -35.12
N ASP B 835 -56.05 -15.34 -35.56
CA ASP B 835 -57.27 -14.70 -36.07
C ASP B 835 -57.69 -15.30 -37.41
N ASP B 836 -56.72 -15.71 -38.24
CA ASP B 836 -56.99 -16.19 -39.59
C ASP B 836 -56.94 -17.71 -39.69
N LYS B 837 -57.00 -18.42 -38.57
CA LYS B 837 -56.96 -19.88 -38.56
C LYS B 837 -57.98 -20.40 -37.55
N GLU B 838 -58.27 -21.70 -37.65
CA GLU B 838 -59.23 -22.32 -36.75
C GLU B 838 -58.71 -22.28 -35.32
N GLN B 839 -59.66 -22.23 -34.37
CA GLN B 839 -59.29 -22.08 -32.97
C GLN B 839 -58.48 -23.26 -32.47
N ASP B 840 -58.88 -24.49 -32.85
CA ASP B 840 -58.19 -25.67 -32.33
C ASP B 840 -56.75 -25.76 -32.82
N ILE B 841 -56.53 -25.55 -34.12
CA ILE B 841 -55.17 -25.67 -34.66
C ILE B 841 -54.29 -24.56 -34.10
N ALA B 842 -54.83 -23.33 -34.02
CA ALA B 842 -54.05 -22.25 -33.44
C ALA B 842 -53.70 -22.54 -31.99
N ASP B 843 -54.67 -23.06 -31.22
CA ASP B 843 -54.40 -23.35 -29.82
C ASP B 843 -53.33 -24.42 -29.68
N LYS B 844 -53.47 -25.54 -30.38
CA LYS B 844 -52.47 -26.60 -30.23
C LYS B 844 -51.10 -26.13 -30.68
N MET B 845 -51.04 -25.36 -31.77
CA MET B 845 -49.77 -24.75 -32.15
C MET B 845 -49.24 -23.83 -31.05
N LYS B 846 -50.14 -23.25 -30.25
CA LYS B 846 -49.69 -22.39 -29.16
C LYS B 846 -49.04 -23.21 -28.04
N GLU B 847 -49.76 -24.19 -27.48
CA GLU B 847 -49.17 -24.93 -26.36
C GLU B 847 -47.96 -25.73 -26.79
N ASP B 848 -48.02 -26.40 -27.94
CA ASP B 848 -46.86 -27.18 -28.35
C ASP B 848 -45.69 -26.27 -28.75
N GLU B 849 -45.97 -25.02 -29.13
CA GLU B 849 -44.97 -24.07 -29.59
C GLU B 849 -45.23 -22.74 -28.88
N PRO B 850 -44.94 -22.66 -27.58
CA PRO B 850 -45.39 -21.50 -26.80
C PRO B 850 -44.77 -20.17 -27.20
N TRP B 851 -43.64 -20.17 -27.90
CA TRP B 851 -42.94 -18.92 -28.21
C TRP B 851 -43.57 -18.15 -29.36
N ARG B 852 -44.54 -18.72 -30.07
CA ARG B 852 -45.11 -18.04 -31.23
C ARG B 852 -45.81 -16.75 -30.83
N ILE B 853 -45.81 -15.78 -31.74
CA ILE B 853 -46.46 -14.49 -31.50
C ILE B 853 -47.94 -14.64 -31.86
N THR B 854 -48.80 -14.70 -30.85
CA THR B 854 -50.23 -14.68 -31.10
C THR B 854 -50.65 -13.27 -31.53
N ASP B 855 -51.61 -13.20 -32.45
CA ASP B 855 -52.07 -11.92 -32.94
C ASP B 855 -52.67 -11.06 -31.83
N ASN B 856 -53.07 -11.66 -30.72
CA ASN B 856 -53.53 -10.88 -29.58
C ASN B 856 -52.41 -9.99 -29.06
N GLU B 857 -51.19 -10.53 -28.96
CA GLU B 857 -50.06 -9.71 -28.54
C GLU B 857 -49.82 -8.57 -29.51
N LEU B 858 -49.91 -8.85 -30.81
CA LEU B 858 -49.67 -7.81 -31.80
C LEU B 858 -50.71 -6.70 -31.68
N GLU B 859 -51.98 -7.05 -31.52
CA GLU B 859 -53.01 -6.02 -31.39
C GLU B 859 -52.88 -5.28 -30.06
N LEU B 860 -52.35 -5.94 -29.03
CA LEU B 860 -52.19 -5.27 -27.74
C LEU B 860 -51.01 -4.32 -27.75
N TYR B 861 -49.96 -4.65 -28.49
CA TYR B 861 -48.70 -3.90 -28.47
C TYR B 861 -48.36 -3.28 -29.81
N LYS B 862 -49.36 -3.03 -30.65
CA LYS B 862 -49.13 -2.24 -31.85
C LYS B 862 -48.50 -0.91 -31.51
N THR B 863 -48.95 -0.28 -30.42
CA THR B 863 -48.38 1.00 -30.03
C THR B 863 -46.90 0.87 -29.73
N LYS B 864 -46.52 -0.15 -28.96
CA LYS B 864 -45.11 -0.34 -28.63
C LYS B 864 -44.28 -0.63 -29.88
N THR B 865 -44.78 -1.53 -30.74
CA THR B 865 -44.02 -1.89 -31.93
C THR B 865 -43.79 -0.67 -32.81
N TYR B 866 -44.84 0.13 -33.00
CA TYR B 866 -44.67 1.39 -33.72
C TYR B 866 -43.71 2.31 -32.99
N ARG B 867 -43.69 2.27 -31.67
CA ARG B 867 -42.77 3.12 -30.92
C ARG B 867 -41.33 2.78 -31.27
N GLN B 868 -40.95 1.50 -31.19
CA GLN B 868 -39.58 1.15 -31.54
C GLN B 868 -39.29 1.34 -33.03
N ILE B 869 -40.24 1.11 -33.93
CA ILE B 869 -39.97 1.35 -35.35
C ILE B 869 -39.69 2.84 -35.58
N ARG B 870 -40.52 3.70 -35.01
CA ARG B 870 -40.32 5.14 -35.14
C ARG B 870 -38.98 5.54 -34.52
N LEU B 871 -38.66 4.97 -33.36
CA LEU B 871 -37.39 5.29 -32.72
C LEU B 871 -36.22 4.89 -33.60
N ASN B 872 -36.32 3.74 -34.25
CA ASN B 872 -35.27 3.31 -35.16
C ASN B 872 -35.10 4.29 -36.31
N GLU B 873 -36.20 4.69 -36.94
CA GLU B 873 -36.06 5.57 -38.11
C GLU B 873 -35.53 6.94 -37.71
N LEU B 874 -35.96 7.47 -36.56
CA LEU B 874 -35.42 8.75 -36.14
C LEU B 874 -33.99 8.63 -35.63
N LEU B 875 -33.58 7.47 -35.13
CA LEU B 875 -32.16 7.22 -34.89
C LEU B 875 -31.38 7.29 -36.20
N LYS B 876 -31.92 6.66 -37.25
CA LYS B 876 -31.22 6.64 -38.52
C LYS B 876 -31.07 8.04 -39.10
N GLU B 877 -32.11 8.88 -38.97
CA GLU B 877 -32.01 10.20 -39.59
C GLU B 877 -31.31 11.23 -38.71
N HIS B 878 -31.43 11.15 -37.39
CA HIS B 878 -30.90 12.21 -36.53
C HIS B 878 -29.49 11.93 -36.03
N SER B 879 -29.20 10.69 -35.62
CA SER B 879 -27.90 10.33 -35.07
C SER B 879 -27.24 9.20 -35.86
N SER B 880 -27.23 9.32 -37.19
CA SER B 880 -26.52 8.33 -38.00
C SER B 880 -25.02 8.39 -37.74
N THR B 881 -24.45 9.58 -37.72
CA THR B 881 -23.01 9.77 -37.55
C THR B 881 -22.75 10.06 -36.09
N ALA B 882 -22.57 9.00 -35.31
CA ALA B 882 -22.25 9.11 -33.89
C ALA B 882 -21.46 7.88 -33.49
N ASN B 883 -20.38 8.09 -32.73
CA ASN B 883 -19.51 6.99 -32.37
C ASN B 883 -20.22 5.98 -31.49
N ILE B 884 -20.94 6.45 -30.48
CA ILE B 884 -21.67 5.59 -29.56
C ILE B 884 -23.05 6.17 -29.35
N ILE B 885 -24.07 5.31 -29.46
CA ILE B 885 -25.45 5.68 -29.18
C ILE B 885 -25.89 4.91 -27.94
N VAL B 886 -26.52 5.62 -27.01
CA VAL B 886 -27.01 5.03 -25.78
C VAL B 886 -28.52 5.23 -25.74
N MET B 887 -29.24 4.16 -25.41
CA MET B 887 -30.71 4.18 -25.42
C MET B 887 -31.21 3.34 -24.27
N SER B 888 -32.38 3.73 -23.73
CA SER B 888 -33.05 2.90 -22.74
C SER B 888 -33.80 1.78 -23.44
N LEU B 889 -33.43 0.54 -23.17
CA LEU B 889 -34.10 -0.57 -23.84
C LEU B 889 -35.51 -0.76 -23.28
N PRO B 890 -36.44 -1.26 -24.08
CA PRO B 890 -37.79 -1.52 -23.58
C PRO B 890 -37.82 -2.70 -22.63
N VAL B 891 -38.88 -2.73 -21.82
CA VAL B 891 -39.09 -3.80 -20.85
C VAL B 891 -40.53 -4.27 -20.96
N ALA B 892 -40.75 -5.56 -20.71
CA ALA B 892 -42.09 -6.13 -20.72
C ALA B 892 -42.17 -7.20 -19.65
N ARG B 893 -43.35 -7.34 -19.05
CA ARG B 893 -43.55 -8.31 -18.00
C ARG B 893 -43.41 -9.73 -18.54
N LYS B 894 -42.96 -10.63 -17.67
CA LYS B 894 -42.83 -12.04 -18.04
C LYS B 894 -44.19 -12.58 -18.45
N GLY B 895 -44.23 -13.31 -19.56
CA GLY B 895 -45.45 -13.90 -20.06
C GLY B 895 -46.41 -12.94 -20.72
N ALA B 896 -46.32 -11.65 -20.45
CA ALA B 896 -47.20 -10.68 -21.10
C ALA B 896 -46.96 -10.67 -22.60
N VAL B 897 -45.70 -10.72 -23.02
CA VAL B 897 -45.34 -10.63 -24.43
C VAL B 897 -44.41 -11.79 -24.78
N SER B 898 -44.61 -12.36 -25.95
CA SER B 898 -43.78 -13.46 -26.40
C SER B 898 -42.33 -13.04 -26.53
N SER B 899 -41.43 -13.94 -26.17
CA SER B 899 -40.01 -13.64 -26.27
C SER B 899 -39.58 -13.38 -27.71
N ALA B 900 -40.23 -14.03 -28.67
CA ALA B 900 -39.94 -13.74 -30.07
C ALA B 900 -40.26 -12.30 -30.42
N LEU B 901 -41.40 -11.79 -29.93
CA LEU B 901 -41.76 -10.41 -30.21
C LEU B 901 -40.82 -9.44 -29.49
N TYR B 902 -40.43 -9.76 -28.26
CA TYR B 902 -39.48 -8.89 -27.55
C TYR B 902 -38.15 -8.84 -28.28
N MET B 903 -37.65 -9.98 -28.73
CA MET B 903 -36.43 -9.96 -29.52
C MET B 903 -36.63 -9.22 -30.82
N ALA B 904 -37.83 -9.29 -31.40
CA ALA B 904 -38.10 -8.51 -32.62
C ALA B 904 -38.04 -7.02 -32.32
N TRP B 905 -38.54 -6.60 -31.17
CA TRP B 905 -38.42 -5.20 -30.79
C TRP B 905 -36.97 -4.79 -30.65
N LEU B 906 -36.16 -5.64 -30.02
CA LEU B 906 -34.74 -5.32 -29.89
C LEU B 906 -34.08 -5.22 -31.25
N GLU B 907 -34.42 -6.13 -32.16
CA GLU B 907 -33.86 -6.08 -33.51
C GLU B 907 -34.29 -4.80 -34.23
N ALA B 908 -35.55 -4.42 -34.11
CA ALA B 908 -36.06 -3.28 -34.85
C ALA B 908 -35.53 -1.96 -34.29
N LEU B 909 -35.34 -1.88 -32.98
CA LEU B 909 -34.92 -0.63 -32.37
C LEU B 909 -33.55 -0.18 -32.86
N SER B 910 -32.75 -1.11 -33.38
CA SER B 910 -31.38 -0.80 -33.81
C SER B 910 -31.05 -1.64 -35.05
N LYS B 911 -31.25 -1.05 -36.22
CA LYS B 911 -30.87 -1.67 -37.48
C LYS B 911 -29.88 -0.74 -38.19
N ASP B 912 -28.80 -1.32 -38.70
CA ASP B 912 -27.78 -0.60 -39.46
C ASP B 912 -27.45 0.74 -38.81
N LEU B 913 -26.96 0.67 -37.58
CA LEU B 913 -26.60 1.82 -36.78
C LEU B 913 -25.18 1.68 -36.27
N PRO B 914 -24.56 2.77 -35.82
CA PRO B 914 -23.25 2.68 -35.20
C PRO B 914 -23.33 1.89 -33.90
N PRO B 915 -22.24 1.81 -33.16
CA PRO B 915 -22.25 0.95 -31.96
C PRO B 915 -23.23 1.44 -30.89
N ILE B 916 -24.52 1.17 -31.13
CA ILE B 916 -25.53 1.49 -30.13
C ILE B 916 -25.28 0.69 -28.86
N LEU B 917 -25.71 1.24 -27.74
CA LEU B 917 -25.49 0.63 -26.42
C LEU B 917 -26.76 0.82 -25.59
N LEU B 918 -27.69 -0.12 -25.71
CA LEU B 918 -28.94 -0.06 -24.98
C LEU B 918 -28.67 -0.28 -23.49
N VAL B 919 -29.33 0.51 -22.64
CA VAL B 919 -29.10 0.48 -21.20
C VAL B 919 -30.43 0.34 -20.48
N ARG B 920 -30.36 -0.12 -19.23
CA ARG B 920 -31.53 -0.17 -18.35
C ARG B 920 -31.03 -0.29 -16.93
N GLY B 921 -31.31 0.71 -16.11
CA GLY B 921 -30.90 0.68 -14.72
C GLY B 921 -31.79 -0.20 -13.87
N ASN B 922 -31.41 -0.34 -12.60
CA ASN B 922 -32.14 -1.17 -11.65
C ASN B 922 -32.95 -0.34 -10.67
N HIS B 923 -33.30 0.89 -11.04
CA HIS B 923 -34.20 1.75 -10.28
C HIS B 923 -33.62 2.20 -8.94
N GLN B 924 -32.32 2.01 -8.72
CA GLN B 924 -31.63 2.58 -7.59
C GLN B 924 -30.79 3.75 -8.07
N SER B 925 -30.97 4.91 -7.45
CA SER B 925 -30.29 6.11 -7.89
C SER B 925 -28.79 5.91 -7.85
N VAL B 926 -28.13 6.19 -8.99
CA VAL B 926 -26.67 6.13 -9.08
C VAL B 926 -26.05 7.50 -9.25
N LEU B 927 -26.83 8.55 -9.41
CA LEU B 927 -26.33 9.91 -9.51
C LEU B 927 -26.63 10.65 -8.21
N THR B 928 -25.58 11.11 -7.55
CA THR B 928 -25.71 11.57 -6.16
C THR B 928 -26.59 12.80 -6.01
N PHE B 929 -26.47 13.80 -6.90
CA PHE B 929 -27.22 15.05 -6.85
C PHE B 929 -26.71 15.99 -5.77
N TYR B 930 -25.83 15.54 -4.89
CA TYR B 930 -25.33 16.35 -3.77
C TYR B 930 -23.80 16.27 -3.69
C6 82U C . -26.96 -23.57 6.06
C8 82U C . -29.23 -22.71 6.74
C13 82U C . -28.80 -29.53 5.69
C15 82U C . -30.08 -28.26 7.25
C17 82U C . -26.82 -23.18 11.27
N 82U C . -27.35 -24.76 6.79
CA 82U C . -26.73 -25.10 8.02
C 82U C . -26.64 -26.38 8.52
O 82U C . -26.47 -27.43 7.60
CB 82U C . -27.07 -24.17 8.98
CG 82U C . -26.72 -24.34 10.30
CD2 82U C . -26.33 -25.59 10.75
NE1 82U C . -25.09 -29.22 9.86
CZ2 82U C . -28.20 -22.81 5.61
CZ3 82U C . -30.34 -21.75 6.32
C1 82U C . -26.26 -26.61 9.83
C11 82U C . -27.69 -27.99 7.17
C12 82U C . -27.64 -28.93 6.15
C14 82U C . -30.02 -29.19 6.23
C16 82U C . -28.92 -27.66 7.72
O1 82U C . -24.75 -27.57 11.87
O2 82U C . -26.81 -28.50 11.70
O4 82U C . -26.20 -22.11 11.03
O5 82U C . -27.52 -23.27 12.31
S1 82U C . -25.73 -28.00 10.86
H1 82U C . -26.44 -23.82 5.28
H2 82U C . -26.42 -23.00 6.63
H3 82U C . -28.80 -22.38 7.55
H4 82U C . -29.62 -23.59 6.91
H5 82U C . -28.75 -30.16 5.01
H6 82U C . -30.90 -28.03 7.62
H7 82U C . -27.97 -25.28 6.47
H8 82U C . -27.27 -23.31 8.70
H9 82U C . -26.13 -25.74 11.64
H10 82U C . -25.22 -30.05 10.06
H11 82U C . -24.55 -29.01 9.22
H12 82U C . -27.96 -21.92 5.33
H13 82U C . -28.60 -23.28 4.87
H14 82U C . -30.64 -21.96 5.43
H15 82U C . -31.08 -21.84 6.94
H16 82U C . -30.01 -20.84 6.34
H17 82U C . -26.82 -29.16 5.78
H18 82U C . -30.80 -29.59 5.92
H19 82U C . -28.99 -27.03 8.41
C6 82U D . -4.26 37.13 11.18
C8 82U D . -2.95 35.16 10.43
C13 82U D . 0.10 39.28 15.89
C15 82U D . -1.02 41.08 14.81
C17 82U D . -2.63 40.59 7.75
N 82U D . -3.17 37.96 11.69
CA 82U D . -2.16 38.49 10.82
C 82U D . -0.95 38.98 11.28
O 82U D . -0.35 38.37 12.38
CB 82U D . -2.74 39.28 9.86
CG 82U D . -1.97 40.00 8.99
CD2 82U D . -0.65 40.25 9.29
NE1 82U D . 1.78 41.73 9.61
CZ2 82U D . -3.97 35.67 11.44
CZ3 82U D . -3.07 33.65 10.30
C1 82U D . -0.13 39.69 10.43
C11 82U D . -0.41 39.13 13.55
C12 82U D . 0.14 38.58 14.71
C14 82U D . -0.48 40.53 15.95
C16 82U D . -1.00 40.39 13.61
O1 82U D . 2.09 40.35 11.81
O2 82U D . 2.49 39.22 9.91
O4 82U D . -2.21 41.65 7.25
O5 82U D . -3.61 40.00 7.23
S1 82U D . 1.60 40.25 10.43
H1 82U D . -5.08 37.37 11.65
H2 82U D . -4.39 37.27 10.24
H3 82U D . -3.09 35.58 9.58
H4 82U D . -2.05 35.38 10.76
H5 82U D . 0.48 38.89 16.66
H6 82U D . -1.42 41.92 14.85
H7 82U D . -3.14 38.13 12.53
H8 82U D . -3.61 39.08 9.60
H9 82U D . -0.14 40.78 8.72
H10 82U D . 1.70 42.48 10.04
H11 82U D . 1.93 41.74 8.77
H12 82U D . -3.61 35.56 12.33
H13 82U D . -4.79 35.16 11.36
H14 82U D . -4.00 33.40 10.20
H15 82U D . -2.58 33.35 9.52
H16 82U D . -2.71 33.22 11.09
H17 82U D . 0.53 37.73 14.66
H18 82U D . -0.50 41.00 16.75
H19 82U D . -1.38 40.78 12.86
K K E . -5.39 38.10 6.04
C6 82U F . 38.28 -8.55 0.21
C8 82U F . 36.08 -8.29 1.36
C13 82U F . 42.28 -4.72 -1.47
C15 82U F . 43.58 -5.84 0.20
C17 82U F . 39.89 -9.38 5.19
N 82U F . 39.46 -7.83 0.68
CA 82U F . 39.52 -7.35 2.02
C 82U F . 40.19 -6.21 2.40
O 82U F . 40.20 -5.13 1.52
CB 82U F . 39.74 -8.42 2.87
CG 82U F . 39.97 -8.21 4.22
CD2 82U F . 40.37 -6.96 4.65
NE1 82U F . 42.53 -4.06 4.22
CZ2 82U F . 37.04 -7.68 0.34
CZ3 82U F . 34.83 -7.43 1.46
C1 82U F . 40.42 -5.93 3.73
C11 82U F . 41.31 -5.20 0.68
C12 82U F . 41.21 -4.67 -0.60
C14 82U F . 43.47 -5.31 -1.08
C16 82U F . 42.51 -5.79 1.07
O1 82U F . 40.03 -3.38 4.53
O2 82U F . 40.85 -4.72 6.13
O4 82U F . 40.04 -9.20 6.41
O5 82U F . 39.65 -10.54 4.74
S1 82U F . 40.96 -4.50 4.70
H1 82U F . 38.40 -8.79 -0.72
H2 82U F . 38.17 -9.36 0.74
H3 82U F . 35.83 -9.18 1.07
H4 82U F . 36.51 -8.34 2.22
H5 82U F . 42.20 -4.36 -2.32
H6 82U F . 44.38 -6.23 0.46
H7 82U F . 40.12 -7.70 0.14
H8 82U F . 39.42 -9.25 2.61
H9 82U F . 40.58 -6.81 5.54
H10 82U F . 43.07 -4.67 3.91
H11 82U F . 42.75 -3.23 4.17
H12 82U F . 37.27 -6.79 0.61
H13 82U F . 36.59 -7.64 -0.51
H14 82U F . 35.06 -6.56 1.85
H15 82U F . 34.47 -7.28 0.57
H16 82U F . 34.17 -7.87 2.01
H17 82U F . 40.42 -4.27 -0.87
H18 82U F . 44.19 -5.34 -1.66
H19 82U F . 42.61 -6.15 1.92
K K G . 36.90 -11.75 4.66
#